data_6MJP
#
_entry.id   6MJP
#
_cell.length_a   167.354
_cell.length_b   80.729
_cell.length_c   202.992
_cell.angle_alpha   90.000
_cell.angle_beta   112.180
_cell.angle_gamma   90.000
#
_symmetry.space_group_name_H-M   'C 1 2 1'
#
loop_
_entity.id
_entity.type
_entity.pdbx_description
1 polymer 'ABC transporter ATP-binding protein'
2 polymer 'Lipopolysaccharide export system protein LptC'
3 polymer 'FIG000988: Predicted permease'
4 polymer 'LPS export ABC transporter permease LptG'
5 non-polymer 'CHLORIDE ION'
6 non-polymer 'CALCIUM ION'
7 non-polymer 2-(2-ETHOXYETHOXY)ETHANOL
8 non-polymer 'TETRAETHYLENE GLYCOL'
9 non-polymer DI(HYDROXYETHYL)ETHER
10 non-polymer GLYCEROL
11 non-polymer DODECYL-BETA-D-MALTOSIDE
12 non-polymer '6-cyclohexylhexyl beta-D-glucopyranoside'
13 non-polymer CYCLOHEXYL-HEXYL-BETA-D-MALTOSIDE
14 water water
#
loop_
_entity_poly.entity_id
_entity_poly.type
_entity_poly.pdbx_seq_one_letter_code
_entity_poly.pdbx_strand_id
1 'polypeptide(L)'
;MAILKAQHLAKSYKKRKVVSDVSLQVESGQIVGLLGPNGAGKTTSFYMIVGLVARDEGTITIDDNDISILPMHSRSRMGI
GYLPQEASIFRKLSVEDNIMAVLQTREELTHEERQDKLEDLLEEFHIQHIRKSAGMALSGGERRRVEIARALAANPQFIL
LDQPFAGVDPISVIDIKKIIEHLRDRGLGVLITDHNVRETLDVCEKAYIVSQGRLIAEGTPQDVLNNEQVKQVYLGEQFR
L
;
A,B
2 'polypeptide(L)'
;MSLSRIVYVLLLFIASWSLYYLLGQEQDSKIQVAPNLELPMFSGENLENISYDEQGIRNYVITSIHLDHYAKSGNTLFKA
PILKVYREGTLQEWEITARRGILSKDQVLTLYDDVLAKNLLPDSGFDTLTTSEMSIQLKSRDFWADKPVELRGPQFETHG
QAMKGNFADHSAELYNQVQGRYETLTPLVPR
;
C
3 'polypeptide(L)'
;MIIVRYLIRETIKSQFAIFFVLFLVFLSQKFIRVLADASDGEIPTSMILSIVGLNMPAMGLLMLPLSLYIGILLTFGRLY
AESEITVMNATGIGNKFLIRAALYLALITASVAAFNALWLAPWSQDKEAHLMEQFAAENSVDLLQKGHFQRSPDGSSVVF
IDNIENRKLYNVFVAQLAPRDSILPSVMFSHSGDVKELSDGRQIITLYDGTRYEGVPTRVDYMITNFDSYDGLIGQREVK
SAERDWEALPTLSLLNNADRRAQAELQWRISLVVCIPLLTMLVVPLSAVNPRQGRFAKMGPAILIYLTYFLALSATKSAI
EDGSLPVIIGLWPINAALLLAALMVNTLDSIPVRRFKDRWKQRKVA
;
F
4 'polypeptide(L)'
;MFKILDWYIGRTIVATTALVLVTFVGLSGIIKYVEQLRKVGEGSYDLLQALLFVVLSIPRDVEMFFPMAALLGALIGLGA
LASSSELVVMQAAGFSKLDIGLSVLKTAIPLMIIVTLLGEWGAPQAQKMARDMRAFATSGGAIMSVRTGVWARDANDFIF
IAKVENEHLYGLNLWRFDENKKLSTVIFSEQVDYVANNEWLMKDAVLTRLVNDIEISKESLPEYRWRTSLAPDKLAVVTV
KPEELSLTGLSDYVHYLKASEQDSSRYELALWRKVTQPISIAVMMLMALSFIFGPLRSVTMGARILSGVIAGFSFYISSE
FFGPLSLVYGLPPLFGALAPSLVFLAIALGLLGRKL
;
G
#
loop_
_chem_comp.id
_chem_comp.type
_chem_comp.name
_chem_comp.formula
AE3 non-polymer 2-(2-ETHOXYETHOXY)ETHANOL 'C6 H14 O3'
CA non-polymer 'CALCIUM ION' 'Ca 2'
CL non-polymer 'CHLORIDE ION' 'Cl -1'
GOL non-polymer GLYCEROL 'C3 H8 O3'
JU7 non-polymer '6-cyclohexylhexyl beta-D-glucopyranoside' 'C18 H34 O6'
LMT D-saccharide DODECYL-BETA-D-MALTOSIDE 'C24 H46 O11'
MA4 non-polymer CYCLOHEXYL-HEXYL-BETA-D-MALTOSIDE 'C24 H44 O11'
PEG non-polymer DI(HYDROXYETHYL)ETHER 'C4 H10 O3'
PG4 non-polymer 'TETRAETHYLENE GLYCOL' 'C8 H18 O5'
#
# COMPACT_ATOMS: atom_id res chain seq x y z
N ALA A 2 29.93 -16.48 -40.72
CA ALA A 2 31.24 -16.78 -40.17
C ALA A 2 32.07 -15.52 -40.08
N ILE A 3 31.45 -14.37 -40.25
CA ILE A 3 32.15 -13.11 -40.01
C ILE A 3 31.17 -12.16 -39.35
N LEU A 4 31.49 -11.75 -38.14
CA LEU A 4 30.74 -10.74 -37.41
C LEU A 4 31.48 -9.43 -37.56
N LYS A 5 30.90 -8.50 -38.30
CA LYS A 5 31.56 -7.24 -38.62
C LYS A 5 30.88 -6.09 -37.89
N ALA A 6 31.69 -5.11 -37.47
CA ALA A 6 31.21 -3.88 -36.84
C ALA A 6 31.87 -2.69 -37.53
N GLN A 7 31.08 -1.76 -38.05
CA GLN A 7 31.62 -0.71 -38.90
C GLN A 7 31.18 0.68 -38.41
N HIS A 8 32.12 1.43 -37.85
CA HIS A 8 31.92 2.84 -37.52
C HIS A 8 30.88 3.08 -36.44
N LEU A 9 30.99 2.38 -35.32
CA LEU A 9 30.04 2.51 -34.23
C LEU A 9 30.23 3.85 -33.50
N ALA A 10 29.13 4.41 -33.00
CA ALA A 10 29.20 5.63 -32.21
C ALA A 10 28.03 5.69 -31.24
N LYS A 11 28.30 6.14 -30.03
CA LYS A 11 27.29 6.26 -28.98
C LYS A 11 27.61 7.49 -28.14
N SER A 12 26.57 8.22 -27.73
CA SER A 12 26.74 9.40 -26.91
C SER A 12 25.93 9.25 -25.63
N TYR A 13 26.32 10.01 -24.60
CA TYR A 13 25.66 9.98 -23.30
C TYR A 13 25.62 11.39 -22.75
N LYS A 14 24.42 11.88 -22.43
CA LYS A 14 24.23 13.21 -21.84
C LYS A 14 24.93 14.28 -22.66
N LYS A 15 24.71 14.22 -23.98
CA LYS A 15 25.21 15.19 -24.95
C LYS A 15 26.75 15.23 -24.96
N ARG A 16 27.36 14.08 -24.75
CA ARG A 16 28.80 13.92 -24.93
C ARG A 16 29.07 12.55 -25.54
N LYS A 17 29.98 12.53 -26.50
CA LYS A 17 30.24 11.33 -27.28
C LYS A 17 31.19 10.41 -26.49
N VAL A 18 30.75 9.19 -26.24
CA VAL A 18 31.55 8.21 -25.51
C VAL A 18 32.35 7.34 -26.47
N VAL A 19 31.75 6.93 -27.58
CA VAL A 19 32.43 6.19 -28.64
C VAL A 19 32.28 7.00 -29.92
N SER A 20 33.39 7.35 -30.55
CA SER A 20 33.35 8.17 -31.77
C SER A 20 33.46 7.33 -33.04
N ASP A 21 34.42 6.42 -33.12
CA ASP A 21 34.57 5.57 -34.31
C ASP A 21 35.27 4.30 -33.86
N VAL A 22 34.54 3.18 -33.87
CA VAL A 22 35.12 1.88 -33.57
C VAL A 22 34.68 0.88 -34.63
N SER A 23 35.62 0.04 -35.06
CA SER A 23 35.40 -0.96 -36.08
C SER A 23 36.15 -2.22 -35.69
N LEU A 24 35.55 -3.38 -35.95
CA LEU A 24 36.17 -4.62 -35.55
C LEU A 24 35.52 -5.73 -36.35
N GLN A 25 36.23 -6.85 -36.46
CA GLN A 25 35.70 -8.00 -37.16
C GLN A 25 36.18 -9.27 -36.49
N VAL A 26 35.28 -10.24 -36.32
CA VAL A 26 35.59 -11.53 -35.72
C VAL A 26 35.22 -12.61 -36.74
N GLU A 27 36.13 -13.54 -36.99
CA GLU A 27 35.81 -14.66 -37.86
C GLU A 27 35.65 -15.95 -37.07
N SER A 28 34.82 -16.83 -37.61
CA SER A 28 34.82 -18.23 -37.21
C SER A 28 36.25 -18.76 -37.15
N GLY A 29 36.61 -19.37 -36.04
CA GLY A 29 37.95 -19.88 -35.87
C GLY A 29 38.94 -18.88 -35.34
N GLN A 30 38.47 -17.75 -34.82
CA GLN A 30 39.36 -16.67 -34.46
C GLN A 30 39.04 -16.19 -33.04
N ILE A 31 40.07 -15.81 -32.29
CA ILE A 31 39.88 -15.22 -30.97
C ILE A 31 40.33 -13.77 -31.05
N VAL A 32 39.44 -12.85 -30.69
CA VAL A 32 39.71 -11.44 -30.88
C VAL A 32 39.46 -10.71 -29.57
N GLY A 33 40.45 -9.96 -29.11
CA GLY A 33 40.32 -9.13 -27.94
C GLY A 33 40.06 -7.68 -28.31
N LEU A 34 39.32 -6.99 -27.45
CA LEU A 34 38.98 -5.59 -27.65
C LEU A 34 39.40 -4.83 -26.39
N LEU A 35 40.59 -4.22 -26.44
CA LEU A 35 41.26 -3.67 -25.27
C LEU A 35 41.34 -2.16 -25.38
N GLY A 36 42.10 -1.55 -24.45
CA GLY A 36 42.26 -0.12 -24.43
C GLY A 36 42.06 0.48 -23.05
N PRO A 37 42.41 1.77 -22.89
CA PRO A 37 42.26 2.42 -21.59
C PRO A 37 40.88 2.23 -20.99
N ASN A 38 40.82 2.31 -19.66
CA ASN A 38 39.61 2.00 -18.90
C ASN A 38 38.60 3.12 -19.05
N GLY A 39 37.43 2.79 -19.60
CA GLY A 39 36.45 3.79 -19.92
C GLY A 39 36.68 4.52 -21.22
N ALA A 40 37.72 4.13 -21.99
CA ALA A 40 38.09 4.83 -23.21
C ALA A 40 37.07 4.62 -24.34
N GLY A 41 36.46 3.44 -24.41
CA GLY A 41 35.36 3.23 -25.33
C GLY A 41 35.12 1.76 -25.59
N LYS A 42 36.09 0.93 -25.18
CA LYS A 42 36.05 -0.50 -25.46
C LYS A 42 34.77 -1.17 -24.94
N THR A 43 34.32 -0.80 -23.74
CA THR A 43 33.21 -1.53 -23.13
C THR A 43 31.91 -1.23 -23.86
N THR A 44 31.61 0.06 -24.02
CA THR A 44 30.44 0.48 -24.79
C THR A 44 30.39 -0.16 -26.17
N SER A 45 31.51 -0.16 -26.91
CA SER A 45 31.54 -0.83 -28.21
C SER A 45 31.16 -2.31 -28.08
N PHE A 46 31.74 -3.00 -27.09
CA PHE A 46 31.39 -4.41 -26.86
C PHE A 46 29.88 -4.57 -26.67
N TYR A 47 29.28 -3.73 -25.82
CA TYR A 47 27.85 -3.85 -25.56
C TYR A 47 27.00 -3.47 -26.79
N MET A 48 27.54 -2.63 -27.68
CA MET A 48 26.83 -2.29 -28.91
C MET A 48 26.77 -3.47 -29.86
N ILE A 49 27.81 -4.32 -29.85
CA ILE A 49 27.78 -5.57 -30.60
C ILE A 49 26.84 -6.55 -29.94
N VAL A 50 26.82 -6.56 -28.60
CA VAL A 50 26.05 -7.56 -27.84
C VAL A 50 24.56 -7.26 -27.96
N GLY A 51 24.20 -5.98 -28.02
CA GLY A 51 22.82 -5.54 -28.02
C GLY A 51 22.33 -4.93 -26.72
N LEU A 52 23.17 -4.78 -25.69
CA LEU A 52 22.72 -4.13 -24.47
C LEU A 52 22.66 -2.62 -24.60
N VAL A 53 23.27 -2.07 -25.64
CA VAL A 53 23.29 -0.63 -25.87
C VAL A 53 22.81 -0.40 -27.29
N ALA A 54 21.84 0.50 -27.45
CA ALA A 54 21.42 0.89 -28.78
C ALA A 54 22.49 1.79 -29.38
N ARG A 55 22.96 1.42 -30.57
CA ARG A 55 23.96 2.23 -31.25
C ARG A 55 23.33 3.52 -31.78
N ASP A 56 24.10 4.59 -31.76
CA ASP A 56 23.68 5.83 -32.39
C ASP A 56 24.08 5.89 -33.85
N GLU A 57 25.06 5.09 -34.26
CA GLU A 57 25.55 5.10 -35.64
C GLU A 57 26.44 3.88 -35.87
N GLY A 58 26.60 3.51 -37.14
CA GLY A 58 27.36 2.33 -37.51
C GLY A 58 26.46 1.15 -37.81
N THR A 59 27.10 0.04 -38.19
CA THR A 59 26.38 -1.18 -38.55
C THR A 59 27.02 -2.38 -37.87
N ILE A 60 26.21 -3.29 -37.39
CA ILE A 60 26.68 -4.57 -36.88
C ILE A 60 26.19 -5.63 -37.84
N THR A 61 27.04 -6.60 -38.12
CA THR A 61 26.79 -7.42 -39.30
C THR A 61 27.25 -8.82 -38.99
N ILE A 62 26.46 -9.82 -39.36
CA ILE A 62 26.95 -11.18 -39.38
C ILE A 62 26.61 -11.75 -40.75
N ASP A 63 27.63 -11.99 -41.56
CA ASP A 63 27.49 -12.50 -42.92
C ASP A 63 26.66 -11.55 -43.80
N ASP A 64 26.99 -10.25 -43.72
CA ASP A 64 26.34 -9.19 -44.49
C ASP A 64 24.85 -9.11 -44.18
N ASN A 65 24.51 -9.27 -42.90
CA ASN A 65 23.16 -9.12 -42.34
C ASN A 65 23.16 -8.08 -41.24
N ASP A 66 22.27 -7.10 -41.32
CA ASP A 66 22.27 -5.97 -40.40
C ASP A 66 21.50 -6.35 -39.13
N ILE A 67 22.20 -6.39 -38.00
CA ILE A 67 21.51 -6.68 -36.74
C ILE A 67 21.62 -5.49 -35.79
N SER A 68 21.65 -4.28 -36.33
CA SER A 68 21.77 -3.06 -35.54
C SER A 68 20.48 -2.75 -34.76
N ILE A 69 19.35 -2.60 -35.46
CA ILE A 69 18.05 -2.26 -34.88
C ILE A 69 17.41 -3.51 -34.25
N LEU A 70 18.23 -4.52 -33.97
CA LEU A 70 17.53 -5.73 -33.51
C LEU A 70 17.70 -5.93 -32.01
N PRO A 71 16.64 -6.37 -31.28
CA PRO A 71 16.83 -6.67 -29.86
C PRO A 71 17.75 -7.85 -29.62
N MET A 72 18.06 -8.07 -28.36
CA MET A 72 19.07 -9.05 -28.01
C MET A 72 18.64 -10.48 -28.32
N HIS A 73 17.36 -10.82 -28.13
CA HIS A 73 16.99 -12.22 -28.34
C HIS A 73 17.07 -12.58 -29.81
N SER A 74 16.91 -11.58 -30.68
CA SER A 74 16.99 -11.87 -32.11
C SER A 74 18.45 -11.92 -32.56
N ARG A 75 19.33 -11.09 -31.98
CA ARG A 75 20.75 -11.25 -32.27
C ARG A 75 21.24 -12.64 -31.87
N SER A 76 20.69 -13.20 -30.80
CA SER A 76 21.05 -14.56 -30.42
C SER A 76 20.58 -15.56 -31.46
N ARG A 77 19.36 -15.37 -31.96
CA ARG A 77 18.83 -16.25 -33.00
C ARG A 77 19.65 -16.15 -34.29
N MET A 78 20.42 -15.07 -34.46
CA MET A 78 21.33 -14.92 -35.59
C MET A 78 22.67 -15.62 -35.37
N GLY A 79 23.06 -15.90 -34.12
CA GLY A 79 24.26 -16.69 -33.91
C GLY A 79 25.22 -16.08 -32.92
N ILE A 80 24.74 -15.08 -32.20
CA ILE A 80 25.54 -14.39 -31.19
C ILE A 80 25.24 -14.94 -29.79
N GLY A 81 26.26 -15.47 -29.14
CA GLY A 81 26.24 -15.76 -27.73
C GLY A 81 26.84 -14.68 -26.85
N TYR A 82 26.34 -14.55 -25.64
CA TYR A 82 26.88 -13.58 -24.68
C TYR A 82 26.99 -14.21 -23.29
N LEU A 83 28.17 -14.12 -22.70
CA LEU A 83 28.42 -14.52 -21.32
C LEU A 83 28.68 -13.25 -20.53
N PRO A 84 27.83 -12.89 -19.57
CA PRO A 84 28.08 -11.69 -18.75
C PRO A 84 29.19 -11.95 -17.73
N GLN A 85 29.82 -10.87 -17.31
CA GLN A 85 30.85 -10.98 -16.29
C GLN A 85 30.27 -11.52 -14.99
N GLU A 86 29.13 -10.98 -14.56
CA GLU A 86 28.44 -11.40 -13.36
C GLU A 86 27.91 -12.81 -13.50
N ALA A 87 27.56 -13.42 -12.38
CA ALA A 87 27.03 -14.77 -12.39
C ALA A 87 25.63 -14.74 -12.97
N SER A 88 25.42 -15.49 -14.07
CA SER A 88 24.14 -15.46 -14.76
C SER A 88 23.48 -16.83 -14.80
N ILE A 89 24.00 -17.79 -14.05
CA ILE A 89 23.41 -19.12 -13.99
C ILE A 89 22.03 -19.06 -13.34
N PHE A 90 21.16 -20.00 -13.75
CA PHE A 90 19.83 -20.18 -13.17
C PHE A 90 19.96 -20.83 -11.79
N ARG A 91 19.82 -20.01 -10.74
CA ARG A 91 20.23 -20.37 -9.40
C ARG A 91 19.45 -21.56 -8.86
N LYS A 92 18.13 -21.46 -8.86
CA LYS A 92 17.30 -22.54 -8.35
C LYS A 92 16.92 -23.55 -9.43
N LEU A 93 17.85 -23.86 -10.32
CA LEU A 93 17.66 -24.89 -11.33
C LEU A 93 18.91 -25.77 -11.41
N SER A 94 18.71 -27.06 -11.70
CA SER A 94 19.89 -27.91 -11.84
C SER A 94 20.63 -27.59 -13.13
N VAL A 95 21.89 -28.07 -13.18
CA VAL A 95 22.71 -27.95 -14.37
C VAL A 95 22.00 -28.57 -15.56
N GLU A 96 21.51 -29.79 -15.38
CA GLU A 96 20.67 -30.43 -16.40
C GLU A 96 19.61 -29.46 -16.91
N ASP A 97 18.80 -28.92 -16.00
CA ASP A 97 17.68 -28.08 -16.40
C ASP A 97 18.13 -26.75 -16.97
N ASN A 98 19.29 -26.25 -16.53
CA ASN A 98 19.90 -25.09 -17.17
C ASN A 98 20.02 -25.28 -18.67
N ILE A 99 20.73 -26.34 -19.08
CA ILE A 99 21.01 -26.56 -20.50
C ILE A 99 19.74 -26.92 -21.23
N MET A 100 18.93 -27.81 -20.63
CA MET A 100 17.66 -28.20 -21.22
C MET A 100 16.73 -26.99 -21.40
N ALA A 101 16.78 -26.03 -20.47
CA ALA A 101 15.92 -24.86 -20.59
C ALA A 101 16.20 -24.09 -21.88
N VAL A 102 17.46 -24.07 -22.30
CA VAL A 102 17.85 -23.37 -23.52
C VAL A 102 17.62 -24.25 -24.74
N LEU A 103 17.98 -25.54 -24.67
CA LEU A 103 17.60 -26.43 -25.76
C LEU A 103 16.10 -26.39 -26.03
N GLN A 104 15.27 -26.03 -25.05
CA GLN A 104 13.84 -26.09 -25.30
C GLN A 104 13.34 -24.92 -26.13
N THR A 105 14.12 -23.85 -26.23
CA THR A 105 13.77 -22.71 -27.06
C THR A 105 14.13 -22.90 -28.54
N ARG A 106 14.55 -24.10 -28.93
CA ARG A 106 14.82 -24.48 -30.31
C ARG A 106 13.68 -25.38 -30.78
N GLU A 107 12.60 -24.77 -31.28
CA GLU A 107 11.41 -25.56 -31.54
C GLU A 107 11.63 -26.62 -32.61
N GLU A 108 12.64 -26.45 -33.47
CA GLU A 108 12.91 -27.41 -34.53
C GLU A 108 13.48 -28.70 -33.99
N LEU A 109 13.93 -28.72 -32.75
CA LEU A 109 14.49 -29.90 -32.12
C LEU A 109 13.39 -30.77 -31.55
N THR A 110 13.43 -32.05 -31.84
CA THR A 110 12.58 -33.01 -31.15
C THR A 110 13.07 -33.20 -29.72
N HIS A 111 12.25 -33.91 -28.93
CA HIS A 111 12.63 -34.21 -27.54
C HIS A 111 13.88 -35.07 -27.50
N GLU A 112 13.91 -36.14 -28.28
CA GLU A 112 15.11 -36.97 -28.36
C GLU A 112 16.33 -36.17 -28.73
N GLU A 113 16.20 -35.25 -29.68
CA GLU A 113 17.36 -34.43 -30.02
C GLU A 113 17.80 -33.59 -28.84
N ARG A 114 16.85 -33.05 -28.09
CA ARG A 114 17.23 -32.16 -26.98
C ARG A 114 18.00 -32.93 -25.93
N GLN A 115 17.58 -34.15 -25.64
CA GLN A 115 18.22 -34.93 -24.60
C GLN A 115 19.59 -35.42 -25.06
N ASP A 116 19.72 -35.77 -26.34
CA ASP A 116 21.01 -36.07 -26.95
C ASP A 116 21.99 -34.92 -26.81
N LYS A 117 21.52 -33.69 -27.03
CA LYS A 117 22.43 -32.57 -26.91
C LYS A 117 22.75 -32.32 -25.44
N LEU A 118 21.80 -32.53 -24.54
CA LEU A 118 22.09 -32.39 -23.12
C LEU A 118 23.24 -33.32 -22.72
N GLU A 119 23.06 -34.62 -22.95
CA GLU A 119 24.14 -35.56 -22.71
C GLU A 119 25.46 -35.08 -23.30
N ASP A 120 25.47 -34.65 -24.56
CA ASP A 120 26.74 -34.29 -25.18
C ASP A 120 27.35 -33.06 -24.54
N LEU A 121 26.55 -32.07 -24.19
CA LEU A 121 27.12 -30.87 -23.58
C LEU A 121 27.60 -31.13 -22.17
N LEU A 122 26.92 -32.02 -21.42
CA LEU A 122 27.38 -32.37 -20.09
C LEU A 122 28.73 -33.06 -20.15
N GLU A 123 28.88 -34.01 -21.08
CA GLU A 123 30.09 -34.79 -21.17
C GLU A 123 31.22 -33.97 -21.73
N GLU A 124 30.88 -32.95 -22.52
CA GLU A 124 31.89 -32.20 -23.26
C GLU A 124 32.65 -31.27 -22.33
N PHE A 125 31.93 -30.54 -21.50
CA PHE A 125 32.53 -29.63 -20.53
C PHE A 125 32.70 -30.26 -19.16
N HIS A 126 32.65 -31.59 -19.04
CA HIS A 126 33.01 -32.29 -17.80
C HIS A 126 32.21 -31.76 -16.61
N ILE A 127 30.90 -31.87 -16.72
CA ILE A 127 30.02 -31.39 -15.68
C ILE A 127 28.95 -32.46 -15.49
N GLN A 128 29.25 -33.68 -15.94
CA GLN A 128 28.29 -34.75 -15.75
C GLN A 128 27.99 -34.94 -14.27
N HIS A 129 29.03 -34.89 -13.45
CA HIS A 129 28.90 -35.16 -12.03
C HIS A 129 28.14 -34.08 -11.28
N ILE A 130 28.04 -32.87 -11.82
CA ILE A 130 27.25 -31.86 -11.14
C ILE A 130 25.91 -31.65 -11.84
N ARG A 131 25.52 -32.57 -12.71
CA ARG A 131 24.30 -32.38 -13.48
C ARG A 131 23.08 -32.20 -12.60
N LYS A 132 23.09 -32.78 -11.39
CA LYS A 132 21.95 -32.66 -10.49
C LYS A 132 22.02 -31.42 -9.60
N SER A 133 23.24 -30.89 -9.40
CA SER A 133 23.45 -29.73 -8.54
C SER A 133 22.61 -28.54 -8.99
N ALA A 134 22.08 -27.79 -8.04
CA ALA A 134 21.48 -26.51 -8.36
C ALA A 134 22.57 -25.51 -8.72
N GLY A 135 22.23 -24.57 -9.59
CA GLY A 135 23.18 -23.54 -9.98
C GLY A 135 23.81 -22.78 -8.82
N MET A 136 23.01 -22.43 -7.81
CA MET A 136 23.60 -21.60 -6.76
C MET A 136 24.60 -22.36 -5.89
N ALA A 137 24.68 -23.69 -6.01
CA ALA A 137 25.57 -24.57 -5.24
C ALA A 137 26.91 -24.84 -5.93
N LEU A 138 27.33 -23.99 -6.86
CA LEU A 138 28.50 -24.29 -7.68
C LEU A 138 29.60 -23.25 -7.46
N SER A 139 30.83 -23.73 -7.31
CA SER A 139 32.00 -22.87 -7.30
C SER A 139 32.13 -22.10 -8.62
N GLY A 140 33.04 -21.11 -8.63
CA GLY A 140 33.16 -20.22 -9.78
C GLY A 140 33.53 -20.92 -11.09
N GLY A 141 34.45 -21.87 -11.05
CA GLY A 141 34.91 -22.47 -12.29
C GLY A 141 33.85 -23.37 -12.91
N GLU A 142 33.23 -24.21 -12.09
CA GLU A 142 32.09 -25.03 -12.53
C GLU A 142 30.92 -24.17 -12.95
N ARG A 143 30.64 -23.08 -12.23
CA ARG A 143 29.57 -22.19 -12.67
C ARG A 143 29.82 -21.70 -14.09
N ARG A 144 31.03 -21.19 -14.35
CA ARG A 144 31.36 -20.69 -15.69
C ARG A 144 31.32 -21.81 -16.74
N ARG A 145 31.71 -23.03 -16.36
CA ARG A 145 31.61 -24.13 -17.33
C ARG A 145 30.17 -24.43 -17.68
N VAL A 146 29.27 -24.35 -16.70
CA VAL A 146 27.88 -24.64 -16.94
C VAL A 146 27.25 -23.52 -17.75
N GLU A 147 27.68 -22.27 -17.48
CA GLU A 147 27.17 -21.12 -18.22
C GLU A 147 27.66 -21.12 -19.67
N ILE A 148 28.87 -21.64 -19.89
CA ILE A 148 29.36 -21.85 -21.25
C ILE A 148 28.51 -22.88 -21.98
N ALA A 149 28.23 -24.04 -21.31
CA ALA A 149 27.46 -25.04 -22.03
C ALA A 149 26.02 -24.58 -22.21
N ARG A 150 25.52 -23.74 -21.32
CA ARG A 150 24.18 -23.28 -21.52
C ARG A 150 24.13 -22.39 -22.74
N ALA A 151 25.18 -21.56 -22.92
CA ALA A 151 25.24 -20.64 -24.06
C ALA A 151 25.34 -21.42 -25.36
N LEU A 152 26.24 -22.42 -25.40
CA LEU A 152 26.36 -23.26 -26.55
C LEU A 152 25.11 -24.10 -26.81
N ALA A 153 24.17 -24.15 -25.88
CA ALA A 153 22.98 -24.92 -26.20
C ALA A 153 22.09 -24.17 -27.17
N ALA A 154 22.28 -22.87 -27.28
CA ALA A 154 21.61 -22.09 -28.28
C ALA A 154 22.31 -22.18 -29.63
N ASN A 155 23.40 -22.93 -29.74
CA ASN A 155 24.10 -23.10 -31.00
C ASN A 155 24.62 -21.80 -31.61
N PRO A 156 25.46 -21.05 -30.93
CA PRO A 156 25.91 -19.77 -31.48
C PRO A 156 27.08 -19.94 -32.44
N GLN A 157 27.26 -18.91 -33.27
CA GLN A 157 28.44 -18.83 -34.11
C GLN A 157 29.51 -17.94 -33.51
N PHE A 158 29.12 -16.97 -32.70
CA PHE A 158 30.04 -16.10 -32.00
C PHE A 158 29.73 -16.15 -30.52
N ILE A 159 30.79 -16.09 -29.72
CA ILE A 159 30.71 -16.00 -28.26
C ILE A 159 31.37 -14.70 -27.85
N LEU A 160 30.59 -13.83 -27.19
CA LEU A 160 31.10 -12.58 -26.63
C LEU A 160 31.25 -12.72 -25.10
N LEU A 161 32.50 -12.68 -24.63
CA LEU A 161 32.84 -12.85 -23.22
C LEU A 161 33.18 -11.49 -22.59
N ASP A 162 32.32 -10.98 -21.70
CA ASP A 162 32.61 -9.77 -20.95
C ASP A 162 33.52 -10.13 -19.78
N GLN A 163 34.74 -9.60 -19.79
CA GLN A 163 35.69 -9.73 -18.69
C GLN A 163 35.87 -11.15 -18.13
N PRO A 164 36.26 -12.11 -18.96
CA PRO A 164 36.44 -13.48 -18.45
C PRO A 164 37.67 -13.68 -17.56
N PHE A 165 38.50 -12.67 -17.32
CA PHE A 165 39.70 -12.84 -16.50
C PHE A 165 39.66 -12.03 -15.21
N ALA A 166 38.59 -11.29 -15.00
CA ALA A 166 38.57 -10.36 -13.88
C ALA A 166 38.50 -11.15 -12.58
N GLY A 167 39.31 -10.77 -11.59
CA GLY A 167 39.35 -11.44 -10.31
C GLY A 167 39.65 -12.92 -10.33
N VAL A 168 40.30 -13.41 -11.39
CA VAL A 168 40.61 -14.83 -11.57
C VAL A 168 42.00 -15.11 -11.04
N ASP A 169 42.13 -16.22 -10.29
CA ASP A 169 43.43 -16.64 -9.76
C ASP A 169 44.34 -17.11 -10.90
N PRO A 170 45.66 -16.90 -10.76
CA PRO A 170 46.58 -17.33 -11.82
C PRO A 170 46.52 -18.81 -12.13
N ILE A 171 46.27 -19.66 -11.12
CA ILE A 171 46.12 -21.07 -11.37
C ILE A 171 44.88 -21.38 -12.22
N SER A 172 43.95 -20.42 -12.33
CA SER A 172 42.73 -20.59 -13.12
C SER A 172 42.80 -19.91 -14.48
N VAL A 173 43.75 -19.00 -14.67
CA VAL A 173 43.87 -18.33 -15.97
C VAL A 173 44.17 -19.35 -17.05
N ILE A 174 45.08 -20.29 -16.79
CA ILE A 174 45.39 -21.25 -17.83
C ILE A 174 44.15 -22.04 -18.23
N ASP A 175 43.25 -22.32 -17.27
CA ASP A 175 42.06 -23.13 -17.55
C ASP A 175 40.99 -22.35 -18.30
N ILE A 176 40.94 -21.03 -18.07
CA ILE A 176 40.05 -20.19 -18.87
C ILE A 176 40.56 -20.09 -20.29
N LYS A 177 41.85 -19.76 -20.47
CA LYS A 177 42.44 -19.78 -21.80
C LYS A 177 42.15 -21.10 -22.51
N LYS A 178 42.32 -22.22 -21.81
CA LYS A 178 42.10 -23.51 -22.46
C LYS A 178 40.66 -23.68 -22.92
N ILE A 179 39.72 -23.14 -22.13
CA ILE A 179 38.31 -23.10 -22.54
C ILE A 179 38.10 -22.14 -23.70
N ILE A 180 38.68 -20.92 -23.64
CA ILE A 180 38.62 -20.05 -24.82
C ILE A 180 39.10 -20.80 -26.05
N GLU A 181 40.30 -21.39 -25.99
CA GLU A 181 40.82 -22.09 -27.15
C GLU A 181 39.93 -23.25 -27.57
N HIS A 182 39.17 -23.83 -26.64
CA HIS A 182 38.28 -24.93 -27.03
C HIS A 182 37.08 -24.39 -27.79
N LEU A 183 36.56 -23.24 -27.38
CA LEU A 183 35.54 -22.55 -28.17
C LEU A 183 36.05 -22.26 -29.58
N ARG A 184 37.28 -21.75 -29.71
CA ARG A 184 37.82 -21.41 -31.03
C ARG A 184 37.98 -22.64 -31.90
N ASP A 185 38.49 -23.73 -31.32
CA ASP A 185 38.57 -24.96 -32.12
C ASP A 185 37.21 -25.61 -32.32
N ARG A 186 36.14 -25.04 -31.74
CA ARG A 186 34.82 -25.58 -32.03
C ARG A 186 34.23 -24.94 -33.30
N GLY A 187 34.81 -23.83 -33.73
CA GLY A 187 34.30 -23.05 -34.85
C GLY A 187 33.75 -21.72 -34.43
N LEU A 188 33.70 -21.43 -33.15
CA LEU A 188 33.08 -20.19 -32.78
C LEU A 188 34.01 -19.05 -33.12
N GLY A 189 33.46 -17.83 -33.16
CA GLY A 189 34.26 -16.64 -33.14
C GLY A 189 34.15 -16.04 -31.77
N VAL A 190 35.28 -15.91 -31.08
CA VAL A 190 35.28 -15.40 -29.70
C VAL A 190 35.70 -13.93 -29.73
N LEU A 191 34.91 -13.08 -29.07
CA LEU A 191 35.27 -11.67 -28.85
C LEU A 191 35.32 -11.41 -27.35
N ILE A 192 36.51 -11.06 -26.87
CA ILE A 192 36.84 -10.94 -25.44
C ILE A 192 37.12 -9.49 -25.12
N THR A 193 36.47 -8.95 -24.10
CA THR A 193 36.81 -7.64 -23.60
C THR A 193 37.21 -7.73 -22.14
N ASP A 194 38.27 -7.01 -21.76
CA ASP A 194 38.89 -7.20 -20.47
C ASP A 194 39.78 -6.01 -20.14
N HIS A 195 40.24 -5.98 -18.89
CA HIS A 195 41.27 -5.04 -18.48
C HIS A 195 42.62 -5.70 -18.29
N ASN A 196 42.66 -7.02 -18.10
CA ASN A 196 43.91 -7.76 -18.04
C ASN A 196 44.48 -7.89 -19.44
N VAL A 197 45.36 -6.94 -19.80
CA VAL A 197 46.04 -6.98 -21.10
C VAL A 197 46.87 -8.25 -21.25
N ARG A 198 47.65 -8.61 -20.22
CA ARG A 198 48.65 -9.66 -20.41
C ARG A 198 47.98 -10.98 -20.77
N GLU A 199 46.98 -11.37 -19.99
CA GLU A 199 46.32 -12.65 -20.24
C GLU A 199 45.54 -12.61 -21.56
N THR A 200 44.92 -11.48 -21.88
CA THR A 200 44.10 -11.40 -23.08
C THR A 200 44.97 -11.50 -24.33
N LEU A 201 46.08 -10.75 -24.38
CA LEU A 201 47.04 -10.88 -25.46
C LEU A 201 47.70 -12.26 -25.51
N ASP A 202 47.73 -12.99 -24.40
CA ASP A 202 48.30 -14.34 -24.44
C ASP A 202 47.33 -15.36 -25.02
N VAL A 203 46.04 -15.10 -25.00
CA VAL A 203 45.05 -16.02 -25.56
C VAL A 203 44.60 -15.63 -26.97
N CYS A 204 44.49 -14.33 -27.24
CA CYS A 204 43.89 -13.89 -28.48
C CYS A 204 44.92 -13.88 -29.61
N GLU A 205 44.43 -14.06 -30.83
CA GLU A 205 45.27 -14.04 -32.03
C GLU A 205 45.20 -12.73 -32.78
N LYS A 206 44.14 -11.95 -32.60
CA LYS A 206 44.03 -10.57 -33.04
C LYS A 206 43.54 -9.69 -31.90
N ALA A 207 43.99 -8.44 -31.88
CA ALA A 207 43.57 -7.47 -30.85
C ALA A 207 43.20 -6.13 -31.48
N TYR A 208 42.19 -5.47 -30.91
CA TYR A 208 41.85 -4.09 -31.25
C TYR A 208 41.96 -3.21 -30.01
N ILE A 209 42.36 -1.96 -30.20
CA ILE A 209 42.63 -1.06 -29.08
C ILE A 209 41.85 0.23 -29.28
N VAL A 210 40.97 0.54 -28.32
CA VAL A 210 40.15 1.74 -28.35
C VAL A 210 40.68 2.70 -27.30
N SER A 211 41.01 3.93 -27.71
CA SER A 211 41.46 4.94 -26.77
C SER A 211 40.90 6.29 -27.17
N GLN A 212 40.76 7.19 -26.21
CA GLN A 212 40.21 8.54 -26.45
C GLN A 212 38.95 8.50 -27.33
N GLY A 213 38.27 7.36 -27.37
CA GLY A 213 36.97 7.24 -28.01
C GLY A 213 36.99 6.57 -29.37
N ARG A 214 38.15 6.18 -29.86
CA ARG A 214 38.29 5.72 -31.24
C ARG A 214 39.38 4.67 -31.32
N LEU A 215 39.32 3.87 -32.37
CA LEU A 215 40.34 2.87 -32.66
C LEU A 215 41.70 3.53 -32.94
N ILE A 216 42.74 3.07 -32.26
CA ILE A 216 44.09 3.60 -32.41
C ILE A 216 45.08 2.55 -32.87
N ALA A 217 44.70 1.28 -32.85
CA ALA A 217 45.62 0.21 -33.23
C ALA A 217 44.82 -1.05 -33.53
N GLU A 218 45.37 -1.91 -34.38
CA GLU A 218 44.84 -3.26 -34.57
C GLU A 218 45.91 -4.15 -35.16
N GLY A 219 45.68 -5.47 -35.06
CA GLY A 219 46.67 -6.43 -35.52
C GLY A 219 46.95 -7.45 -34.45
N THR A 220 47.97 -8.28 -34.70
CA THR A 220 48.34 -9.32 -33.74
C THR A 220 48.83 -8.67 -32.43
N PRO A 221 48.87 -9.43 -31.33
CA PRO A 221 49.39 -8.86 -30.08
C PRO A 221 50.78 -8.25 -30.20
N GLN A 222 51.71 -8.90 -30.91
CA GLN A 222 53.02 -8.29 -31.10
C GLN A 222 52.90 -6.91 -31.74
N ASP A 223 52.07 -6.79 -32.80
CA ASP A 223 51.86 -5.51 -33.48
C ASP A 223 51.37 -4.42 -32.52
N VAL A 224 50.35 -4.71 -31.71
CA VAL A 224 49.79 -3.66 -30.87
C VAL A 224 50.67 -3.33 -29.68
N LEU A 225 51.50 -4.27 -29.23
CA LEU A 225 52.42 -4.00 -28.12
C LEU A 225 53.44 -2.94 -28.47
N ASN A 226 53.75 -2.77 -29.76
CA ASN A 226 54.80 -1.88 -30.23
C ASN A 226 54.27 -0.59 -30.83
N ASN A 227 52.96 -0.41 -30.96
CA ASN A 227 52.40 0.85 -31.39
C ASN A 227 52.78 1.99 -30.43
N GLU A 228 53.16 3.15 -31.00
CA GLU A 228 53.59 4.30 -30.19
C GLU A 228 52.42 4.91 -29.41
N GLN A 229 51.29 5.16 -30.07
CA GLN A 229 50.15 5.73 -29.34
C GLN A 229 49.67 4.81 -28.24
N VAL A 230 49.70 3.49 -28.49
CA VAL A 230 49.28 2.53 -27.47
C VAL A 230 50.16 2.64 -26.22
N LYS A 231 51.47 2.68 -26.42
CA LYS A 231 52.35 2.81 -25.27
C LYS A 231 52.30 4.19 -24.66
N GLN A 232 51.82 5.18 -25.40
CA GLN A 232 51.76 6.51 -24.84
C GLN A 232 50.52 6.75 -23.99
N VAL A 233 49.43 6.02 -24.27
CA VAL A 233 48.18 6.26 -23.56
C VAL A 233 47.69 5.04 -22.78
N TYR A 234 48.23 3.85 -23.01
CA TYR A 234 47.66 2.64 -22.48
C TYR A 234 48.69 1.79 -21.72
N LEU A 235 49.77 1.34 -22.36
CA LEU A 235 50.67 0.38 -21.73
C LEU A 235 51.90 0.99 -21.09
N GLY A 236 52.46 2.06 -21.64
CA GLY A 236 53.64 2.67 -21.07
C GLY A 236 54.92 2.20 -21.75
N GLU A 237 56.01 2.86 -21.34
CA GLU A 237 57.32 2.62 -21.94
C GLU A 237 57.77 1.18 -21.72
N GLN A 238 57.55 0.65 -20.52
CA GLN A 238 57.92 -0.73 -20.21
C GLN A 238 56.65 -1.48 -19.81
N PHE A 239 56.31 -2.50 -20.61
CA PHE A 239 55.12 -3.31 -20.37
C PHE A 239 55.51 -4.78 -20.52
N ARG A 240 55.60 -5.48 -19.39
CA ARG A 240 55.89 -6.90 -19.40
C ARG A 240 54.67 -7.70 -19.87
N LEU A 241 54.89 -8.66 -20.76
CA LEU A 241 53.79 -9.46 -21.30
C LEU A 241 53.62 -10.76 -20.51
N ALA B 2 53.31 2.90 15.58
CA ALA B 2 52.28 1.97 16.04
C ALA B 2 52.29 0.63 15.31
N ILE B 3 51.43 -0.27 15.74
CA ILE B 3 51.38 -1.57 15.10
C ILE B 3 49.97 -2.13 15.16
N LEU B 4 49.31 -2.21 13.99
CA LEU B 4 47.99 -2.80 13.92
C LEU B 4 48.11 -4.31 13.74
N LYS B 5 47.24 -5.05 14.41
CA LYS B 5 47.35 -6.49 14.48
C LYS B 5 45.97 -7.11 14.49
N ALA B 6 45.83 -8.28 13.88
CA ALA B 6 44.58 -9.02 13.91
C ALA B 6 44.93 -10.47 14.23
N GLN B 7 44.19 -11.07 15.16
CA GLN B 7 44.54 -12.38 15.68
C GLN B 7 43.34 -13.31 15.62
N HIS B 8 43.53 -14.47 15.00
CA HIS B 8 42.55 -15.55 14.97
C HIS B 8 41.15 -15.06 14.59
N LEU B 9 41.07 -14.35 13.47
CA LEU B 9 39.80 -13.80 12.98
C LEU B 9 38.89 -14.90 12.43
N ALA B 10 37.58 -14.76 12.64
CA ALA B 10 36.60 -15.68 12.09
C ALA B 10 35.29 -14.94 11.81
N LYS B 11 34.57 -15.40 10.77
CA LYS B 11 33.32 -14.78 10.32
C LYS B 11 32.49 -15.77 9.52
N SER B 12 31.16 -15.64 9.63
CA SER B 12 30.23 -16.54 8.96
C SER B 12 29.06 -15.77 8.38
N TYR B 13 28.53 -16.30 7.28
CA TYR B 13 27.42 -15.69 6.56
C TYR B 13 26.41 -16.78 6.26
N LYS B 14 25.25 -16.71 6.91
CA LYS B 14 24.19 -17.70 6.75
C LYS B 14 24.69 -19.11 7.05
N LYS B 15 25.35 -19.26 8.21
CA LYS B 15 25.85 -20.55 8.69
C LYS B 15 26.91 -21.15 7.78
N ARG B 16 27.66 -20.30 7.08
CA ARG B 16 28.77 -20.73 6.23
C ARG B 16 30.02 -20.01 6.71
N LYS B 17 31.07 -20.78 6.98
CA LYS B 17 32.33 -20.25 7.54
C LYS B 17 33.21 -19.71 6.43
N VAL B 18 33.27 -18.38 6.31
CA VAL B 18 34.01 -17.71 5.24
C VAL B 18 35.48 -17.52 5.61
N VAL B 19 35.70 -17.13 6.86
CA VAL B 19 37.01 -16.92 7.47
C VAL B 19 37.03 -17.73 8.76
N SER B 20 38.01 -18.61 8.90
CA SER B 20 38.05 -19.43 10.11
C SER B 20 39.22 -19.09 11.03
N ASP B 21 40.38 -18.79 10.49
CA ASP B 21 41.55 -18.53 11.32
C ASP B 21 42.47 -17.69 10.45
N VAL B 22 42.48 -16.38 10.71
CA VAL B 22 43.28 -15.47 9.89
C VAL B 22 43.95 -14.47 10.81
N SER B 23 45.28 -14.46 10.83
CA SER B 23 46.07 -13.53 11.61
C SER B 23 47.06 -12.78 10.72
N LEU B 24 47.23 -11.49 11.00
CA LEU B 24 48.17 -10.65 10.26
C LEU B 24 48.45 -9.39 11.08
N GLN B 25 49.52 -8.70 10.71
CA GLN B 25 49.78 -7.38 11.30
C GLN B 25 50.54 -6.49 10.32
N VAL B 26 50.33 -5.18 10.48
CA VAL B 26 50.98 -4.12 9.73
C VAL B 26 51.57 -3.14 10.72
N GLU B 27 52.84 -2.81 10.56
CA GLU B 27 53.53 -1.87 11.43
C GLU B 27 53.80 -0.57 10.68
N SER B 28 53.78 0.53 11.42
CA SER B 28 54.06 1.84 10.86
C SER B 28 55.31 1.85 9.97
N GLY B 29 55.14 2.06 8.68
CA GLY B 29 56.25 2.16 7.77
C GLY B 29 56.50 0.92 6.94
N GLN B 30 55.48 0.10 6.72
CA GLN B 30 55.61 -1.19 6.08
C GLN B 30 54.42 -1.38 5.17
N ILE B 31 54.65 -1.89 3.95
CA ILE B 31 53.56 -2.22 3.03
C ILE B 31 53.26 -3.70 3.15
N VAL B 32 51.98 -4.04 3.32
CA VAL B 32 51.56 -5.41 3.61
C VAL B 32 50.45 -5.77 2.63
N GLY B 33 50.64 -6.89 1.92
CA GLY B 33 49.67 -7.37 0.98
C GLY B 33 48.89 -8.53 1.56
N LEU B 34 47.59 -8.37 1.60
CA LEU B 34 46.69 -9.44 2.00
C LEU B 34 46.14 -10.01 0.71
N LEU B 35 46.61 -11.19 0.34
CA LEU B 35 46.31 -11.79 -0.95
C LEU B 35 45.72 -13.19 -0.74
N GLY B 36 45.34 -13.83 -1.82
CA GLY B 36 44.84 -15.19 -1.77
C GLY B 36 43.71 -15.43 -2.74
N PRO B 37 43.33 -16.70 -2.93
CA PRO B 37 42.25 -17.03 -3.86
C PRO B 37 41.04 -16.11 -3.71
N ASN B 38 40.28 -16.02 -4.79
CA ASN B 38 39.18 -15.06 -4.85
C ASN B 38 38.04 -15.51 -3.96
N GLY B 39 37.75 -14.72 -2.93
CA GLY B 39 36.70 -15.02 -1.99
C GLY B 39 36.97 -16.18 -1.07
N ALA B 40 38.24 -16.48 -0.79
CA ALA B 40 38.60 -17.55 0.13
C ALA B 40 38.96 -17.03 1.53
N GLY B 41 38.59 -15.79 1.85
CA GLY B 41 38.79 -15.23 3.18
C GLY B 41 39.55 -13.90 3.23
N LYS B 42 40.36 -13.56 2.22
CA LYS B 42 41.13 -12.33 2.34
C LYS B 42 40.23 -11.09 2.42
N THR B 43 39.16 -11.05 1.62
CA THR B 43 38.42 -9.81 1.50
C THR B 43 37.58 -9.55 2.74
N THR B 44 36.96 -10.60 3.27
CA THR B 44 36.22 -10.52 4.51
C THR B 44 37.16 -10.19 5.68
N SER B 45 38.38 -10.73 5.66
CA SER B 45 39.35 -10.38 6.68
C SER B 45 39.70 -8.91 6.62
N PHE B 46 39.92 -8.40 5.40
CA PHE B 46 40.23 -6.99 5.24
C PHE B 46 39.12 -6.09 5.77
N TYR B 47 37.86 -6.48 5.55
CA TYR B 47 36.72 -5.68 5.99
C TYR B 47 36.48 -5.80 7.49
N MET B 48 36.86 -6.93 8.10
CA MET B 48 36.82 -6.99 9.56
C MET B 48 37.82 -6.00 10.15
N ILE B 49 39.00 -5.91 9.56
CA ILE B 49 39.97 -4.95 10.07
C ILE B 49 39.49 -3.52 9.84
N VAL B 50 38.82 -3.27 8.71
CA VAL B 50 38.36 -1.92 8.41
C VAL B 50 37.27 -1.51 9.40
N GLY B 51 36.35 -2.42 9.68
CA GLY B 51 35.18 -2.11 10.47
C GLY B 51 33.88 -2.25 9.72
N LEU B 52 33.91 -2.60 8.43
CA LEU B 52 32.68 -2.72 7.67
C LEU B 52 31.97 -4.04 7.92
N VAL B 53 32.64 -4.98 8.56
CA VAL B 53 32.06 -6.29 8.82
C VAL B 53 32.28 -6.59 10.30
N ALA B 54 31.20 -6.92 10.99
CA ALA B 54 31.31 -7.26 12.40
C ALA B 54 32.00 -8.61 12.52
N ARG B 55 33.11 -8.61 13.26
CA ARG B 55 33.86 -9.82 13.54
C ARG B 55 33.05 -10.77 14.40
N ASP B 56 33.19 -12.06 14.13
CA ASP B 56 32.51 -13.05 14.95
C ASP B 56 33.43 -13.67 16.00
N GLU B 57 34.74 -13.74 15.73
CA GLU B 57 35.77 -14.30 16.59
C GLU B 57 37.11 -13.67 16.22
N GLY B 58 37.99 -13.50 17.20
CA GLY B 58 39.27 -12.84 17.00
C GLY B 58 39.29 -11.46 17.61
N THR B 59 40.50 -10.89 17.62
CA THR B 59 40.82 -9.67 18.35
C THR B 59 41.62 -8.76 17.41
N ILE B 60 41.25 -7.47 17.37
CA ILE B 60 41.87 -6.47 16.50
C ILE B 60 42.36 -5.34 17.40
N THR B 61 43.66 -5.09 17.37
CA THR B 61 44.31 -4.19 18.32
C THR B 61 45.26 -3.27 17.57
N ILE B 62 45.19 -1.98 17.86
CA ILE B 62 46.19 -1.03 17.41
C ILE B 62 46.86 -0.47 18.66
N ASP B 63 48.16 -0.76 18.81
CA ASP B 63 48.95 -0.39 19.99
C ASP B 63 48.35 -0.98 21.26
N ASP B 64 48.12 -2.30 21.24
CA ASP B 64 47.60 -3.05 22.39
C ASP B 64 46.28 -2.48 22.90
N ASN B 65 45.51 -1.80 22.06
CA ASN B 65 44.20 -1.28 22.44
C ASN B 65 43.16 -1.92 21.54
N ASP B 66 42.18 -2.57 22.15
CA ASP B 66 41.22 -3.37 21.41
C ASP B 66 40.17 -2.49 20.76
N ILE B 67 40.14 -2.51 19.42
CA ILE B 67 39.19 -1.72 18.65
C ILE B 67 38.15 -2.60 17.94
N SER B 68 38.10 -3.90 18.27
CA SER B 68 37.27 -4.86 17.53
C SER B 68 35.82 -4.38 17.42
N ILE B 69 35.16 -4.21 18.56
CA ILE B 69 33.75 -3.81 18.60
C ILE B 69 33.53 -2.37 18.15
N LEU B 70 34.58 -1.56 18.04
CA LEU B 70 34.42 -0.15 17.73
C LEU B 70 33.77 0.02 16.36
N PRO B 71 32.78 0.91 16.23
CA PRO B 71 32.23 1.22 14.90
C PRO B 71 33.25 1.94 14.03
N MET B 72 32.91 2.22 12.76
CA MET B 72 33.88 2.85 11.86
C MET B 72 34.46 4.11 12.47
N HIS B 73 33.60 5.05 12.84
CA HIS B 73 34.05 6.34 13.34
C HIS B 73 35.02 6.21 14.49
N SER B 74 34.77 5.29 15.42
CA SER B 74 35.63 5.18 16.58
C SER B 74 37.00 4.61 16.21
N ARG B 75 37.03 3.57 15.39
CA ARG B 75 38.32 3.07 14.97
C ARG B 75 38.97 3.93 13.92
N SER B 76 38.26 4.91 13.37
CA SER B 76 38.99 5.89 12.58
C SER B 76 39.67 6.92 13.46
N ARG B 77 39.04 7.28 14.59
CA ARG B 77 39.69 8.16 15.56
C ARG B 77 40.84 7.47 16.27
N MET B 78 40.83 6.14 16.31
CA MET B 78 41.95 5.38 16.85
C MET B 78 43.17 5.45 15.95
N GLY B 79 43.01 5.85 14.70
CA GLY B 79 44.16 5.94 13.82
C GLY B 79 44.13 5.00 12.63
N ILE B 80 42.94 4.72 12.12
CA ILE B 80 42.82 3.84 10.98
C ILE B 80 42.06 4.55 9.87
N GLY B 81 42.68 4.67 8.71
CA GLY B 81 42.04 5.21 7.52
C GLY B 81 41.64 4.12 6.55
N TYR B 82 40.67 4.43 5.70
CA TYR B 82 40.12 3.49 4.75
C TYR B 82 39.91 4.18 3.40
N LEU B 83 40.45 3.58 2.35
CA LEU B 83 40.28 4.06 0.98
C LEU B 83 39.61 2.97 0.18
N PRO B 84 38.31 3.08 -0.09
CA PRO B 84 37.58 2.03 -0.80
C PRO B 84 37.79 2.06 -2.32
N GLN B 85 37.39 0.96 -2.96
CA GLN B 85 37.65 0.77 -4.38
C GLN B 85 36.82 1.73 -5.23
N GLU B 86 35.53 1.86 -4.93
CA GLU B 86 34.57 2.72 -5.61
C GLU B 86 34.88 4.18 -5.35
N ALA B 87 34.34 5.04 -6.20
CA ALA B 87 34.58 6.48 -6.05
C ALA B 87 33.96 6.97 -4.75
N SER B 88 34.80 7.45 -3.82
CA SER B 88 34.32 7.89 -2.52
C SER B 88 34.31 9.41 -2.37
N ILE B 89 34.50 10.15 -3.45
CA ILE B 89 34.60 11.60 -3.33
C ILE B 89 33.20 12.19 -3.23
N PHE B 90 33.07 13.29 -2.51
CA PHE B 90 31.81 14.04 -2.43
C PHE B 90 31.58 14.76 -3.75
N ARG B 91 30.69 14.20 -4.60
CA ARG B 91 30.50 14.75 -5.93
C ARG B 91 30.09 16.21 -5.88
N LYS B 92 29.19 16.58 -4.95
CA LYS B 92 28.69 17.94 -4.91
C LYS B 92 29.50 18.85 -4.01
N LEU B 93 30.82 18.63 -3.92
CA LEU B 93 31.71 19.43 -3.08
C LEU B 93 33.04 19.66 -3.80
N SER B 94 33.65 20.81 -3.52
CA SER B 94 34.92 21.09 -4.17
C SER B 94 36.06 20.36 -3.46
N VAL B 95 37.16 20.18 -4.21
CA VAL B 95 38.35 19.53 -3.66
C VAL B 95 38.82 20.25 -2.40
N GLU B 96 38.94 21.58 -2.50
CA GLU B 96 39.10 22.43 -1.32
C GLU B 96 38.14 22.01 -0.21
N ASP B 97 36.84 21.91 -0.53
CA ASP B 97 35.83 21.70 0.51
C ASP B 97 35.84 20.27 1.06
N ASN B 98 36.13 19.30 0.20
CA ASN B 98 36.32 17.92 0.67
C ASN B 98 37.36 17.87 1.79
N ILE B 99 38.54 18.43 1.52
CA ILE B 99 39.65 18.34 2.46
C ILE B 99 39.37 19.20 3.69
N MET B 100 38.88 20.42 3.49
CA MET B 100 38.56 21.25 4.64
C MET B 100 37.48 20.59 5.50
N ALA B 101 36.49 19.96 4.86
CA ALA B 101 35.40 19.34 5.63
C ALA B 101 35.93 18.26 6.55
N VAL B 102 36.98 17.54 6.15
CA VAL B 102 37.56 16.53 7.02
C VAL B 102 38.47 17.16 8.06
N LEU B 103 39.21 18.19 7.67
CA LEU B 103 40.01 18.92 8.64
C LEU B 103 39.15 19.66 9.65
N GLN B 104 37.92 20.02 9.28
CA GLN B 104 37.07 20.76 10.21
C GLN B 104 36.64 19.93 11.41
N THR B 105 36.92 18.63 11.42
CA THR B 105 36.54 17.80 12.57
C THR B 105 37.57 17.87 13.68
N ARG B 106 38.86 17.97 13.35
CA ARG B 106 39.96 18.07 14.32
C ARG B 106 39.84 19.37 15.12
N GLU B 107 39.26 19.29 16.31
CA GLU B 107 39.02 20.50 17.11
C GLU B 107 40.31 21.07 17.68
N GLU B 108 41.37 20.26 17.80
CA GLU B 108 42.63 20.74 18.37
C GLU B 108 43.34 21.73 17.45
N LEU B 109 43.07 21.70 16.14
CA LEU B 109 43.65 22.65 15.20
C LEU B 109 42.91 23.98 15.23
N THR B 110 43.52 25.01 14.67
CA THR B 110 42.90 26.32 14.51
C THR B 110 42.52 26.57 13.05
N HIS B 111 41.74 27.64 12.85
CA HIS B 111 41.36 28.04 11.50
C HIS B 111 42.59 28.26 10.63
N GLU B 112 43.60 28.94 11.18
CA GLU B 112 44.85 29.15 10.44
C GLU B 112 45.56 27.83 10.19
N GLU B 113 45.58 26.94 11.17
CA GLU B 113 46.21 25.64 10.98
C GLU B 113 45.44 24.78 10.00
N ARG B 114 44.12 24.92 9.96
CA ARG B 114 43.33 24.20 8.97
C ARG B 114 43.67 24.64 7.56
N GLN B 115 43.71 25.96 7.35
CA GLN B 115 44.11 26.51 6.07
C GLN B 115 45.52 26.07 5.70
N ASP B 116 46.42 26.06 6.68
CA ASP B 116 47.80 25.68 6.41
C ASP B 116 47.89 24.22 5.98
N LYS B 117 47.18 23.34 6.68
CA LYS B 117 47.24 21.92 6.33
C LYS B 117 46.50 21.66 5.03
N LEU B 118 45.51 22.48 4.69
CA LEU B 118 44.86 22.32 3.39
C LEU B 118 45.80 22.69 2.26
N GLU B 119 46.49 23.83 2.40
CA GLU B 119 47.44 24.26 1.37
C GLU B 119 48.54 23.23 1.18
N ASP B 120 49.06 22.68 2.29
CA ASP B 120 50.10 21.66 2.19
C ASP B 120 49.59 20.41 1.49
N LEU B 121 48.39 19.96 1.85
CA LEU B 121 47.85 18.74 1.25
C LEU B 121 47.61 18.91 -0.25
N LEU B 122 47.22 20.11 -0.66
CA LEU B 122 47.02 20.36 -2.08
C LEU B 122 48.36 20.38 -2.82
N GLU B 123 49.28 21.25 -2.41
CA GLU B 123 50.54 21.28 -3.15
C GLU B 123 51.34 19.99 -3.00
N GLU B 124 50.94 19.09 -2.11
CA GLU B 124 51.66 17.83 -1.94
C GLU B 124 51.20 16.77 -2.91
N PHE B 125 49.89 16.68 -3.13
CA PHE B 125 49.33 15.70 -4.05
C PHE B 125 49.05 16.29 -5.42
N HIS B 126 49.59 17.48 -5.69
CA HIS B 126 49.51 18.09 -7.01
C HIS B 126 48.05 18.20 -7.43
N ILE B 127 47.28 18.89 -6.60
CA ILE B 127 45.87 19.12 -6.87
C ILE B 127 45.52 20.56 -6.54
N GLN B 128 46.54 21.43 -6.51
CA GLN B 128 46.28 22.85 -6.26
C GLN B 128 45.43 23.46 -7.37
N HIS B 129 45.52 22.93 -8.58
CA HIS B 129 44.73 23.46 -9.70
C HIS B 129 43.30 22.97 -9.66
N ILE B 130 43.07 21.79 -9.06
CA ILE B 130 41.75 21.18 -8.93
C ILE B 130 41.08 21.73 -7.67
N ARG B 131 41.74 22.71 -7.02
CA ARG B 131 41.30 23.18 -5.71
C ARG B 131 39.80 23.43 -5.67
N LYS B 132 39.30 24.25 -6.60
CA LYS B 132 37.93 24.75 -6.57
C LYS B 132 36.97 23.94 -7.43
N SER B 133 37.40 22.79 -7.91
CA SER B 133 36.57 21.95 -8.77
C SER B 133 35.73 21.00 -7.92
N ALA B 134 34.48 20.82 -8.32
CA ALA B 134 33.61 19.87 -7.65
C ALA B 134 34.03 18.44 -7.97
N GLY B 135 33.84 17.54 -7.01
CA GLY B 135 34.33 16.18 -7.16
C GLY B 135 33.72 15.42 -8.32
N MET B 136 32.48 15.74 -8.68
CA MET B 136 31.79 15.01 -9.74
C MET B 136 32.38 15.26 -11.12
N ALA B 137 33.39 16.13 -11.23
CA ALA B 137 33.96 16.48 -12.51
C ALA B 137 35.43 16.07 -12.64
N LEU B 138 35.88 15.08 -11.88
CA LEU B 138 37.29 14.70 -11.83
C LEU B 138 37.51 13.35 -12.50
N SER B 139 38.70 13.17 -13.08
CA SER B 139 39.03 11.95 -13.79
C SER B 139 39.45 10.87 -12.79
N GLY B 140 39.92 9.73 -13.28
CA GLY B 140 40.35 8.63 -12.43
C GLY B 140 41.45 8.95 -11.43
N GLY B 141 42.64 9.32 -11.94
CA GLY B 141 43.76 9.54 -11.04
C GLY B 141 43.63 10.79 -10.21
N GLU B 142 42.99 11.82 -10.76
CA GLU B 142 42.80 13.04 -10.00
C GLU B 142 41.84 12.81 -8.85
N ARG B 143 40.78 12.05 -9.08
CA ARG B 143 39.87 11.76 -7.99
C ARG B 143 40.60 11.01 -6.89
N ARG B 144 41.41 10.01 -7.26
CA ARG B 144 42.10 9.18 -6.28
C ARG B 144 43.07 9.99 -5.44
N ARG B 145 43.82 10.90 -6.07
CA ARG B 145 44.67 11.80 -5.32
C ARG B 145 43.86 12.68 -4.38
N VAL B 146 42.69 13.13 -4.82
CA VAL B 146 41.92 14.05 -3.97
C VAL B 146 41.38 13.32 -2.75
N GLU B 147 40.86 12.12 -2.96
CA GLU B 147 40.35 11.38 -1.83
C GLU B 147 41.46 10.81 -0.95
N ILE B 148 42.67 10.61 -1.48
CA ILE B 148 43.73 10.13 -0.61
C ILE B 148 44.31 11.29 0.21
N ALA B 149 44.34 12.50 -0.35
CA ALA B 149 44.66 13.67 0.44
C ALA B 149 43.60 13.91 1.50
N ARG B 150 42.35 13.65 1.15
CA ARG B 150 41.27 13.75 2.12
C ARG B 150 41.49 12.78 3.26
N ALA B 151 41.77 11.52 2.92
CA ALA B 151 42.01 10.50 3.94
C ALA B 151 43.15 10.92 4.86
N LEU B 152 44.22 11.48 4.29
CA LEU B 152 45.35 11.92 5.09
C LEU B 152 45.02 13.13 5.96
N ALA B 153 43.93 13.85 5.68
CA ALA B 153 43.55 14.98 6.50
C ALA B 153 43.18 14.55 7.90
N ALA B 154 42.72 13.32 8.03
CA ALA B 154 42.36 12.72 9.30
C ALA B 154 43.56 12.24 10.10
N ASN B 155 44.77 12.43 9.59
CA ASN B 155 45.99 12.04 10.30
C ASN B 155 45.91 10.60 10.79
N PRO B 156 45.84 9.62 9.89
CA PRO B 156 45.81 8.23 10.30
C PRO B 156 47.20 7.69 10.59
N GLN B 157 47.21 6.52 11.19
CA GLN B 157 48.44 5.77 11.34
C GLN B 157 48.54 4.62 10.34
N PHE B 158 47.41 4.08 9.89
CA PHE B 158 47.38 2.99 8.93
C PHE B 158 46.44 3.35 7.79
N ILE B 159 46.76 2.82 6.61
CA ILE B 159 45.96 3.06 5.42
C ILE B 159 45.58 1.70 4.86
N LEU B 160 44.28 1.42 4.86
CA LEU B 160 43.74 0.18 4.35
C LEU B 160 43.18 0.47 2.96
N LEU B 161 43.90 0.01 1.94
CA LEU B 161 43.54 0.22 0.54
C LEU B 161 42.82 -1.02 0.03
N ASP B 162 41.58 -0.84 -0.41
CA ASP B 162 40.75 -1.91 -0.97
C ASP B 162 40.93 -1.90 -2.49
N GLN B 163 41.76 -2.82 -3.00
CA GLN B 163 42.00 -3.07 -4.42
C GLN B 163 42.45 -1.83 -5.19
N PRO B 164 43.60 -1.24 -4.84
CA PRO B 164 44.02 -0.01 -5.53
C PRO B 164 44.43 -0.20 -6.99
N PHE B 165 44.68 -1.45 -7.45
CA PHE B 165 45.05 -1.78 -8.83
C PHE B 165 43.88 -2.34 -9.65
N ALA B 166 42.65 -1.94 -9.37
CA ALA B 166 41.48 -2.57 -9.98
C ALA B 166 41.15 -1.93 -11.31
N GLY B 167 41.29 -2.70 -12.40
CA GLY B 167 41.03 -2.19 -13.74
C GLY B 167 41.90 -1.03 -14.20
N VAL B 168 43.15 -0.96 -13.74
CA VAL B 168 44.04 0.18 -13.97
C VAL B 168 44.82 0.00 -15.27
N ASP B 169 44.86 1.05 -16.09
CA ASP B 169 45.71 1.00 -17.27
C ASP B 169 47.17 0.87 -16.84
N PRO B 170 47.94 -0.05 -17.43
CA PRO B 170 49.34 -0.26 -17.03
C PRO B 170 50.19 1.01 -16.97
N ILE B 171 49.81 2.04 -17.74
CA ILE B 171 50.47 3.36 -17.60
C ILE B 171 50.28 3.89 -16.19
N SER B 172 49.07 3.77 -15.65
CA SER B 172 48.82 4.36 -14.35
C SER B 172 49.27 3.47 -13.21
N VAL B 173 49.62 2.21 -13.51
CA VAL B 173 50.01 1.27 -12.46
C VAL B 173 51.22 1.80 -11.71
N ILE B 174 52.23 2.27 -12.45
CA ILE B 174 53.41 2.78 -11.76
C ILE B 174 53.04 4.02 -10.96
N ASP B 175 52.05 4.78 -11.42
CA ASP B 175 51.70 6.01 -10.73
C ASP B 175 51.10 5.73 -9.36
N ILE B 176 50.26 4.70 -9.26
CA ILE B 176 49.68 4.36 -7.97
C ILE B 176 50.66 3.58 -7.12
N LYS B 177 51.57 2.80 -7.73
CA LYS B 177 52.68 2.26 -6.96
C LYS B 177 53.44 3.38 -6.29
N LYS B 178 53.73 4.45 -7.02
CA LYS B 178 54.54 5.51 -6.46
C LYS B 178 53.79 6.25 -5.36
N ILE B 179 52.46 6.34 -5.47
CA ILE B 179 51.73 7.02 -4.41
C ILE B 179 51.60 6.12 -3.20
N ILE B 180 51.55 4.80 -3.43
CA ILE B 180 51.47 3.87 -2.30
C ILE B 180 52.74 3.94 -1.46
N GLU B 181 53.90 4.00 -2.14
CA GLU B 181 55.18 4.05 -1.42
C GLU B 181 55.46 5.44 -0.88
N HIS B 182 54.79 6.47 -1.41
CA HIS B 182 54.84 7.78 -0.79
C HIS B 182 54.11 7.78 0.53
N LEU B 183 52.92 7.15 0.55
CA LEU B 183 52.20 6.91 1.79
C LEU B 183 53.12 6.22 2.79
N ARG B 184 53.77 5.15 2.35
CA ARG B 184 54.59 4.36 3.27
C ARG B 184 55.73 5.18 3.83
N ASP B 185 56.34 6.02 2.99
CA ASP B 185 57.43 6.87 3.45
C ASP B 185 56.92 8.04 4.28
N ARG B 186 55.67 8.40 4.15
CA ARG B 186 55.10 9.42 5.02
C ARG B 186 54.97 8.96 6.47
N GLY B 187 55.36 7.72 6.79
CA GLY B 187 55.19 7.20 8.13
C GLY B 187 53.93 6.42 8.37
N LEU B 188 53.40 5.72 7.37
CA LEU B 188 52.17 4.97 7.54
C LEU B 188 52.40 3.48 7.36
N GLY B 189 51.43 2.72 7.80
CA GLY B 189 51.44 1.31 7.46
C GLY B 189 50.30 1.05 6.50
N VAL B 190 50.61 0.63 5.29
CA VAL B 190 49.59 0.43 4.28
C VAL B 190 49.27 -1.04 4.18
N LEU B 191 48.00 -1.40 4.38
CA LEU B 191 47.50 -2.75 4.11
C LEU B 191 46.80 -2.78 2.77
N ILE B 192 47.36 -3.53 1.81
CA ILE B 192 46.77 -3.77 0.48
C ILE B 192 45.97 -5.05 0.51
N THR B 193 44.73 -5.02 0.00
CA THR B 193 44.06 -6.22 -0.49
C THR B 193 43.74 -6.09 -1.98
N ASP B 194 44.10 -7.09 -2.78
CA ASP B 194 43.96 -6.98 -4.22
C ASP B 194 43.97 -8.36 -4.88
N HIS B 195 43.50 -8.40 -6.13
CA HIS B 195 43.58 -9.62 -6.95
C HIS B 195 44.78 -9.64 -7.88
N ASN B 196 45.39 -8.49 -8.12
CA ASN B 196 46.55 -8.42 -9.01
C ASN B 196 47.78 -8.83 -8.19
N VAL B 197 48.02 -10.14 -8.16
CA VAL B 197 49.15 -10.71 -7.42
C VAL B 197 50.45 -10.05 -7.84
N ARG B 198 50.64 -9.89 -9.15
CA ARG B 198 51.88 -9.37 -9.70
C ARG B 198 52.17 -7.98 -9.17
N GLU B 199 51.18 -7.09 -9.24
CA GLU B 199 51.42 -5.71 -8.85
C GLU B 199 51.52 -5.58 -7.34
N THR B 200 50.64 -6.25 -6.61
CA THR B 200 50.74 -6.22 -5.15
C THR B 200 52.08 -6.77 -4.69
N LEU B 201 52.44 -8.00 -5.07
CA LEU B 201 53.72 -8.55 -4.64
C LEU B 201 54.87 -7.64 -4.99
N ASP B 202 54.71 -6.82 -6.03
CA ASP B 202 55.78 -5.88 -6.37
C ASP B 202 55.88 -4.78 -5.32
N VAL B 203 54.77 -4.35 -4.77
CA VAL B 203 54.74 -3.21 -3.86
C VAL B 203 54.91 -3.63 -2.39
N CYS B 204 54.29 -4.72 -1.97
CA CYS B 204 54.26 -5.02 -0.55
C CYS B 204 55.59 -5.63 -0.11
N GLU B 205 55.97 -5.31 1.13
CA GLU B 205 57.18 -5.81 1.77
C GLU B 205 56.96 -7.14 2.48
N LYS B 206 55.76 -7.35 3.01
CA LYS B 206 55.32 -8.63 3.54
C LYS B 206 53.97 -8.99 2.90
N ALA B 207 53.73 -10.29 2.75
CA ALA B 207 52.50 -10.77 2.12
C ALA B 207 51.90 -11.87 2.98
N TYR B 208 50.59 -11.79 3.21
CA TYR B 208 49.83 -12.85 3.87
C TYR B 208 48.88 -13.45 2.84
N ILE B 209 48.91 -14.78 2.74
CA ILE B 209 48.12 -15.50 1.75
C ILE B 209 47.02 -16.23 2.49
N VAL B 210 45.76 -15.96 2.11
CA VAL B 210 44.60 -16.53 2.78
C VAL B 210 43.89 -17.43 1.77
N SER B 211 43.74 -18.68 2.12
CA SER B 211 43.08 -19.65 1.27
C SER B 211 42.28 -20.59 2.15
N GLN B 212 41.13 -21.00 1.62
CA GLN B 212 40.14 -21.80 2.35
C GLN B 212 39.92 -21.29 3.75
N GLY B 213 39.71 -19.98 3.87
CA GLY B 213 39.27 -19.40 5.12
C GLY B 213 40.37 -19.14 6.13
N ARG B 214 41.59 -19.60 5.86
CA ARG B 214 42.66 -19.58 6.84
C ARG B 214 43.95 -19.04 6.22
N LEU B 215 44.82 -18.52 7.07
CA LEU B 215 46.15 -18.12 6.66
C LEU B 215 47.00 -19.34 6.39
N ILE B 216 47.45 -19.50 5.13
CA ILE B 216 48.16 -20.69 4.71
C ILE B 216 49.66 -20.44 4.54
N ALA B 217 50.07 -19.19 4.31
CA ALA B 217 51.48 -18.87 4.13
C ALA B 217 51.70 -17.39 4.46
N GLU B 218 52.90 -17.04 4.95
CA GLU B 218 53.21 -15.63 5.12
C GLU B 218 54.72 -15.40 4.97
N GLY B 219 55.09 -14.14 4.83
CA GLY B 219 56.47 -13.78 4.64
C GLY B 219 56.65 -12.84 3.46
N THR B 220 57.90 -12.77 2.99
CA THR B 220 58.26 -11.89 1.89
C THR B 220 57.67 -12.39 0.58
N PRO B 221 57.64 -11.54 -0.45
CA PRO B 221 57.10 -11.99 -1.75
C PRO B 221 57.79 -13.24 -2.30
N GLN B 222 59.12 -13.35 -2.20
CA GLN B 222 59.78 -14.59 -2.63
C GLN B 222 59.37 -15.77 -1.76
N ASP B 223 59.09 -15.51 -0.47
CA ASP B 223 58.71 -16.60 0.41
C ASP B 223 57.42 -17.26 -0.05
N VAL B 224 56.41 -16.47 -0.41
CA VAL B 224 55.13 -17.04 -0.79
C VAL B 224 55.19 -17.58 -2.22
N LEU B 225 55.93 -16.90 -3.11
CA LEU B 225 56.12 -17.35 -4.48
C LEU B 225 56.71 -18.76 -4.54
N ASN B 226 57.57 -19.11 -3.60
CA ASN B 226 58.10 -20.45 -3.55
C ASN B 226 57.33 -21.38 -2.62
N ASN B 227 56.41 -20.86 -1.82
CA ASN B 227 55.58 -21.71 -0.98
C ASN B 227 54.81 -22.69 -1.86
N GLU B 228 54.95 -23.99 -1.56
CA GLU B 228 54.40 -25.01 -2.45
C GLU B 228 52.87 -25.06 -2.40
N GLN B 229 52.25 -24.84 -1.22
CA GLN B 229 50.79 -24.80 -1.17
C GLN B 229 50.25 -23.61 -1.94
N VAL B 230 50.89 -22.46 -1.80
CA VAL B 230 50.47 -21.31 -2.60
C VAL B 230 50.62 -21.62 -4.08
N LYS B 231 51.71 -22.30 -4.45
CA LYS B 231 51.91 -22.63 -5.85
C LYS B 231 50.85 -23.58 -6.38
N GLN B 232 50.16 -24.32 -5.51
CA GLN B 232 49.29 -25.38 -5.99
C GLN B 232 47.80 -25.08 -5.84
N VAL B 233 47.44 -24.04 -5.09
CA VAL B 233 46.06 -23.60 -4.96
C VAL B 233 45.83 -22.17 -5.43
N TYR B 234 46.87 -21.36 -5.61
CA TYR B 234 46.69 -19.96 -5.91
C TYR B 234 47.43 -19.51 -7.17
N LEU B 235 48.74 -19.80 -7.28
CA LEU B 235 49.61 -19.14 -8.25
C LEU B 235 49.95 -19.98 -9.47
N GLY B 236 49.91 -21.31 -9.38
CA GLY B 236 50.31 -22.16 -10.46
C GLY B 236 51.81 -22.41 -10.44
N GLU B 237 52.25 -23.58 -10.91
CA GLU B 237 53.68 -23.87 -10.90
C GLU B 237 54.44 -22.83 -11.69
N GLN B 238 54.02 -22.60 -12.94
CA GLN B 238 54.73 -21.69 -13.83
C GLN B 238 54.12 -20.29 -13.73
N PHE B 239 54.17 -19.74 -12.53
CA PHE B 239 53.78 -18.36 -12.26
C PHE B 239 54.98 -17.44 -12.47
N ARG B 240 54.71 -16.23 -13.00
CA ARG B 240 55.74 -15.27 -13.36
C ARG B 240 55.44 -13.91 -12.74
N LEU B 241 56.23 -13.53 -11.73
CA LEU B 241 56.09 -12.24 -11.08
C LEU B 241 56.42 -11.11 -12.06
N SER C 2 12.50 -12.12 16.75
CA SER C 2 13.11 -10.85 16.36
C SER C 2 12.62 -9.67 17.21
N LEU C 3 13.53 -8.96 17.87
CA LEU C 3 13.11 -7.90 18.79
C LEU C 3 12.52 -6.72 18.05
N SER C 4 13.11 -6.34 16.92
CA SER C 4 12.55 -5.25 16.12
C SER C 4 11.14 -5.61 15.63
N ARG C 5 10.94 -6.83 15.14
CA ARG C 5 9.61 -7.24 14.71
C ARG C 5 8.62 -7.31 15.89
N ILE C 6 9.10 -7.61 17.10
CA ILE C 6 8.19 -7.61 18.25
C ILE C 6 7.74 -6.19 18.54
N VAL C 7 8.67 -5.23 18.51
CA VAL C 7 8.28 -3.85 18.70
C VAL C 7 7.34 -3.39 17.59
N TYR C 8 7.62 -3.79 16.34
CA TYR C 8 6.71 -3.38 15.26
C TYR C 8 5.29 -3.90 15.52
N VAL C 9 5.17 -5.16 15.95
CA VAL C 9 3.83 -5.70 16.25
C VAL C 9 3.17 -4.95 17.40
N LEU C 10 3.91 -4.68 18.49
CA LEU C 10 3.37 -3.86 19.56
C LEU C 10 2.90 -2.51 19.03
N LEU C 11 3.69 -1.87 18.16
CA LEU C 11 3.27 -0.60 17.57
C LEU C 11 1.99 -0.77 16.75
N LEU C 12 1.83 -1.89 16.08
CA LEU C 12 0.62 -2.07 15.29
C LEU C 12 -0.58 -2.26 16.19
N PHE C 13 -0.38 -2.89 17.36
CA PHE C 13 -1.44 -3.02 18.35
C PHE C 13 -1.94 -1.65 18.80
N ILE C 14 -1.01 -0.78 19.23
CA ILE C 14 -1.37 0.54 19.71
C ILE C 14 -2.06 1.34 18.62
N ALA C 15 -1.57 1.24 17.38
CA ALA C 15 -2.18 1.99 16.28
C ALA C 15 -3.62 1.55 16.04
N SER C 16 -3.83 0.24 15.87
CA SER C 16 -5.19 -0.27 15.72
C SER C 16 -6.09 0.16 16.87
N TRP C 17 -5.58 0.07 18.11
CA TRP C 17 -6.40 0.41 19.26
C TRP C 17 -6.79 1.89 19.25
N SER C 18 -5.82 2.79 19.02
CA SER C 18 -6.14 4.20 18.91
C SER C 18 -7.15 4.49 17.80
N LEU C 19 -6.99 3.86 16.63
CA LEU C 19 -7.90 4.17 15.53
C LEU C 19 -9.32 3.79 15.91
N TYR C 20 -9.48 2.57 16.43
CA TYR C 20 -10.81 2.08 16.77
C TYR C 20 -11.39 2.75 18.01
N TYR C 21 -10.54 3.23 18.92
CA TYR C 21 -11.05 4.09 19.99
C TYR C 21 -11.60 5.39 19.43
N LEU C 22 -10.91 5.98 18.46
CA LEU C 22 -11.41 7.20 17.83
C LEU C 22 -12.73 6.95 17.09
N LEU C 23 -12.84 5.79 16.43
CA LEU C 23 -14.10 5.45 15.76
C LEU C 23 -15.21 5.24 16.78
N GLY C 24 -14.92 4.56 17.89
CA GLY C 24 -15.91 4.40 18.93
C GLY C 24 -16.32 5.70 19.56
N GLN C 25 -15.38 6.63 19.74
CA GLN C 25 -15.72 7.92 20.31
C GLN C 25 -16.68 8.69 19.40
N GLU C 26 -16.42 8.71 18.09
CA GLU C 26 -17.32 9.42 17.20
C GLU C 26 -18.63 8.66 17.03
N GLN C 27 -18.62 7.35 17.31
CA GLN C 27 -19.86 6.59 17.31
C GLN C 27 -20.74 6.99 18.49
N ASP C 28 -20.17 6.99 19.71
CA ASP C 28 -20.92 7.45 20.87
C ASP C 28 -21.38 8.89 20.72
N SER C 29 -20.61 9.71 20.01
CA SER C 29 -21.06 11.06 19.70
C SER C 29 -22.22 11.05 18.73
N LYS C 30 -22.29 10.03 17.87
CA LYS C 30 -23.43 9.83 16.98
C LYS C 30 -24.48 8.91 17.57
N ILE C 31 -24.10 8.02 18.49
CA ILE C 31 -25.06 7.11 19.10
C ILE C 31 -25.64 7.74 20.36
N GLN C 32 -25.62 9.07 20.42
CA GLN C 32 -26.27 9.78 21.52
C GLN C 32 -27.76 9.87 21.22
N VAL C 33 -28.45 8.76 21.44
CA VAL C 33 -29.91 8.72 21.30
C VAL C 33 -30.47 9.21 22.64
N ALA C 34 -30.75 10.52 22.71
CA ALA C 34 -31.40 11.07 23.90
C ALA C 34 -32.92 11.03 23.73
N PRO C 35 -33.67 10.51 24.70
CA PRO C 35 -35.14 10.49 24.58
C PRO C 35 -35.71 11.90 24.44
N ASN C 36 -36.75 12.01 23.63
CA ASN C 36 -37.36 13.30 23.31
C ASN C 36 -38.23 13.78 24.48
N LEU C 37 -38.77 14.99 24.34
CA LEU C 37 -39.58 15.62 25.37
C LEU C 37 -41.06 15.43 25.05
N GLU C 38 -41.90 15.90 25.98
CA GLU C 38 -43.36 15.76 25.88
C GLU C 38 -43.90 16.79 24.90
N LEU C 39 -43.94 16.41 23.62
CA LEU C 39 -44.37 17.28 22.52
C LEU C 39 -45.21 16.46 21.56
N PRO C 40 -45.92 17.09 20.61
CA PRO C 40 -46.69 16.31 19.63
C PRO C 40 -45.79 15.40 18.81
N MET C 41 -46.02 14.10 18.93
CA MET C 41 -45.19 13.12 18.25
C MET C 41 -45.52 13.01 16.77
N PHE C 42 -46.76 13.29 16.38
CA PHE C 42 -47.19 13.27 14.99
C PHE C 42 -47.95 14.55 14.69
N SER C 43 -47.73 15.09 13.51
CA SER C 43 -48.39 16.31 13.08
C SER C 43 -48.73 16.19 11.61
N GLY C 44 -49.83 16.83 11.22
CA GLY C 44 -50.24 16.85 9.82
C GLY C 44 -51.23 17.97 9.58
N GLU C 45 -51.35 18.35 8.31
CA GLU C 45 -52.27 19.42 7.91
C GLU C 45 -53.07 18.98 6.69
N ASN C 46 -54.32 19.46 6.64
CA ASN C 46 -55.30 19.05 5.63
C ASN C 46 -55.50 17.53 5.66
N LEU C 47 -56.01 17.04 6.78
CA LEU C 47 -56.16 15.60 7.02
C LEU C 47 -57.61 15.16 6.92
N GLU C 48 -57.78 13.94 6.45
CA GLU C 48 -59.07 13.26 6.45
C GLU C 48 -58.81 11.88 7.03
N ASN C 49 -59.12 11.69 8.31
CA ASN C 49 -58.90 10.42 8.97
C ASN C 49 -60.25 9.71 9.14
N ILE C 50 -60.36 8.56 8.51
CA ILE C 50 -61.57 7.74 8.47
C ILE C 50 -61.41 6.61 9.47
N SER C 51 -62.43 6.37 10.28
CA SER C 51 -62.37 5.34 11.32
C SER C 51 -63.45 4.29 11.12
N TYR C 52 -63.09 3.02 11.31
CA TYR C 52 -63.97 1.91 11.01
C TYR C 52 -64.33 1.15 12.30
N ASP C 53 -65.41 0.37 12.21
CA ASP C 53 -65.87 -0.43 13.34
C ASP C 53 -65.20 -1.80 13.32
N GLU C 54 -65.44 -2.59 14.37
CA GLU C 54 -64.77 -3.88 14.51
C GLU C 54 -65.22 -4.91 13.47
N GLN C 55 -66.22 -4.58 12.66
CA GLN C 55 -66.64 -5.47 11.58
C GLN C 55 -66.23 -4.98 10.20
N GLY C 56 -65.61 -3.81 10.10
CA GLY C 56 -65.12 -3.32 8.83
C GLY C 56 -65.96 -2.28 8.14
N ILE C 57 -66.89 -1.64 8.84
CA ILE C 57 -67.79 -0.66 8.24
C ILE C 57 -67.33 0.73 8.62
N ARG C 58 -67.38 1.67 7.68
CA ARG C 58 -66.99 3.05 7.94
C ARG C 58 -67.80 3.65 9.08
N ASN C 59 -67.18 3.86 10.25
CA ASN C 59 -67.88 4.41 11.41
C ASN C 59 -68.07 5.93 11.28
N TYR C 60 -66.99 6.67 11.04
CA TYR C 60 -67.07 8.13 10.97
C TYR C 60 -65.86 8.64 10.20
N VAL C 61 -65.87 9.94 9.91
CA VAL C 61 -64.81 10.62 9.19
C VAL C 61 -64.57 11.95 9.87
N ILE C 62 -63.30 12.27 10.14
CA ILE C 62 -62.90 13.56 10.69
C ILE C 62 -61.98 14.22 9.68
N THR C 63 -62.46 15.29 9.06
CA THR C 63 -61.67 16.09 8.13
C THR C 63 -61.30 17.39 8.84
N SER C 64 -60.00 17.57 9.10
CA SER C 64 -59.49 18.74 9.80
C SER C 64 -58.38 19.38 8.98
N ILE C 65 -58.03 20.62 9.34
CA ILE C 65 -56.93 21.33 8.71
C ILE C 65 -55.62 21.10 9.45
N HIS C 66 -55.67 20.55 10.66
CA HIS C 66 -54.47 20.34 11.46
C HIS C 66 -54.75 19.26 12.47
N LEU C 67 -53.78 18.35 12.63
CA LEU C 67 -53.94 17.19 13.49
C LEU C 67 -52.63 16.88 14.19
N ASP C 68 -52.69 16.63 15.50
CA ASP C 68 -51.52 16.35 16.32
C ASP C 68 -51.81 15.14 17.20
N HIS C 69 -51.04 14.08 17.02
CA HIS C 69 -51.20 12.85 17.80
C HIS C 69 -50.13 12.81 18.88
N TYR C 70 -50.56 12.56 20.12
CA TYR C 70 -49.62 12.48 21.23
C TYR C 70 -49.48 11.03 21.71
N ALA C 71 -48.31 10.72 22.26
CA ALA C 71 -47.99 9.34 22.66
C ALA C 71 -48.30 9.02 24.11
N LYS C 72 -47.94 9.89 25.06
CA LYS C 72 -48.08 9.56 26.47
C LYS C 72 -49.54 9.33 26.86
N SER C 73 -50.45 10.20 26.39
CA SER C 73 -51.87 10.06 26.74
C SER C 73 -52.72 9.48 25.62
N GLY C 74 -52.31 9.63 24.37
CA GLY C 74 -53.15 9.23 23.27
C GLY C 74 -54.30 10.19 23.09
N ASN C 75 -54.00 11.48 23.17
CA ASN C 75 -54.97 12.53 22.89
C ASN C 75 -54.59 13.15 21.55
N THR C 76 -55.54 13.19 20.63
CA THR C 76 -55.28 13.61 19.26
C THR C 76 -56.02 14.92 19.02
N LEU C 77 -55.27 16.01 18.89
CA LEU C 77 -55.87 17.35 18.86
C LEU C 77 -56.10 17.81 17.43
N PHE C 78 -57.35 18.18 17.13
CA PHE C 78 -57.72 18.67 15.81
C PHE C 78 -57.90 20.17 15.85
N LYS C 79 -57.53 20.84 14.75
CA LYS C 79 -57.84 22.25 14.55
C LYS C 79 -58.84 22.34 13.41
N ALA C 80 -60.02 22.90 13.72
CA ALA C 80 -61.14 23.08 12.79
C ALA C 80 -61.60 21.74 12.25
N PRO C 81 -62.05 20.82 13.10
CA PRO C 81 -62.41 19.50 12.62
C PRO C 81 -63.80 19.48 11.98
N ILE C 82 -64.04 18.43 11.19
CA ILE C 82 -65.32 18.21 10.53
C ILE C 82 -65.64 16.74 10.68
N LEU C 83 -66.65 16.42 11.49
CA LEU C 83 -66.96 15.02 11.80
C LEU C 83 -68.23 14.60 11.05
N LYS C 84 -68.09 13.66 10.15
CA LYS C 84 -69.24 13.09 9.45
C LYS C 84 -69.59 11.75 10.08
N VAL C 85 -70.79 11.66 10.67
CA VAL C 85 -71.26 10.40 11.23
C VAL C 85 -72.02 9.64 10.16
N TYR C 86 -71.84 8.33 10.11
CA TYR C 86 -72.43 7.50 9.08
C TYR C 86 -73.26 6.38 9.71
N ARG C 87 -74.49 6.22 9.24
CA ARG C 87 -75.33 5.09 9.61
C ARG C 87 -75.03 3.96 8.63
N GLU C 88 -74.41 2.89 9.14
CA GLU C 88 -73.98 1.74 8.34
C GLU C 88 -72.98 2.13 7.26
N GLY C 89 -72.30 3.27 7.40
CA GLY C 89 -71.26 3.69 6.47
C GLY C 89 -71.74 4.29 5.16
N THR C 90 -72.93 3.92 4.68
CA THR C 90 -73.39 4.37 3.38
C THR C 90 -74.24 5.63 3.43
N LEU C 91 -74.80 5.97 4.60
CA LEU C 91 -75.62 7.16 4.75
C LEU C 91 -74.91 8.12 5.70
N GLN C 92 -74.56 9.31 5.22
CA GLN C 92 -74.02 10.35 6.09
C GLN C 92 -75.19 10.99 6.82
N GLU C 93 -75.43 10.57 8.06
CA GLU C 93 -76.55 11.09 8.84
C GLU C 93 -76.25 12.46 9.41
N TRP C 94 -75.13 12.61 10.14
CA TRP C 94 -74.79 13.88 10.76
C TRP C 94 -73.44 14.38 10.27
N GLU C 95 -73.24 15.68 10.46
CA GLU C 95 -71.98 16.34 10.15
C GLU C 95 -71.71 17.40 11.21
N ILE C 96 -70.72 17.18 12.05
CA ILE C 96 -70.47 18.02 13.22
C ILE C 96 -69.10 18.66 13.08
N THR C 97 -69.05 19.99 13.19
CA THR C 97 -67.84 20.75 12.97
C THR C 97 -67.59 21.68 14.15
N ALA C 98 -66.36 22.18 14.24
CA ALA C 98 -65.97 23.18 15.21
C ALA C 98 -64.63 23.75 14.79
N ARG C 99 -64.02 24.53 15.69
CA ARG C 99 -62.68 25.08 15.45
C ARG C 99 -61.58 24.31 16.16
N ARG C 100 -61.90 23.59 17.24
CA ARG C 100 -60.91 22.85 18.01
C ARG C 100 -61.54 21.57 18.50
N GLY C 101 -60.76 20.49 18.49
CA GLY C 101 -61.28 19.19 18.91
C GLY C 101 -60.20 18.37 19.59
N ILE C 102 -60.65 17.37 20.36
CA ILE C 102 -59.73 16.48 21.07
C ILE C 102 -60.28 15.05 21.00
N LEU C 103 -59.53 14.16 20.39
CA LEU C 103 -59.82 12.73 20.51
C LEU C 103 -59.02 12.14 21.67
N SER C 104 -59.57 11.10 22.28
CA SER C 104 -58.91 10.43 23.40
C SER C 104 -58.63 8.97 23.05
N LYS C 105 -57.83 8.32 23.89
CA LYS C 105 -57.59 6.89 23.71
C LYS C 105 -58.88 6.09 23.86
N ASP C 106 -59.85 6.61 24.61
CA ASP C 106 -61.16 6.00 24.81
C ASP C 106 -62.17 6.45 23.76
N GLN C 107 -61.70 7.08 22.67
CA GLN C 107 -62.56 7.43 21.53
C GLN C 107 -63.63 8.43 21.92
N VAL C 108 -63.24 9.49 22.61
CA VAL C 108 -64.18 10.48 23.11
C VAL C 108 -63.76 11.82 22.56
N LEU C 109 -64.58 12.38 21.69
CA LEU C 109 -64.25 13.64 21.03
C LEU C 109 -64.83 14.81 21.83
N THR C 110 -64.18 16.00 21.71
CA THR C 110 -64.54 17.23 22.44
C THR C 110 -64.22 18.46 21.58
N LEU C 111 -65.27 19.25 21.32
CA LEU C 111 -65.28 20.37 20.36
C LEU C 111 -65.74 21.64 21.05
N TYR C 112 -64.99 22.73 20.82
CA TYR C 112 -64.95 23.89 21.70
C TYR C 112 -65.42 25.20 21.06
N ASP C 113 -64.76 25.70 20.07
CA ASP C 113 -65.06 27.01 19.54
C ASP C 113 -66.01 26.92 18.35
N ASP C 114 -67.24 27.44 18.55
CA ASP C 114 -68.27 27.50 17.51
C ASP C 114 -68.56 26.11 16.98
N VAL C 115 -69.40 25.37 17.69
CA VAL C 115 -69.78 24.01 17.29
C VAL C 115 -71.02 24.08 16.41
N LEU C 116 -70.98 23.38 15.28
CA LEU C 116 -72.13 23.24 14.38
C LEU C 116 -72.41 21.76 14.17
N ALA C 117 -73.69 21.43 13.95
CA ALA C 117 -74.09 20.03 13.78
C ALA C 117 -75.30 19.97 12.86
N LYS C 118 -75.09 19.53 11.62
CA LYS C 118 -76.18 19.42 10.66
C LYS C 118 -76.63 17.97 10.52
N ASN C 119 -77.91 17.79 10.25
CA ASN C 119 -78.51 16.48 10.02
C ASN C 119 -78.85 16.37 8.54
N LEU C 120 -78.12 15.53 7.82
CA LEU C 120 -78.33 15.37 6.38
C LEU C 120 -79.65 14.63 6.03
N LEU C 121 -80.56 14.45 6.98
CA LEU C 121 -81.87 13.89 6.70
C LEU C 121 -82.84 15.04 6.46
N PRO C 122 -83.26 15.32 5.23
CA PRO C 122 -84.05 16.52 4.95
C PRO C 122 -85.54 16.38 5.21
N ASP C 123 -86.00 15.28 5.83
CA ASP C 123 -87.41 15.10 6.11
C ASP C 123 -87.71 14.78 7.57
N SER C 124 -86.71 14.70 8.44
CA SER C 124 -86.90 14.26 9.82
C SER C 124 -87.34 15.37 10.76
N GLY C 125 -87.40 16.62 10.28
CA GLY C 125 -87.81 17.74 11.10
C GLY C 125 -86.73 18.36 11.95
N PHE C 126 -85.61 17.67 12.18
CA PHE C 126 -84.45 18.21 12.88
C PHE C 126 -83.38 18.48 11.84
N ASP C 127 -82.94 19.74 11.74
CA ASP C 127 -82.00 20.14 10.71
C ASP C 127 -80.64 20.59 11.25
N THR C 128 -80.62 21.45 12.28
CA THR C 128 -79.40 22.11 12.70
C THR C 128 -79.34 22.20 14.21
N LEU C 129 -78.11 22.12 14.74
CA LEU C 129 -77.85 22.22 16.18
C LEU C 129 -76.55 22.98 16.38
N THR C 130 -76.54 23.93 17.32
CA THR C 130 -75.35 24.72 17.62
C THR C 130 -75.16 24.83 19.13
N THR C 131 -73.90 24.92 19.55
CA THR C 131 -73.56 25.01 20.97
C THR C 131 -72.09 25.45 21.09
N SER C 132 -71.66 25.66 22.33
CA SER C 132 -70.30 26.11 22.59
C SER C 132 -69.35 24.92 22.61
N GLU C 133 -69.55 24.05 23.59
CA GLU C 133 -68.71 22.88 23.80
C GLU C 133 -69.54 21.61 23.84
N MET C 134 -69.05 20.57 23.15
CA MET C 134 -69.76 19.29 23.12
C MET C 134 -68.77 18.12 23.04
N SER C 135 -69.06 17.08 23.84
CA SER C 135 -68.32 15.82 23.84
C SER C 135 -69.21 14.72 23.31
N ILE C 136 -68.65 13.85 22.47
CA ILE C 136 -69.39 12.71 21.92
C ILE C 136 -68.48 11.49 21.92
N GLN C 137 -69.07 10.33 22.20
CA GLN C 137 -68.36 9.04 22.15
C GLN C 137 -68.74 8.34 20.85
N LEU C 138 -67.86 8.44 19.86
CA LEU C 138 -68.17 7.97 18.51
C LEU C 138 -68.60 6.50 18.47
N LYS C 139 -68.03 5.67 19.35
CA LYS C 139 -68.48 4.29 19.45
C LYS C 139 -69.97 4.21 19.81
N SER C 140 -70.33 4.71 20.99
CA SER C 140 -71.74 4.67 21.40
C SER C 140 -72.57 5.76 20.75
N ARG C 141 -71.93 6.79 20.19
CA ARG C 141 -72.56 7.98 19.65
C ARG C 141 -73.27 8.83 20.70
N ASP C 142 -73.12 8.50 21.97
CA ASP C 142 -73.73 9.31 23.03
C ASP C 142 -72.99 10.62 23.16
N PHE C 143 -73.74 11.72 23.29
CA PHE C 143 -73.11 13.03 23.38
C PHE C 143 -73.59 13.77 24.63
N TRP C 144 -72.70 14.59 25.18
CA TRP C 144 -72.99 15.44 26.33
C TRP C 144 -72.69 16.88 25.95
N ALA C 145 -73.47 17.80 26.54
CA ALA C 145 -73.25 19.22 26.39
C ALA C 145 -73.76 19.91 27.65
N ASP C 146 -72.90 20.72 28.28
CA ASP C 146 -73.21 21.32 29.57
C ASP C 146 -73.38 22.84 29.51
N LYS C 147 -73.44 23.43 28.31
CA LYS C 147 -73.47 24.88 28.13
C LYS C 147 -74.62 25.26 27.21
N PRO C 148 -74.81 26.53 26.81
CA PRO C 148 -75.97 26.88 25.99
C PRO C 148 -76.14 26.01 24.75
N VAL C 149 -77.39 25.67 24.46
CA VAL C 149 -77.76 24.81 23.33
C VAL C 149 -78.88 25.49 22.56
N GLU C 150 -78.86 25.35 21.24
CA GLU C 150 -79.93 25.91 20.39
C GLU C 150 -80.29 24.90 19.32
N LEU C 151 -81.58 24.57 19.23
CA LEU C 151 -82.08 23.63 18.23
C LEU C 151 -82.94 24.36 17.22
N ARG C 152 -82.76 24.02 15.95
CA ARG C 152 -83.53 24.63 14.87
C ARG C 152 -84.15 23.50 14.06
N GLY C 153 -85.46 23.39 14.14
CA GLY C 153 -86.17 22.42 13.37
C GLY C 153 -86.71 23.13 12.14
N PRO C 154 -87.24 22.33 11.21
CA PRO C 154 -87.87 22.90 10.00
C PRO C 154 -89.08 23.80 10.25
N GLN C 155 -89.92 23.47 11.23
CA GLN C 155 -90.98 24.38 11.66
C GLN C 155 -91.03 24.64 13.16
N PHE C 156 -89.98 24.32 13.87
CA PHE C 156 -89.99 24.53 15.30
C PHE C 156 -88.58 24.74 15.81
N GLU C 157 -88.34 25.87 16.46
CA GLU C 157 -87.04 26.23 17.02
C GLU C 157 -87.16 26.44 18.52
N THR C 158 -86.20 25.89 19.27
CA THR C 158 -86.17 25.98 20.73
C THR C 158 -84.77 26.37 21.21
N HIS C 159 -84.71 26.85 22.44
CA HIS C 159 -83.47 27.35 23.02
C HIS C 159 -83.39 26.94 24.48
N GLY C 160 -82.40 26.13 24.83
CA GLY C 160 -82.20 25.66 26.20
C GLY C 160 -80.75 25.39 26.53
N GLN C 161 -80.48 24.58 27.54
CA GLN C 161 -79.11 24.30 27.94
C GLN C 161 -79.01 22.92 28.58
N ALA C 162 -77.76 22.43 28.68
CA ALA C 162 -77.41 21.22 29.44
C ALA C 162 -77.99 19.95 28.81
N MET C 163 -77.72 19.76 27.53
CA MET C 163 -78.28 18.65 26.76
C MET C 163 -77.45 17.38 26.91
N LYS C 164 -78.11 16.24 26.70
CA LYS C 164 -77.45 14.94 26.74
C LYS C 164 -78.22 13.97 25.86
N GLY C 165 -77.68 13.61 24.69
CA GLY C 165 -78.28 12.58 23.87
C GLY C 165 -77.32 11.67 23.11
N ASN C 166 -77.81 10.95 22.12
CA ASN C 166 -76.93 10.20 21.24
C ASN C 166 -77.47 10.23 19.82
N PHE C 167 -76.56 10.28 18.88
CA PHE C 167 -76.98 10.18 17.51
C PHE C 167 -77.27 8.74 17.10
N ALA C 168 -77.07 7.75 17.99
CA ALA C 168 -77.41 6.37 17.65
C ALA C 168 -78.86 6.30 17.16
N ASP C 169 -79.78 6.70 18.04
CA ASP C 169 -81.23 6.49 17.85
C ASP C 169 -81.97 7.83 17.75
N HIS C 170 -81.23 8.92 17.56
CA HIS C 170 -81.73 10.28 17.84
C HIS C 170 -82.35 10.39 19.21
N SER C 171 -81.79 9.72 20.21
CA SER C 171 -82.32 10.01 21.55
C SER C 171 -81.69 11.28 22.09
N ALA C 172 -82.50 12.30 22.33
CA ALA C 172 -82.14 13.60 22.92
C ALA C 172 -82.82 13.68 24.28
N GLU C 173 -82.18 14.37 25.22
CA GLU C 173 -82.65 14.45 26.59
C GLU C 173 -81.94 15.59 27.28
N LEU C 174 -82.70 16.40 27.98
CA LEU C 174 -82.16 17.58 28.64
C LEU C 174 -83.22 18.10 29.60
N TYR C 175 -82.85 19.13 30.36
CA TYR C 175 -83.78 19.81 31.24
C TYR C 175 -83.43 21.29 31.31
N MET D 1 30.16 24.49 9.94
CA MET D 1 30.95 23.46 9.28
C MET D 1 30.45 23.15 7.87
N ILE D 2 31.42 22.82 7.00
CA ILE D 2 31.14 22.57 5.59
C ILE D 2 30.13 21.46 5.44
N ILE D 3 30.43 20.28 6.00
CA ILE D 3 29.62 19.10 5.71
C ILE D 3 28.19 19.23 6.24
N VAL D 4 28.02 19.92 7.38
CA VAL D 4 26.68 20.11 7.95
C VAL D 4 25.77 20.81 6.94
N ARG D 5 26.23 21.96 6.42
CA ARG D 5 25.50 22.69 5.39
C ARG D 5 25.16 21.80 4.20
N TYR D 6 26.15 21.03 3.73
CA TYR D 6 25.94 20.06 2.65
C TYR D 6 24.72 19.18 2.90
N LEU D 7 24.70 18.47 4.03
CA LEU D 7 23.55 17.65 4.41
C LEU D 7 22.22 18.43 4.36
N ILE D 8 22.21 19.61 4.99
CA ILE D 8 21.02 20.46 4.99
C ILE D 8 20.57 20.75 3.56
N ARG D 9 21.52 21.18 2.71
CA ARG D 9 21.21 21.48 1.31
C ARG D 9 20.54 20.31 0.60
N GLU D 10 21.22 19.16 0.55
CA GLU D 10 20.63 17.94 -0.01
C GLU D 10 19.24 17.65 0.56
N THR D 11 19.15 17.60 1.91
CA THR D 11 17.89 17.23 2.58
C THR D 11 16.77 18.21 2.25
N ILE D 12 17.04 19.52 2.34
CA ILE D 12 15.97 20.49 2.14
C ILE D 12 15.42 20.44 0.73
N LYS D 13 16.29 20.12 -0.24
CA LYS D 13 15.87 19.89 -1.62
C LYS D 13 14.84 18.76 -1.70
N SER D 14 15.25 17.55 -1.28
CA SER D 14 14.34 16.41 -1.18
C SER D 14 13.08 16.75 -0.39
N GLN D 15 13.23 17.41 0.77
CA GLN D 15 12.08 17.77 1.61
C GLN D 15 11.03 18.59 0.84
N PHE D 16 11.44 19.69 0.23
CA PHE D 16 10.50 20.50 -0.58
C PHE D 16 9.83 19.65 -1.65
N ALA D 17 10.60 18.82 -2.35
CA ALA D 17 10.03 17.94 -3.37
C ALA D 17 8.90 17.10 -2.80
N ILE D 18 9.17 16.42 -1.68
CA ILE D 18 8.17 15.56 -1.04
C ILE D 18 6.95 16.38 -0.62
N PHE D 19 7.18 17.59 -0.09
CA PHE D 19 6.08 18.48 0.24
C PHE D 19 5.26 18.81 -0.99
N PHE D 20 5.91 19.17 -2.11
CA PHE D 20 5.20 19.48 -3.34
C PHE D 20 4.32 18.32 -3.78
N VAL D 21 4.69 17.08 -3.43
CA VAL D 21 3.83 15.94 -3.70
C VAL D 21 2.68 15.87 -2.70
N LEU D 22 3.00 15.84 -1.41
CA LEU D 22 1.98 15.68 -0.36
C LEU D 22 0.89 16.72 -0.47
N PHE D 23 1.26 18.01 -0.42
CA PHE D 23 0.29 19.09 -0.59
C PHE D 23 -0.61 18.87 -1.80
N LEU D 24 0.00 18.54 -2.93
CA LEU D 24 -0.74 18.28 -4.16
C LEU D 24 -1.78 17.19 -3.97
N VAL D 25 -1.39 16.07 -3.37
CA VAL D 25 -2.33 14.98 -3.11
C VAL D 25 -3.53 15.48 -2.33
N PHE D 26 -3.28 16.19 -1.22
CA PHE D 26 -4.39 16.73 -0.43
C PHE D 26 -5.16 17.79 -1.20
N LEU D 27 -4.46 18.66 -1.92
CA LEU D 27 -5.12 19.61 -2.81
C LEU D 27 -6.03 18.90 -3.80
N SER D 28 -5.69 17.65 -4.16
CA SER D 28 -6.62 16.82 -4.93
C SER D 28 -7.82 16.41 -4.09
N GLN D 29 -7.61 15.56 -3.08
CA GLN D 29 -8.72 14.91 -2.36
C GLN D 29 -9.67 15.93 -1.72
N LYS D 30 -9.12 16.95 -1.06
CA LYS D 30 -9.99 17.97 -0.46
C LYS D 30 -10.86 18.62 -1.52
N PHE D 31 -10.24 19.10 -2.61
CA PHE D 31 -10.98 19.72 -3.69
C PHE D 31 -11.99 18.78 -4.34
N ILE D 32 -11.83 17.47 -4.16
CA ILE D 32 -12.84 16.51 -4.64
C ILE D 32 -13.91 16.26 -3.58
N ARG D 33 -13.53 16.16 -2.30
CA ARG D 33 -14.53 16.03 -1.23
C ARG D 33 -15.39 17.28 -1.12
N VAL D 34 -14.87 18.44 -1.51
CA VAL D 34 -15.65 19.67 -1.46
C VAL D 34 -16.66 19.72 -2.60
N LEU D 35 -16.22 19.39 -3.82
CA LEU D 35 -17.12 19.44 -4.97
C LEU D 35 -18.25 18.42 -4.85
N ALA D 36 -18.00 17.30 -4.17
CA ALA D 36 -19.05 16.30 -3.99
C ALA D 36 -20.17 16.84 -3.10
N ASP D 37 -19.82 17.38 -1.93
CA ASP D 37 -20.81 17.94 -1.01
C ASP D 37 -21.41 19.24 -1.56
N MET D 47 -15.80 30.42 -4.12
CA MET D 47 -16.50 29.29 -3.51
C MET D 47 -15.55 28.14 -3.17
N ILE D 48 -15.49 27.12 -4.04
CA ILE D 48 -14.65 25.96 -3.78
C ILE D 48 -13.19 26.38 -3.67
N LEU D 49 -12.77 27.33 -4.50
CA LEU D 49 -11.38 27.78 -4.45
C LEU D 49 -11.07 28.42 -3.10
N SER D 50 -11.99 29.25 -2.60
CA SER D 50 -11.75 29.92 -1.33
C SER D 50 -11.75 28.93 -0.17
N ILE D 51 -12.67 27.97 -0.17
CA ILE D 51 -12.73 27.00 0.91
C ILE D 51 -11.50 26.10 0.90
N VAL D 52 -11.03 25.72 -0.28
CA VAL D 52 -9.81 24.92 -0.36
C VAL D 52 -8.62 25.75 0.12
N GLY D 53 -8.56 27.02 -0.28
CA GLY D 53 -7.48 27.88 0.18
C GLY D 53 -7.49 28.08 1.69
N LEU D 54 -8.68 28.05 2.30
CA LEU D 54 -8.77 28.14 3.75
C LEU D 54 -8.51 26.80 4.43
N ASN D 55 -8.65 25.68 3.71
CA ASN D 55 -8.33 24.37 4.25
C ASN D 55 -6.87 24.01 4.08
N MET D 56 -6.11 24.84 3.36
CA MET D 56 -4.66 24.62 3.23
C MET D 56 -3.92 24.55 4.56
N PRO D 57 -4.19 25.44 5.53
CA PRO D 57 -3.47 25.33 6.81
C PRO D 57 -3.63 23.98 7.51
N ALA D 58 -4.81 23.36 7.46
CA ALA D 58 -4.94 22.03 8.05
C ALA D 58 -4.03 21.04 7.35
N MET D 59 -4.00 21.07 6.01
CA MET D 59 -3.07 20.22 5.28
C MET D 59 -1.66 20.45 5.79
N GLY D 60 -1.28 21.72 5.97
CA GLY D 60 0.04 22.02 6.47
C GLY D 60 0.28 21.46 7.86
N LEU D 61 -0.71 21.62 8.76
CA LEU D 61 -0.58 21.10 10.11
C LEU D 61 -0.21 19.63 10.12
N LEU D 62 -0.89 18.84 9.28
CA LEU D 62 -0.69 17.40 9.27
C LEU D 62 0.54 16.99 8.47
N MET D 63 0.96 17.79 7.49
CA MET D 63 1.92 17.34 6.51
C MET D 63 3.34 17.81 6.76
N LEU D 64 3.54 18.98 7.35
CA LEU D 64 4.88 19.44 7.69
C LEU D 64 5.69 18.41 8.48
N PRO D 65 5.17 17.78 9.57
CA PRO D 65 5.96 16.73 10.24
C PRO D 65 6.38 15.63 9.29
N LEU D 66 5.41 15.02 8.61
CA LEU D 66 5.72 13.94 7.69
C LEU D 66 6.65 14.39 6.59
N SER D 67 6.52 15.64 6.16
CA SER D 67 7.36 16.18 5.10
C SER D 67 8.83 16.09 5.46
N LEU D 68 9.21 16.71 6.57
CA LEU D 68 10.59 16.66 7.05
C LEU D 68 11.01 15.24 7.43
N TYR D 69 10.11 14.49 8.06
CA TYR D 69 10.36 13.10 8.43
C TYR D 69 10.81 12.25 7.25
N ILE D 70 9.98 12.18 6.21
CA ILE D 70 10.33 11.38 5.04
C ILE D 70 11.50 12.00 4.31
N GLY D 71 11.58 13.34 4.31
CA GLY D 71 12.66 14.01 3.63
C GLY D 71 14.02 13.56 4.12
N ILE D 72 14.23 13.65 5.44
CA ILE D 72 15.52 13.28 5.97
C ILE D 72 15.71 11.77 5.90
N LEU D 73 14.63 11.01 5.99
CA LEU D 73 14.72 9.56 5.87
C LEU D 73 15.25 9.16 4.50
N LEU D 74 14.66 9.71 3.43
CA LEU D 74 15.07 9.38 2.08
C LEU D 74 16.45 9.95 1.76
N THR D 75 16.71 11.21 2.15
CA THR D 75 18.01 11.81 1.85
C THR D 75 19.12 11.00 2.50
N PHE D 76 19.03 10.76 3.82
CA PHE D 76 20.05 10.00 4.52
C PHE D 76 20.11 8.56 4.02
N GLY D 77 18.97 7.97 3.71
CA GLY D 77 18.97 6.69 3.02
C GLY D 77 19.81 6.72 1.75
N ARG D 78 19.65 7.75 0.93
CA ARG D 78 20.44 7.83 -0.29
C ARG D 78 21.92 7.92 0.03
N LEU D 79 22.29 8.79 0.96
CA LEU D 79 23.69 8.94 1.32
C LEU D 79 24.25 7.66 1.91
N TYR D 80 23.44 6.94 2.69
CA TYR D 80 23.88 5.64 3.17
C TYR D 80 24.03 4.65 2.03
N ALA D 81 23.14 4.72 1.03
CA ALA D 81 23.20 3.79 -0.11
C ALA D 81 24.46 4.01 -0.94
N GLU D 82 24.66 5.24 -1.42
CA GLU D 82 25.87 5.53 -2.18
C GLU D 82 27.08 5.73 -1.28
N SER D 83 26.95 5.33 -0.02
CA SER D 83 28.05 5.17 0.94
C SER D 83 28.72 6.48 1.35
N GLU D 84 28.12 7.64 1.09
CA GLU D 84 28.74 8.88 1.55
C GLU D 84 28.91 8.88 3.07
N ILE D 85 27.93 8.33 3.78
CA ILE D 85 27.97 8.30 5.24
C ILE D 85 29.04 7.32 5.72
N THR D 86 29.19 6.18 5.03
CA THR D 86 30.28 5.27 5.35
C THR D 86 31.64 5.93 5.22
N VAL D 87 31.86 6.70 4.14
CA VAL D 87 33.14 7.38 3.96
C VAL D 87 33.32 8.48 5.01
N MET D 88 32.23 9.15 5.39
CA MET D 88 32.32 10.14 6.44
C MET D 88 32.68 9.51 7.77
N ASN D 89 32.21 8.29 8.01
CA ASN D 89 32.62 7.58 9.22
C ASN D 89 34.10 7.19 9.15
N ALA D 90 34.53 6.68 7.99
CA ALA D 90 35.90 6.22 7.80
C ALA D 90 36.92 7.35 7.89
N THR D 91 36.47 8.61 7.82
CA THR D 91 37.39 9.73 7.96
C THR D 91 37.28 10.43 9.31
N GLY D 92 36.18 10.24 10.03
CA GLY D 92 36.05 10.81 11.35
C GLY D 92 34.85 11.71 11.53
N ILE D 93 33.82 11.51 10.72
CA ILE D 93 32.58 12.28 10.80
C ILE D 93 31.52 11.36 11.37
N GLY D 94 31.14 11.61 12.62
CA GLY D 94 30.24 10.73 13.36
C GLY D 94 28.82 11.23 13.37
N ASN D 95 28.02 10.64 14.29
CA ASN D 95 26.62 11.00 14.46
C ASN D 95 26.44 12.47 14.85
N LYS D 96 27.44 13.10 15.45
CA LYS D 96 27.29 14.49 15.91
C LYS D 96 26.86 15.40 14.77
N PHE D 97 27.49 15.26 13.59
CA PHE D 97 27.24 16.20 12.50
C PHE D 97 25.89 15.93 11.83
N LEU D 98 25.57 14.65 11.59
CA LEU D 98 24.24 14.32 11.10
C LEU D 98 23.17 14.90 12.03
N ILE D 99 23.33 14.69 13.34
CA ILE D 99 22.32 15.14 14.31
C ILE D 99 22.28 16.66 14.38
N ARG D 100 23.42 17.33 14.16
CA ARG D 100 23.41 18.78 14.19
C ARG D 100 22.67 19.35 12.99
N ALA D 101 22.95 18.82 11.80
CA ALA D 101 22.22 19.23 10.59
C ALA D 101 20.73 18.94 10.72
N ALA D 102 20.39 17.76 11.23
CA ALA D 102 18.97 17.40 11.41
C ALA D 102 18.28 18.33 12.40
N LEU D 103 18.95 18.67 13.50
CA LEU D 103 18.35 19.59 14.45
C LEU D 103 18.16 20.98 13.85
N TYR D 104 19.04 21.41 12.96
CA TYR D 104 18.85 22.73 12.34
C TYR D 104 17.65 22.72 11.40
N LEU D 105 17.53 21.68 10.58
CA LEU D 105 16.35 21.55 9.73
C LEU D 105 15.09 21.42 10.57
N ALA D 106 15.17 20.65 11.67
CA ALA D 106 14.01 20.51 12.55
C ALA D 106 13.59 21.86 13.13
N LEU D 107 14.56 22.67 13.56
CA LEU D 107 14.23 24.00 14.08
C LEU D 107 13.54 24.86 13.03
N ILE D 108 14.03 24.82 11.79
CA ILE D 108 13.41 25.59 10.72
C ILE D 108 11.96 25.17 10.52
N THR D 109 11.75 23.88 10.24
CA THR D 109 10.40 23.36 10.04
C THR D 109 9.53 23.51 11.27
N ALA D 110 10.11 23.49 12.47
CA ALA D 110 9.28 23.66 13.67
C ALA D 110 8.77 25.08 13.78
N SER D 111 9.58 26.06 13.40
CA SER D 111 9.14 27.44 13.40
C SER D 111 8.01 27.65 12.41
N VAL D 112 8.12 27.04 11.23
CA VAL D 112 7.04 27.11 10.24
C VAL D 112 5.78 26.46 10.78
N ALA D 113 5.91 25.25 11.34
CA ALA D 113 4.75 24.57 11.91
C ALA D 113 4.15 25.36 13.06
N ALA D 114 4.98 26.04 13.85
CA ALA D 114 4.45 26.85 14.95
C ALA D 114 3.57 27.98 14.44
N PHE D 115 4.03 28.69 13.40
CA PHE D 115 3.21 29.76 12.82
C PHE D 115 1.95 29.20 12.19
N ASN D 116 2.06 28.04 11.53
CA ASN D 116 0.91 27.43 10.90
C ASN D 116 -0.11 26.93 11.91
N ALA D 117 0.36 26.55 13.11
CA ALA D 117 -0.54 25.96 14.10
C ALA D 117 -1.14 26.99 15.05
N LEU D 118 -0.47 28.14 15.25
CA LEU D 118 -0.94 29.12 16.23
C LEU D 118 -1.66 30.30 15.61
N TRP D 119 -1.22 30.75 14.44
CA TRP D 119 -1.86 31.90 13.81
C TRP D 119 -2.60 31.54 12.52
N LEU D 120 -1.92 30.87 11.59
CA LEU D 120 -2.50 30.68 10.26
C LEU D 120 -3.72 29.77 10.31
N ALA D 121 -3.62 28.62 11.01
CA ALA D 121 -4.76 27.72 11.09
C ALA D 121 -5.92 28.34 11.87
N PRO D 122 -5.71 28.97 13.04
CA PRO D 122 -6.84 29.63 13.70
C PRO D 122 -7.43 30.78 12.90
N TRP D 123 -6.58 31.63 12.30
CA TRP D 123 -7.11 32.74 11.52
C TRP D 123 -7.83 32.23 10.27
N SER D 124 -7.32 31.18 9.64
CA SER D 124 -7.98 30.65 8.45
C SER D 124 -9.30 30.00 8.79
N GLN D 125 -9.34 29.22 9.88
CA GLN D 125 -10.60 28.61 10.30
C GLN D 125 -11.58 29.65 10.82
N ASP D 126 -11.05 30.75 11.37
CA ASP D 126 -11.90 31.87 11.78
C ASP D 126 -12.53 32.56 10.57
N LYS D 127 -11.73 32.81 9.53
CA LYS D 127 -12.29 33.38 8.31
C LYS D 127 -13.29 32.43 7.67
N GLU D 128 -12.96 31.13 7.63
CA GLU D 128 -13.92 30.15 7.14
C GLU D 128 -15.18 30.14 7.98
N ALA D 129 -15.06 30.37 9.29
CA ALA D 129 -16.23 30.41 10.15
C ALA D 129 -17.14 31.59 9.79
N HIS D 130 -16.56 32.78 9.59
CA HIS D 130 -17.35 33.92 9.14
C HIS D 130 -18.05 33.60 7.83
N LEU D 131 -17.29 33.10 6.84
CA LEU D 131 -17.87 32.82 5.52
C LEU D 131 -18.95 31.74 5.61
N MET D 132 -18.79 30.77 6.51
CA MET D 132 -19.81 29.74 6.66
C MET D 132 -21.06 30.29 7.35
N GLU D 133 -20.89 31.20 8.31
CA GLU D 133 -22.06 31.82 8.95
C GLU D 133 -22.90 32.58 7.93
N GLN D 134 -22.27 33.05 6.86
CA GLN D 134 -22.93 33.95 5.93
C GLN D 134 -23.65 33.19 4.81
N PHE D 135 -22.92 32.34 4.10
CA PHE D 135 -23.30 31.90 2.75
C PHE D 135 -24.28 30.73 2.73
N ALA D 136 -23.86 29.58 3.24
CA ALA D 136 -24.70 28.38 3.22
C ALA D 136 -24.09 27.28 4.06
N ASP D 142 -27.84 13.75 5.33
CA ASP D 142 -28.10 12.35 4.99
C ASP D 142 -28.39 11.52 6.24
N LEU D 143 -29.67 11.40 6.60
CA LEU D 143 -30.07 10.65 7.79
C LEU D 143 -30.54 9.23 7.47
N LEU D 144 -31.14 9.02 6.30
CA LEU D 144 -31.60 7.70 5.89
C LEU D 144 -31.23 7.48 4.44
N GLN D 145 -30.82 6.24 4.13
CA GLN D 145 -30.42 5.83 2.80
C GLN D 145 -31.59 5.19 2.06
N LYS D 146 -31.36 4.89 0.78
CA LYS D 146 -32.37 4.31 -0.10
C LYS D 146 -31.99 2.88 -0.48
N GLY D 147 -32.96 2.15 -1.04
CA GLY D 147 -32.72 0.84 -1.61
C GLY D 147 -33.05 -0.34 -0.71
N HIS D 148 -33.05 -0.16 0.60
CA HIS D 148 -33.30 -1.27 1.51
C HIS D 148 -34.03 -0.75 2.75
N PHE D 149 -34.44 -1.68 3.61
CA PHE D 149 -35.24 -1.35 4.78
C PHE D 149 -34.34 -0.74 5.85
N GLN D 150 -34.49 0.57 6.07
CA GLN D 150 -33.75 1.28 7.10
C GLN D 150 -34.52 1.25 8.43
N ARG D 151 -33.81 1.59 9.51
CA ARG D 151 -34.40 1.76 10.83
C ARG D 151 -33.99 3.12 11.39
N SER D 152 -34.93 3.79 12.03
CA SER D 152 -34.62 5.09 12.61
C SER D 152 -33.87 4.94 13.91
N PRO D 153 -33.15 6.00 14.34
CA PRO D 153 -32.50 5.95 15.67
C PRO D 153 -33.45 5.57 16.79
N ASP D 154 -34.74 5.82 16.63
CA ASP D 154 -35.71 5.32 17.59
C ASP D 154 -35.77 3.79 17.55
N GLY D 155 -35.66 3.21 16.35
CA GLY D 155 -35.79 1.78 16.19
C GLY D 155 -37.22 1.27 16.14
N SER D 156 -38.22 2.15 16.33
CA SER D 156 -39.62 1.75 16.34
C SER D 156 -40.27 1.84 14.96
N SER D 157 -39.62 2.46 13.98
CA SER D 157 -40.15 2.56 12.63
C SER D 157 -39.13 2.03 11.64
N VAL D 158 -39.62 1.34 10.61
CA VAL D 158 -38.80 0.84 9.51
C VAL D 158 -39.13 1.66 8.27
N VAL D 159 -38.14 2.36 7.73
CA VAL D 159 -38.34 3.25 6.59
C VAL D 159 -37.70 2.63 5.36
N PHE D 160 -38.38 2.76 4.23
CA PHE D 160 -37.88 2.22 2.96
C PHE D 160 -38.17 3.27 1.89
N ILE D 161 -37.11 3.86 1.35
CA ILE D 161 -37.21 4.90 0.33
C ILE D 161 -36.73 4.32 -1.00
N ASP D 162 -37.35 4.75 -2.09
CA ASP D 162 -36.97 4.29 -3.43
C ASP D 162 -35.82 5.12 -3.99
N ASN D 163 -36.03 6.41 -4.22
CA ASN D 163 -35.01 7.28 -4.80
C ASN D 163 -34.90 8.57 -3.97
N ILE D 164 -33.67 8.99 -3.75
CA ILE D 164 -33.36 10.28 -3.13
C ILE D 164 -32.45 11.00 -4.12
N GLU D 165 -33.04 11.76 -5.03
CA GLU D 165 -32.27 12.46 -6.08
C GLU D 165 -32.52 13.95 -5.89
N ASN D 166 -31.68 14.59 -5.07
CA ASN D 166 -31.84 16.01 -4.74
C ASN D 166 -33.24 16.28 -4.23
N ARG D 167 -33.77 15.32 -3.48
CA ARG D 167 -35.01 15.46 -2.72
C ARG D 167 -36.27 15.46 -3.60
N LYS D 168 -36.22 14.80 -4.76
CA LYS D 168 -37.25 14.95 -5.80
C LYS D 168 -38.34 13.88 -5.77
N LEU D 169 -38.01 12.60 -5.95
CA LEU D 169 -39.03 11.56 -6.19
C LEU D 169 -38.83 10.37 -5.26
N TYR D 170 -39.52 10.38 -4.13
CA TYR D 170 -39.15 9.53 -3.01
C TYR D 170 -39.81 8.16 -3.09
N ASN D 171 -41.14 8.13 -3.03
CA ASN D 171 -41.93 6.90 -2.95
C ASN D 171 -41.63 6.17 -1.63
N VAL D 172 -41.93 6.85 -0.53
CA VAL D 172 -41.57 6.38 0.81
C VAL D 172 -42.56 5.34 1.31
N PHE D 173 -42.04 4.39 2.10
CA PHE D 173 -42.83 3.39 2.81
C PHE D 173 -42.35 3.33 4.25
N VAL D 174 -43.25 3.58 5.20
CA VAL D 174 -42.91 3.57 6.61
C VAL D 174 -43.73 2.50 7.32
N ALA D 175 -43.05 1.61 8.04
CA ALA D 175 -43.69 0.50 8.74
C ALA D 175 -43.41 0.61 10.23
N GLN D 176 -44.45 0.48 11.04
CA GLN D 176 -44.32 0.52 12.50
C GLN D 176 -45.18 -0.60 13.06
N LEU D 177 -44.56 -1.73 13.35
CA LEU D 177 -45.27 -2.92 13.81
C LEU D 177 -45.35 -3.00 15.33
N ALA D 178 -44.80 -2.04 16.05
CA ALA D 178 -44.82 -2.04 17.49
C ALA D 178 -45.62 -0.85 18.02
N PRO D 179 -46.39 -1.04 19.08
CA PRO D 179 -47.06 0.12 19.69
C PRO D 179 -46.06 0.91 20.52
N ARG D 180 -46.07 2.22 20.32
CA ARG D 180 -45.48 3.13 21.30
C ARG D 180 -46.52 3.25 22.42
N ASP D 181 -46.32 4.23 23.31
CA ASP D 181 -47.07 4.29 24.57
C ASP D 181 -48.56 4.03 24.37
N SER D 182 -49.24 4.91 23.64
CA SER D 182 -50.68 4.78 23.45
C SER D 182 -51.07 4.83 21.98
N ILE D 183 -50.09 4.88 21.07
CA ILE D 183 -50.38 4.90 19.63
C ILE D 183 -50.33 3.47 19.09
N LEU D 184 -51.25 3.16 18.20
CA LEU D 184 -51.37 1.83 17.63
C LEU D 184 -50.40 1.64 16.48
N PRO D 185 -50.04 0.39 16.16
CA PRO D 185 -49.17 0.13 15.01
C PRO D 185 -49.79 0.68 13.72
N SER D 186 -48.93 1.00 12.77
CA SER D 186 -49.40 1.64 11.56
C SER D 186 -48.44 1.34 10.44
N VAL D 187 -48.91 1.58 9.21
CA VAL D 187 -48.11 1.48 7.99
C VAL D 187 -48.61 2.59 7.08
N MET D 188 -47.72 3.48 6.66
CA MET D 188 -48.08 4.58 5.78
C MET D 188 -47.19 4.58 4.55
N PHE D 189 -47.76 5.01 3.43
CA PHE D 189 -47.10 5.06 2.14
C PHE D 189 -47.44 6.36 1.44
N SER D 190 -46.41 7.09 1.01
CA SER D 190 -46.64 8.38 0.36
C SER D 190 -45.91 8.45 -0.97
N HIS D 191 -45.86 9.63 -1.58
CA HIS D 191 -45.16 9.80 -2.84
C HIS D 191 -43.81 10.47 -2.68
N SER D 192 -43.68 11.40 -1.73
CA SER D 192 -42.47 12.18 -1.50
C SER D 192 -42.44 12.66 -0.05
N GLY D 193 -41.24 12.70 0.53
CA GLY D 193 -41.08 13.11 1.92
C GLY D 193 -39.65 13.51 2.21
N ASP D 194 -39.50 14.53 3.05
CA ASP D 194 -38.20 15.07 3.44
C ASP D 194 -37.82 14.64 4.86
N VAL D 195 -36.54 14.83 5.17
CA VAL D 195 -35.97 14.53 6.49
C VAL D 195 -35.13 15.71 6.93
N LYS D 196 -35.22 16.06 8.21
CA LYS D 196 -34.49 17.21 8.73
C LYS D 196 -34.06 16.94 10.16
N GLU D 197 -33.07 17.70 10.62
CA GLU D 197 -32.64 17.65 12.01
C GLU D 197 -32.71 19.02 12.67
N ASP D 200 -32.77 22.55 17.52
CA ASP D 200 -33.35 21.36 16.91
C ASP D 200 -32.77 20.09 17.51
N GLY D 201 -33.15 19.82 18.76
CA GLY D 201 -32.67 18.65 19.50
C GLY D 201 -33.21 17.32 19.04
N ARG D 202 -33.95 17.25 17.93
CA ARG D 202 -34.59 16.01 17.48
C ARG D 202 -34.44 15.89 15.97
N GLN D 203 -34.78 14.71 15.45
CA GLN D 203 -34.73 14.41 14.02
C GLN D 203 -36.13 14.05 13.57
N ILE D 204 -36.62 14.73 12.53
CA ILE D 204 -38.00 14.55 12.08
C ILE D 204 -38.01 14.20 10.60
N ILE D 205 -39.16 13.68 10.16
CA ILE D 205 -39.40 13.33 8.76
C ILE D 205 -40.81 13.80 8.41
N THR D 206 -40.98 14.31 7.20
CA THR D 206 -42.29 14.71 6.72
C THR D 206 -42.64 13.88 5.48
N LEU D 207 -43.91 13.55 5.30
CA LEU D 207 -44.39 12.82 4.12
C LEU D 207 -45.41 13.64 3.35
N TYR D 208 -45.39 13.52 2.01
CA TYR D 208 -46.25 14.34 1.16
C TYR D 208 -47.10 13.47 0.24
N ASP D 209 -48.40 13.78 0.14
CA ASP D 209 -49.28 13.04 -0.77
C ASP D 209 -49.25 11.54 -0.53
N GLY D 210 -49.85 11.09 0.58
CA GLY D 210 -49.94 9.66 0.83
C GLY D 210 -51.15 9.30 1.67
N THR D 211 -51.16 8.06 2.14
CA THR D 211 -52.20 7.56 3.04
C THR D 211 -51.54 6.75 4.15
N ARG D 212 -52.03 6.90 5.37
CA ARG D 212 -51.54 6.14 6.52
C ARG D 212 -52.61 5.15 6.95
N TYR D 213 -52.19 3.92 7.27
CA TYR D 213 -53.11 2.84 7.64
C TYR D 213 -52.77 2.36 9.04
N GLU D 214 -53.61 2.70 10.02
CA GLU D 214 -53.40 2.32 11.42
C GLU D 214 -54.22 1.07 11.73
N GLY D 215 -53.54 -0.04 12.01
CA GLY D 215 -54.24 -1.27 12.30
C GLY D 215 -53.30 -2.45 12.34
N VAL D 216 -53.89 -3.64 12.35
CA VAL D 216 -53.17 -4.90 12.45
C VAL D 216 -53.65 -5.83 11.34
N PRO D 217 -52.76 -6.61 10.72
CA PRO D 217 -53.18 -7.50 9.62
C PRO D 217 -54.30 -8.47 9.99
N THR D 218 -54.39 -8.89 11.25
CA THR D 218 -55.41 -9.83 11.69
C THR D 218 -56.76 -9.16 11.98
N ARG D 219 -56.75 -7.97 12.58
CA ARG D 219 -57.99 -7.25 12.83
C ARG D 219 -58.41 -6.44 11.60
N VAL D 220 -59.61 -5.87 11.65
CA VAL D 220 -60.19 -5.16 10.52
C VAL D 220 -60.51 -3.69 10.81
N ASP D 221 -60.69 -3.29 12.06
CA ASP D 221 -60.92 -1.89 12.39
C ASP D 221 -59.66 -1.09 12.13
N TYR D 222 -59.60 -0.35 11.02
CA TYR D 222 -58.47 0.48 10.69
C TYR D 222 -58.80 1.95 10.93
N MET D 223 -57.78 2.80 10.79
CA MET D 223 -57.97 4.24 10.65
C MET D 223 -57.07 4.71 9.51
N ILE D 224 -57.69 5.24 8.47
CA ILE D 224 -56.99 5.66 7.27
C ILE D 224 -56.89 7.18 7.29
N THR D 225 -55.68 7.70 7.16
CA THR D 225 -55.45 9.13 7.13
C THR D 225 -54.89 9.48 5.75
N ASN D 226 -55.69 10.16 4.93
CA ASN D 226 -55.22 10.68 3.66
C ASN D 226 -54.65 12.07 3.92
N PHE D 227 -53.34 12.21 3.69
CA PHE D 227 -52.62 13.41 4.06
C PHE D 227 -51.96 14.03 2.83
N ASP D 228 -52.01 15.37 2.76
CA ASP D 228 -51.12 16.06 1.83
C ASP D 228 -49.76 16.28 2.48
N SER D 229 -49.73 16.52 3.78
CA SER D 229 -48.50 16.68 4.55
C SER D 229 -48.68 16.04 5.91
N TYR D 230 -47.67 15.27 6.34
CA TYR D 230 -47.71 14.58 7.62
C TYR D 230 -46.28 14.43 8.16
N ASP D 231 -46.09 14.76 9.42
CA ASP D 231 -44.79 14.72 10.08
C ASP D 231 -44.68 13.49 10.98
N GLY D 232 -43.44 13.16 11.33
CA GLY D 232 -43.16 12.04 12.21
C GLY D 232 -41.80 12.17 12.84
N LEU D 233 -41.64 11.57 14.01
CA LEU D 233 -40.39 11.66 14.76
C LEU D 233 -39.47 10.52 14.38
N ILE D 234 -38.19 10.83 14.17
CA ILE D 234 -37.19 9.84 13.82
C ILE D 234 -36.22 9.57 14.96
N GLY D 235 -35.74 10.62 15.62
CA GLY D 235 -34.79 10.43 16.70
C GLY D 235 -34.47 11.75 17.36
N GLN D 236 -33.63 11.66 18.38
CA GLN D 236 -33.19 12.83 19.14
C GLN D 236 -31.88 12.55 19.87
N GLU D 243 -20.07 21.20 22.86
CA GLU D 243 -20.09 22.42 23.66
C GLU D 243 -19.92 23.65 22.76
N ARG D 244 -18.71 23.82 22.23
CA ARG D 244 -18.39 24.94 21.38
C ARG D 244 -17.23 24.56 20.47
N ASP D 245 -17.06 25.33 19.39
CA ASP D 245 -15.97 25.08 18.44
C ASP D 245 -14.64 25.41 19.08
N TRP D 246 -13.72 24.43 19.10
CA TRP D 246 -12.40 24.62 19.68
C TRP D 246 -11.28 24.71 18.66
N GLU D 247 -11.49 24.26 17.42
CA GLU D 247 -10.41 24.28 16.44
C GLU D 247 -10.11 25.70 15.96
N ALA D 248 -11.08 26.60 16.00
CA ALA D 248 -10.92 27.98 15.55
C ALA D 248 -11.02 28.90 16.76
N LEU D 249 -9.90 29.52 17.15
CA LEU D 249 -9.90 30.40 18.30
C LEU D 249 -8.56 31.11 18.41
N PRO D 250 -8.52 32.30 18.99
CA PRO D 250 -7.21 32.94 19.28
C PRO D 250 -6.47 32.15 20.35
N THR D 251 -5.21 31.81 20.05
CA THR D 251 -4.45 30.95 20.94
C THR D 251 -4.18 31.63 22.29
N LEU D 252 -3.91 32.94 22.28
CA LEU D 252 -3.63 33.64 23.53
C LEU D 252 -4.84 33.61 24.46
N SER D 253 -6.04 33.83 23.92
CA SER D 253 -7.24 33.73 24.74
C SER D 253 -7.51 32.28 25.15
N LEU D 254 -7.11 31.31 24.32
CA LEU D 254 -7.27 29.92 24.69
C LEU D 254 -6.30 29.49 25.80
N LEU D 255 -5.15 30.17 25.95
CA LEU D 255 -4.17 29.70 26.93
C LEU D 255 -4.75 29.72 28.33
N ASN D 256 -5.61 30.69 28.64
CA ASN D 256 -6.18 30.82 29.97
C ASN D 256 -7.65 30.45 30.04
N ASN D 257 -8.23 29.99 28.94
CA ASN D 257 -9.62 29.55 28.92
C ASN D 257 -9.68 28.17 29.56
N ALA D 258 -10.14 28.12 30.80
CA ALA D 258 -10.18 26.88 31.57
C ALA D 258 -11.34 26.02 31.07
N ASP D 259 -11.03 24.93 30.36
CA ASP D 259 -12.02 23.96 29.92
C ASP D 259 -11.28 22.71 29.46
N ARG D 260 -11.95 21.56 29.64
CA ARG D 260 -11.32 20.28 29.30
C ARG D 260 -10.95 20.22 27.83
N ARG D 261 -11.94 20.36 26.95
CA ARG D 261 -11.66 20.23 25.52
C ARG D 261 -10.85 21.41 25.00
N ALA D 262 -11.01 22.59 25.59
CA ALA D 262 -10.18 23.73 25.20
C ALA D 262 -8.70 23.44 25.45
N GLN D 263 -8.36 23.03 26.67
CA GLN D 263 -6.98 22.67 26.96
C GLN D 263 -6.49 21.52 26.09
N ALA D 264 -7.40 20.60 25.73
CA ALA D 264 -7.01 19.52 24.82
C ALA D 264 -6.61 20.06 23.47
N GLU D 265 -7.36 21.04 22.96
CA GLU D 265 -7.01 21.64 21.68
C GLU D 265 -5.69 22.37 21.77
N LEU D 266 -5.49 23.13 22.85
CA LEU D 266 -4.22 23.85 23.03
C LEU D 266 -3.05 22.88 23.12
N GLN D 267 -3.24 21.77 23.83
CA GLN D 267 -2.18 20.77 23.94
C GLN D 267 -1.91 20.08 22.62
N TRP D 268 -2.93 19.89 21.78
CA TRP D 268 -2.67 19.33 20.46
C TRP D 268 -1.85 20.30 19.62
N ARG D 269 -2.23 21.58 19.64
CA ARG D 269 -1.49 22.58 18.89
C ARG D 269 -0.03 22.62 19.32
N ILE D 270 0.22 22.58 20.62
CA ILE D 270 1.59 22.61 21.10
C ILE D 270 2.28 21.28 20.85
N SER D 271 1.54 20.16 20.87
CA SER D 271 2.21 18.87 20.70
C SER D 271 2.70 18.68 19.26
N LEU D 272 2.05 19.33 18.30
CA LEU D 272 2.55 19.27 16.94
C LEU D 272 3.91 19.96 16.82
N VAL D 273 4.01 21.18 17.34
CA VAL D 273 5.26 21.92 17.27
C VAL D 273 6.35 21.23 18.07
N VAL D 274 6.00 20.58 19.18
CA VAL D 274 6.99 19.86 19.97
C VAL D 274 7.32 18.50 19.35
N CYS D 275 6.46 17.97 18.50
CA CYS D 275 6.71 16.64 17.97
C CYS D 275 7.68 16.66 16.81
N ILE D 276 7.83 17.81 16.15
CA ILE D 276 8.67 17.98 14.97
C ILE D 276 10.10 17.56 15.31
N PRO D 277 10.73 18.14 16.34
CA PRO D 277 12.10 17.71 16.66
C PRO D 277 12.17 16.30 17.23
N LEU D 278 11.16 15.84 17.98
CA LEU D 278 11.23 14.48 18.52
C LEU D 278 11.27 13.46 17.40
N LEU D 279 10.42 13.64 16.39
CA LEU D 279 10.40 12.72 15.25
C LEU D 279 11.71 12.76 14.49
N THR D 280 12.30 13.95 14.34
CA THR D 280 13.60 14.09 13.70
C THR D 280 14.66 13.26 14.40
N MET D 281 14.79 13.44 15.73
CA MET D 281 15.79 12.71 16.48
C MET D 281 15.53 11.21 16.45
N LEU D 282 14.27 10.80 16.34
CA LEU D 282 13.98 9.37 16.26
C LEU D 282 14.39 8.79 14.91
N VAL D 283 14.13 9.52 13.82
CA VAL D 283 14.33 8.96 12.48
C VAL D 283 15.78 9.05 12.01
N VAL D 284 16.60 9.92 12.60
CA VAL D 284 18.00 10.00 12.19
C VAL D 284 18.72 8.67 12.33
N PRO D 285 18.69 7.97 13.48
CA PRO D 285 19.32 6.64 13.53
C PRO D 285 18.59 5.59 12.71
N LEU D 286 17.30 5.80 12.40
CA LEU D 286 16.47 4.82 11.69
C LEU D 286 16.76 4.76 10.21
N SER D 287 17.36 5.81 9.66
CA SER D 287 17.62 5.88 8.24
C SER D 287 18.78 5.00 7.79
N ALA D 288 19.52 4.37 8.69
CA ALA D 288 20.71 3.64 8.28
C ALA D 288 20.29 2.37 7.53
N VAL D 289 20.80 2.22 6.31
CA VAL D 289 20.55 1.07 5.47
C VAL D 289 21.88 0.74 4.78
N ASN D 290 22.09 -0.56 4.48
CA ASN D 290 23.26 -0.99 3.72
C ASN D 290 22.97 -0.89 2.23
N PRO D 291 23.99 -0.92 1.37
CA PRO D 291 23.73 -0.75 -0.06
C PRO D 291 22.86 -1.85 -0.68
N ARG D 292 22.96 -3.09 -0.20
CA ARG D 292 22.06 -4.12 -0.70
C ARG D 292 20.60 -3.74 -0.44
N GLN D 293 20.30 -3.32 0.80
CA GLN D 293 18.99 -2.73 1.08
C GLN D 293 18.82 -1.45 0.27
N GLY D 294 17.60 -0.94 0.24
CA GLY D 294 17.30 0.23 -0.54
C GLY D 294 17.59 1.54 0.17
N ARG D 295 17.35 2.62 -0.57
CA ARG D 295 17.05 3.93 -0.02
C ARG D 295 15.64 3.97 0.57
N PHE D 296 14.83 2.95 0.33
CA PHE D 296 13.44 2.92 0.77
C PHE D 296 13.16 1.79 1.75
N ALA D 297 14.20 1.11 2.23
CA ALA D 297 14.02 -0.12 3.00
C ALA D 297 13.43 0.13 4.37
N LYS D 298 13.45 1.37 4.86
CA LYS D 298 12.87 1.68 6.15
C LYS D 298 11.52 2.39 6.03
N MET D 299 10.82 2.21 4.91
CA MET D 299 9.60 2.96 4.69
C MET D 299 8.47 2.41 5.55
N GLY D 300 8.33 1.08 5.61
CA GLY D 300 7.32 0.46 6.42
C GLY D 300 7.38 0.86 7.89
N PRO D 301 8.48 0.48 8.56
CA PRO D 301 8.65 0.85 9.97
C PRO D 301 8.49 2.33 10.24
N ALA D 302 9.00 3.21 9.36
CA ALA D 302 8.94 4.64 9.64
C ALA D 302 7.51 5.17 9.60
N ILE D 303 6.73 4.72 8.62
CA ILE D 303 5.35 5.16 8.50
C ILE D 303 4.52 4.55 9.61
N LEU D 304 4.81 3.30 9.99
CA LEU D 304 4.14 2.67 11.12
C LEU D 304 4.35 3.46 12.41
N ILE D 305 5.55 3.98 12.61
CA ILE D 305 5.87 4.75 13.81
C ILE D 305 5.11 6.06 13.82
N TYR D 306 5.06 6.73 12.66
CA TYR D 306 4.33 7.99 12.53
C TYR D 306 2.84 7.80 12.74
N LEU D 307 2.29 6.71 12.19
CA LEU D 307 0.87 6.47 12.37
C LEU D 307 0.55 6.22 13.84
N THR D 308 1.33 5.36 14.51
CA THR D 308 1.06 5.04 15.91
C THR D 308 1.11 6.30 16.77
N TYR D 309 2.09 7.15 16.52
CA TYR D 309 2.21 8.35 17.33
C TYR D 309 1.00 9.25 17.17
N PHE D 310 0.62 9.55 15.92
CA PHE D 310 -0.45 10.51 15.70
C PHE D 310 -1.80 9.93 16.09
N LEU D 311 -1.99 8.63 15.91
CA LEU D 311 -3.26 8.03 16.31
C LEU D 311 -3.42 8.02 17.82
N ALA D 312 -2.35 7.68 18.54
CA ALA D 312 -2.42 7.74 20.00
C ALA D 312 -2.57 9.17 20.49
N LEU D 313 -1.86 10.11 19.85
CA LEU D 313 -2.01 11.52 20.20
C LEU D 313 -3.45 11.98 20.02
N SER D 314 -4.04 11.66 18.87
CA SER D 314 -5.41 12.08 18.60
C SER D 314 -6.38 11.40 19.58
N ALA D 315 -6.12 10.14 19.91
CA ALA D 315 -7.02 9.40 20.79
C ALA D 315 -6.99 9.99 22.20
N THR D 316 -5.79 10.27 22.72
CA THR D 316 -5.71 10.94 24.02
C THR D 316 -6.32 12.33 23.97
N LYS D 317 -6.22 13.01 22.83
CA LYS D 317 -6.87 14.31 22.70
C LYS D 317 -8.37 14.18 22.88
N SER D 318 -8.97 13.21 22.19
CA SER D 318 -10.42 13.00 22.33
C SER D 318 -10.77 12.56 23.73
N ALA D 319 -9.87 11.83 24.39
CA ALA D 319 -10.13 11.39 25.76
C ALA D 319 -10.16 12.55 26.73
N ILE D 320 -9.25 13.52 26.56
CA ILE D 320 -9.35 14.76 27.33
C ILE D 320 -10.65 15.47 27.01
N GLU D 321 -11.00 15.55 25.73
CA GLU D 321 -12.22 16.25 25.33
C GLU D 321 -13.45 15.65 25.99
N ASP D 322 -13.45 14.34 26.18
CA ASP D 322 -14.56 13.68 26.87
C ASP D 322 -14.52 13.89 28.38
N GLY D 323 -13.50 14.55 28.90
CA GLY D 323 -13.25 14.52 30.34
C GLY D 323 -12.84 13.16 30.85
N SER D 324 -12.62 12.17 29.97
CA SER D 324 -12.30 10.82 30.40
C SER D 324 -11.01 10.79 31.22
N LEU D 325 -10.01 11.55 30.81
CA LEU D 325 -8.78 11.75 31.57
C LEU D 325 -8.52 13.24 31.74
N PRO D 326 -7.86 13.63 32.83
CA PRO D 326 -7.80 15.05 33.19
C PRO D 326 -7.02 15.88 32.18
N VAL D 327 -7.29 17.18 32.18
CA VAL D 327 -6.67 18.12 31.26
C VAL D 327 -5.35 18.61 31.83
N ILE D 328 -4.79 17.90 32.81
CA ILE D 328 -3.55 18.32 33.43
C ILE D 328 -2.38 17.43 33.03
N ILE D 329 -2.61 16.15 32.74
CA ILE D 329 -1.55 15.31 32.18
C ILE D 329 -1.59 15.33 30.65
N GLY D 330 -2.79 15.32 30.07
CA GLY D 330 -2.95 15.60 28.66
C GLY D 330 -2.13 14.72 27.75
N LEU D 331 -1.54 15.33 26.73
CA LEU D 331 -0.78 14.61 25.71
C LEU D 331 0.69 14.47 26.08
N TRP D 332 1.08 14.91 27.28
CA TRP D 332 2.46 14.76 27.72
C TRP D 332 2.98 13.33 27.66
N PRO D 333 2.27 12.31 28.15
CA PRO D 333 2.85 10.95 28.10
C PRO D 333 3.10 10.44 26.68
N ILE D 334 2.25 10.77 25.70
CA ILE D 334 2.52 10.33 24.34
C ILE D 334 3.82 10.93 23.82
N ASN D 335 3.99 12.24 24.00
CA ASN D 335 5.24 12.89 23.60
C ASN D 335 6.42 12.33 24.39
N ALA D 336 6.22 12.07 25.68
CA ALA D 336 7.30 11.49 26.47
C ALA D 336 7.74 10.14 25.91
N ALA D 337 6.77 9.29 25.53
CA ALA D 337 7.11 7.99 24.96
C ALA D 337 7.86 8.14 23.64
N LEU D 338 7.49 9.14 22.85
CA LEU D 338 8.25 9.41 21.64
C LEU D 338 9.69 9.82 21.98
N LEU D 339 9.84 10.73 22.94
CA LEU D 339 11.17 11.18 23.34
C LEU D 339 12.01 10.03 23.88
N LEU D 340 11.42 9.21 24.75
CA LEU D 340 12.19 8.09 25.29
C LEU D 340 12.61 7.15 24.17
N ALA D 341 11.73 6.93 23.19
CA ALA D 341 12.08 6.05 22.08
C ALA D 341 13.26 6.59 21.29
N ALA D 342 13.25 7.89 20.97
CA ALA D 342 14.35 8.51 20.24
C ALA D 342 15.67 8.39 20.99
N LEU D 343 15.65 8.56 22.32
CA LEU D 343 16.85 8.31 23.11
C LEU D 343 17.32 6.86 22.98
N MET D 344 16.39 5.90 23.11
CA MET D 344 16.74 4.49 22.97
C MET D 344 17.44 4.20 21.66
N VAL D 345 16.86 4.65 20.53
CA VAL D 345 17.44 4.34 19.24
C VAL D 345 18.73 5.11 19.01
N ASN D 346 18.91 6.24 19.69
CA ASN D 346 20.11 7.03 19.47
C ASN D 346 21.29 6.50 20.28
N THR D 347 21.03 5.86 21.42
CA THR D 347 22.10 5.21 22.16
C THR D 347 22.36 3.79 21.68
N LEU D 348 21.62 3.34 20.67
CA LEU D 348 21.75 1.99 20.13
C LEU D 348 23.03 1.78 19.33
N ASP D 349 23.87 2.79 19.17
CA ASP D 349 25.16 2.64 18.50
C ASP D 349 26.32 2.98 19.42
N SER D 350 26.07 3.22 20.69
CA SER D 350 27.15 3.57 21.59
C SER D 350 27.98 2.33 21.92
N ILE D 351 29.01 2.54 22.73
CA ILE D 351 29.94 1.48 23.09
C ILE D 351 29.28 0.51 24.08
N PRO D 352 28.49 0.98 25.06
CA PRO D 352 27.86 0.01 25.97
C PRO D 352 26.94 -0.99 25.29
N VAL D 353 26.02 -0.52 24.44
CA VAL D 353 25.10 -1.42 23.78
C VAL D 353 25.83 -2.36 22.82
N ARG D 354 26.96 -1.93 22.25
CA ARG D 354 27.72 -2.79 21.35
C ARG D 354 28.50 -3.84 22.12
N ARG D 355 28.97 -3.49 23.32
CA ARG D 355 29.60 -4.47 24.20
C ARG D 355 28.57 -5.47 24.73
N PHE D 356 27.34 -5.00 25.01
CA PHE D 356 26.26 -5.90 25.38
C PHE D 356 25.95 -6.89 24.26
N LYS D 357 25.70 -6.39 23.04
CA LYS D 357 25.40 -7.29 21.92
C LYS D 357 26.52 -8.27 21.70
N ASP D 358 27.78 -7.83 21.91
CA ASP D 358 28.91 -8.73 21.70
C ASP D 358 28.98 -9.79 22.78
N ARG D 359 28.61 -9.42 24.02
CA ARG D 359 28.51 -10.41 25.08
C ARG D 359 27.56 -11.53 24.68
N TRP D 360 26.41 -11.17 24.09
CA TRP D 360 25.46 -12.18 23.63
C TRP D 360 26.03 -13.00 22.48
N LYS D 361 26.76 -12.35 21.57
CA LYS D 361 27.33 -13.07 20.44
C LYS D 361 28.35 -14.11 20.88
N GLN D 362 29.25 -13.76 21.78
CA GLN D 362 30.30 -14.69 22.20
C GLN D 362 29.84 -15.70 23.23
N ARG D 363 28.87 -15.34 24.08
CA ARG D 363 28.34 -16.27 25.09
C ARG D 363 27.47 -17.33 24.44
N MET E 1 4.08 -26.57 -23.95
CA MET E 1 3.31 -25.83 -22.96
C MET E 1 4.02 -25.83 -21.61
N PHE E 2 4.68 -26.95 -21.32
CA PHE E 2 5.45 -27.13 -20.08
C PHE E 2 6.91 -26.85 -20.41
N LYS E 3 7.30 -25.58 -20.31
CA LYS E 3 8.67 -25.19 -20.59
C LYS E 3 9.36 -24.95 -19.26
N ILE E 4 10.58 -25.49 -19.14
CA ILE E 4 11.39 -25.27 -17.94
C ILE E 4 11.47 -23.79 -17.59
N LEU E 5 11.71 -22.92 -18.58
CA LEU E 5 11.81 -21.51 -18.22
C LEU E 5 10.47 -20.93 -17.84
N ASP E 6 9.38 -21.57 -18.29
CA ASP E 6 8.04 -21.13 -17.94
C ASP E 6 7.80 -21.40 -16.47
N TRP E 7 7.94 -22.67 -16.06
CA TRP E 7 7.66 -22.99 -14.67
C TRP E 7 8.74 -22.49 -13.74
N TYR E 8 9.93 -22.15 -14.25
CA TYR E 8 10.95 -21.56 -13.40
C TYR E 8 10.53 -20.17 -12.93
N ILE E 9 10.12 -19.31 -13.87
CA ILE E 9 9.59 -17.98 -13.54
C ILE E 9 8.32 -18.12 -12.72
N GLY E 10 7.48 -19.10 -13.06
CA GLY E 10 6.25 -19.31 -12.32
C GLY E 10 6.49 -19.63 -10.86
N ARG E 11 7.29 -20.67 -10.61
CA ARG E 11 7.65 -21.06 -9.26
C ARG E 11 8.24 -19.88 -8.47
N THR E 12 9.10 -19.06 -9.09
CA THR E 12 9.64 -17.92 -8.33
C THR E 12 8.55 -16.88 -8.05
N ILE E 13 7.64 -16.66 -9.01
CA ILE E 13 6.58 -15.67 -8.80
C ILE E 13 5.54 -16.15 -7.76
N VAL E 14 5.13 -17.43 -7.79
CA VAL E 14 4.13 -17.85 -6.78
C VAL E 14 4.77 -17.94 -5.40
N ALA E 15 6.03 -18.37 -5.33
CA ALA E 15 6.75 -18.35 -4.05
C ALA E 15 6.70 -16.95 -3.46
N THR E 16 7.01 -15.93 -4.27
CA THR E 16 7.06 -14.58 -3.76
C THR E 16 5.66 -14.06 -3.40
N THR E 17 4.66 -14.37 -4.22
CA THR E 17 3.31 -13.85 -3.93
C THR E 17 2.68 -14.59 -2.75
N ALA E 18 3.01 -15.86 -2.54
CA ALA E 18 2.61 -16.53 -1.30
C ALA E 18 3.18 -15.82 -0.07
N LEU E 19 4.49 -15.59 -0.02
CA LEU E 19 5.07 -14.82 1.08
C LEU E 19 4.34 -13.49 1.24
N VAL E 20 4.16 -12.76 0.14
CA VAL E 20 3.55 -11.44 0.23
C VAL E 20 2.16 -11.54 0.82
N LEU E 21 1.45 -12.62 0.46
CA LEU E 21 0.04 -12.75 0.83
C LEU E 21 -0.11 -13.19 2.27
N VAL E 22 0.75 -14.11 2.73
CA VAL E 22 0.83 -14.39 4.15
C VAL E 22 1.05 -13.10 4.94
N THR E 23 2.04 -12.28 4.52
CA THR E 23 2.34 -11.07 5.30
C THR E 23 1.13 -10.13 5.33
N PHE E 24 0.41 -10.01 4.22
CA PHE E 24 -0.74 -9.11 4.18
C PHE E 24 -1.86 -9.62 5.07
N VAL E 25 -2.16 -10.92 5.03
CA VAL E 25 -3.26 -11.40 5.85
C VAL E 25 -2.87 -11.39 7.33
N GLY E 26 -1.58 -11.56 7.64
CA GLY E 26 -1.15 -11.45 9.02
C GLY E 26 -1.40 -10.06 9.59
N LEU E 27 -1.03 -9.01 8.82
CA LEU E 27 -1.21 -7.64 9.28
C LEU E 27 -2.70 -7.26 9.36
N SER E 28 -3.50 -7.70 8.38
CA SER E 28 -4.91 -7.41 8.49
C SER E 28 -5.53 -8.21 9.61
N GLY E 29 -5.00 -9.41 9.86
CA GLY E 29 -5.53 -10.24 10.92
C GLY E 29 -5.35 -9.64 12.30
N ILE E 30 -4.16 -9.09 12.58
CA ILE E 30 -3.95 -8.54 13.91
C ILE E 30 -4.71 -7.23 14.08
N ILE E 31 -4.93 -6.49 13.00
CA ILE E 31 -5.79 -5.32 13.07
C ILE E 31 -7.24 -5.75 13.34
N LYS E 32 -7.72 -6.80 12.66
CA LYS E 32 -9.06 -7.31 12.94
C LYS E 32 -9.18 -7.76 14.40
N TYR E 33 -8.12 -8.38 14.95
CA TYR E 33 -8.18 -8.86 16.33
C TYR E 33 -8.33 -7.71 17.33
N VAL E 34 -7.68 -6.57 17.07
CA VAL E 34 -7.90 -5.43 17.95
C VAL E 34 -9.30 -4.87 17.76
N GLU E 35 -9.81 -4.90 16.52
CA GLU E 35 -11.21 -4.51 16.31
C GLU E 35 -12.15 -5.40 17.10
N GLN E 36 -11.88 -6.71 17.13
CA GLN E 36 -12.70 -7.61 17.94
C GLN E 36 -12.48 -7.39 19.42
N LEU E 37 -11.31 -6.89 19.83
CA LEU E 37 -11.09 -6.56 21.23
C LEU E 37 -11.97 -5.39 21.65
N ARG E 38 -12.36 -4.53 20.69
CA ARG E 38 -13.25 -3.41 20.97
C ARG E 38 -14.55 -3.84 21.65
N LYS E 39 -15.00 -5.10 21.38
CA LYS E 39 -16.29 -5.63 21.88
C LYS E 39 -16.15 -7.10 22.30
N VAL E 40 -15.16 -7.42 23.15
CA VAL E 40 -15.11 -8.78 23.69
C VAL E 40 -16.05 -8.86 24.88
N GLY E 41 -16.15 -10.06 25.46
CA GLY E 41 -16.95 -10.26 26.67
C GLY E 41 -18.40 -9.93 26.53
N GLU E 42 -18.95 -9.97 25.32
CA GLU E 42 -20.38 -9.80 25.10
C GLU E 42 -20.96 -11.19 24.93
N GLY E 43 -21.82 -11.59 25.86
CA GLY E 43 -22.28 -12.97 25.82
C GLY E 43 -21.10 -13.89 26.00
N SER E 44 -20.97 -14.88 25.12
CA SER E 44 -19.90 -15.87 25.23
C SER E 44 -18.73 -15.56 24.34
N TYR E 45 -18.48 -14.27 24.08
CA TYR E 45 -17.48 -13.85 23.10
C TYR E 45 -16.18 -13.54 23.82
N ASP E 46 -15.53 -14.60 24.30
CA ASP E 46 -14.22 -14.49 24.93
C ASP E 46 -13.17 -14.34 23.84
N LEU E 47 -11.89 -14.27 24.25
CA LEU E 47 -10.84 -14.04 23.26
C LEU E 47 -10.70 -15.20 22.29
N LEU E 48 -11.07 -16.42 22.70
CA LEU E 48 -10.99 -17.55 21.78
C LEU E 48 -11.98 -17.41 20.64
N GLN E 49 -13.20 -16.96 20.93
CA GLN E 49 -14.17 -16.77 19.86
C GLN E 49 -13.73 -15.64 18.93
N ALA E 50 -13.11 -14.58 19.47
CA ALA E 50 -12.63 -13.50 18.60
C ALA E 50 -11.51 -14.00 17.69
N LEU E 51 -10.57 -14.77 18.23
CA LEU E 51 -9.56 -15.39 17.38
C LEU E 51 -10.19 -16.30 16.35
N LEU E 52 -11.28 -16.98 16.73
CA LEU E 52 -11.99 -17.84 15.78
C LEU E 52 -12.60 -17.02 14.64
N PHE E 53 -13.16 -15.86 14.97
CA PHE E 53 -13.74 -15.00 13.95
C PHE E 53 -12.67 -14.51 12.98
N VAL E 54 -11.52 -14.09 13.51
CA VAL E 54 -10.45 -13.55 12.68
C VAL E 54 -9.86 -14.63 11.78
N VAL E 55 -9.75 -15.85 12.29
CA VAL E 55 -9.26 -16.94 11.46
C VAL E 55 -10.24 -17.25 10.34
N LEU E 56 -11.54 -17.29 10.66
CA LEU E 56 -12.55 -17.64 9.67
C LEU E 56 -12.61 -16.59 8.56
N SER E 57 -12.40 -15.32 8.89
CA SER E 57 -12.56 -14.31 7.89
C SER E 57 -11.35 -14.15 6.98
N ILE E 58 -10.40 -15.08 7.06
CA ILE E 58 -9.15 -15.02 6.30
C ILE E 58 -9.39 -15.19 4.80
N PRO E 59 -10.11 -16.21 4.32
CA PRO E 59 -10.28 -16.34 2.86
C PRO E 59 -10.89 -15.11 2.17
N ARG E 60 -11.81 -14.38 2.83
CA ARG E 60 -12.29 -13.12 2.27
C ARG E 60 -11.16 -12.09 2.19
N ASP E 61 -10.32 -11.99 3.22
CA ASP E 61 -9.13 -11.14 3.08
C ASP E 61 -8.25 -11.61 1.93
N VAL E 62 -8.13 -12.92 1.73
CA VAL E 62 -7.28 -13.40 0.63
C VAL E 62 -7.85 -12.96 -0.71
N GLU E 63 -9.15 -13.12 -0.92
CA GLU E 63 -9.79 -12.65 -2.14
C GLU E 63 -9.60 -11.15 -2.33
N MET E 64 -9.88 -10.35 -1.29
CA MET E 64 -9.67 -8.91 -1.37
C MET E 64 -8.24 -8.52 -1.69
N PHE E 65 -7.24 -9.31 -1.24
CA PHE E 65 -5.85 -8.89 -1.36
C PHE E 65 -5.10 -9.58 -2.49
N PHE E 66 -5.66 -10.63 -3.07
CA PHE E 66 -4.99 -11.34 -4.16
C PHE E 66 -4.51 -10.45 -5.29
N PRO E 67 -5.27 -9.41 -5.75
CA PRO E 67 -4.74 -8.58 -6.86
C PRO E 67 -3.42 -7.93 -6.55
N MET E 68 -3.41 -7.11 -5.48
CA MET E 68 -2.18 -6.44 -5.07
C MET E 68 -1.10 -7.41 -4.64
N ALA E 69 -1.47 -8.58 -4.11
CA ALA E 69 -0.42 -9.54 -3.77
C ALA E 69 0.30 -9.99 -5.02
N ALA E 70 -0.44 -10.20 -6.11
CA ALA E 70 0.16 -10.67 -7.36
C ALA E 70 0.98 -9.56 -8.03
N LEU E 71 0.53 -8.31 -7.90
CA LEU E 71 1.37 -7.17 -8.30
C LEU E 71 2.73 -7.25 -7.62
N LEU E 72 2.74 -7.22 -6.29
CA LEU E 72 4.00 -7.22 -5.55
C LEU E 72 4.78 -8.50 -5.78
N GLY E 73 4.09 -9.65 -5.81
CA GLY E 73 4.79 -10.91 -6.01
C GLY E 73 5.55 -10.93 -7.32
N ALA E 74 4.88 -10.56 -8.42
CA ALA E 74 5.53 -10.50 -9.72
C ALA E 74 6.71 -9.53 -9.70
N LEU E 75 6.49 -8.34 -9.14
CA LEU E 75 7.53 -7.31 -9.06
C LEU E 75 8.77 -7.79 -8.31
N ILE E 76 8.59 -8.48 -7.18
CA ILE E 76 9.73 -8.93 -6.40
C ILE E 76 10.41 -10.12 -7.07
N GLY E 77 9.62 -11.11 -7.47
CA GLY E 77 10.19 -12.27 -8.15
C GLY E 77 10.88 -11.93 -9.45
N LEU E 78 10.21 -11.19 -10.33
CA LEU E 78 10.88 -10.75 -11.56
C LEU E 78 12.05 -9.83 -11.26
N GLY E 79 11.94 -9.01 -10.20
CA GLY E 79 13.08 -8.20 -9.83
C GLY E 79 14.26 -9.03 -9.36
N ALA E 80 13.98 -10.11 -8.63
CA ALA E 80 15.02 -11.06 -8.24
C ALA E 80 15.72 -11.62 -9.46
N LEU E 81 14.99 -12.34 -10.33
CA LEU E 81 15.55 -12.80 -11.61
C LEU E 81 16.36 -11.71 -12.29
N ALA E 82 15.78 -10.53 -12.47
CA ALA E 82 16.48 -9.39 -13.07
C ALA E 82 17.81 -9.10 -12.40
N SER E 83 17.84 -9.04 -11.07
CA SER E 83 19.03 -8.56 -10.38
C SER E 83 20.11 -9.63 -10.28
N SER E 84 19.75 -10.91 -10.37
CA SER E 84 20.78 -11.93 -10.47
C SER E 84 21.22 -12.18 -11.92
N SER E 85 20.80 -11.31 -12.86
CA SER E 85 21.17 -11.34 -14.28
C SER E 85 20.59 -12.55 -15.02
N GLU E 86 19.52 -13.13 -14.49
CA GLU E 86 18.90 -14.29 -15.13
C GLU E 86 18.01 -13.92 -16.32
N LEU E 87 17.23 -12.84 -16.22
CA LEU E 87 16.45 -12.38 -17.36
C LEU E 87 17.35 -11.95 -18.51
N VAL E 88 18.49 -11.32 -18.19
CA VAL E 88 19.35 -10.81 -19.26
C VAL E 88 19.94 -11.96 -20.04
N VAL E 89 20.40 -12.99 -19.34
CA VAL E 89 20.97 -14.14 -20.03
C VAL E 89 19.88 -15.00 -20.67
N MET E 90 18.64 -14.94 -20.15
CA MET E 90 17.53 -15.61 -20.85
C MET E 90 17.32 -15.01 -22.23
N GLN E 91 17.37 -13.69 -22.32
CA GLN E 91 17.28 -13.00 -23.60
C GLN E 91 18.55 -13.24 -24.42
N ALA E 92 19.72 -13.26 -23.79
CA ALA E 92 20.95 -13.42 -24.57
C ALA E 92 21.10 -14.82 -25.16
N ALA E 93 20.16 -15.71 -24.84
CA ALA E 93 20.15 -17.09 -25.28
C ALA E 93 18.89 -17.45 -26.05
N GLY E 94 18.06 -16.47 -26.36
CA GLY E 94 16.96 -16.72 -27.26
C GLY E 94 15.61 -16.33 -26.74
N PHE E 95 15.32 -16.58 -25.45
CA PHE E 95 14.02 -16.31 -24.85
C PHE E 95 13.72 -14.81 -24.92
N SER E 96 12.70 -14.42 -25.66
CA SER E 96 12.43 -13.02 -25.89
C SER E 96 11.63 -12.42 -24.74
N LYS E 97 11.59 -11.09 -24.71
CA LYS E 97 10.66 -10.41 -23.80
C LYS E 97 9.22 -10.88 -24.00
N LEU E 98 8.81 -11.17 -25.25
CA LEU E 98 7.48 -11.73 -25.47
C LEU E 98 7.32 -13.06 -24.76
N ASP E 99 8.36 -13.88 -24.78
CA ASP E 99 8.29 -15.19 -24.13
C ASP E 99 8.22 -15.04 -22.61
N ILE E 100 9.00 -14.11 -22.05
CA ILE E 100 8.93 -13.78 -20.62
C ILE E 100 7.50 -13.39 -20.25
N GLY E 101 6.90 -12.50 -21.05
CA GLY E 101 5.54 -12.09 -20.80
C GLY E 101 4.56 -13.25 -20.86
N LEU E 102 4.78 -14.20 -21.77
CA LEU E 102 3.88 -15.35 -21.84
C LEU E 102 4.07 -16.27 -20.64
N SER E 103 5.30 -16.32 -20.10
CA SER E 103 5.54 -17.07 -18.87
C SER E 103 4.76 -16.47 -17.72
N VAL E 104 4.81 -15.15 -17.59
CA VAL E 104 4.04 -14.44 -16.57
C VAL E 104 2.54 -14.72 -16.72
N LEU E 105 2.04 -14.72 -17.96
CA LEU E 105 0.62 -14.97 -18.12
C LEU E 105 0.27 -16.42 -17.82
N LYS E 106 1.09 -17.38 -18.28
CA LYS E 106 0.81 -18.78 -17.98
C LYS E 106 0.72 -19.02 -16.47
N THR E 107 1.55 -18.35 -15.68
CA THR E 107 1.49 -18.53 -14.24
C THR E 107 0.52 -17.57 -13.56
N ALA E 108 -0.12 -16.68 -14.32
CA ALA E 108 -1.24 -15.89 -13.82
C ALA E 108 -2.53 -16.68 -13.86
N ILE E 109 -2.57 -17.69 -14.74
CA ILE E 109 -3.76 -18.50 -14.97
C ILE E 109 -4.15 -19.24 -13.69
N PRO E 110 -3.29 -20.04 -13.06
CA PRO E 110 -3.72 -20.70 -11.83
C PRO E 110 -4.14 -19.71 -10.76
N LEU E 111 -3.47 -18.57 -10.64
CA LEU E 111 -3.88 -17.58 -9.64
C LEU E 111 -5.29 -17.09 -9.91
N MET E 112 -5.68 -16.97 -11.18
CA MET E 112 -7.03 -16.54 -11.48
C MET E 112 -8.05 -17.61 -11.12
N ILE E 113 -7.70 -18.87 -11.36
CA ILE E 113 -8.60 -19.96 -10.98
C ILE E 113 -8.84 -19.95 -9.48
N ILE E 114 -7.76 -19.82 -8.70
CA ILE E 114 -7.88 -19.84 -7.24
C ILE E 114 -8.78 -18.70 -6.76
N VAL E 115 -8.60 -17.49 -7.31
CA VAL E 115 -9.37 -16.34 -6.84
C VAL E 115 -10.84 -16.44 -7.21
N THR E 116 -11.18 -17.12 -8.31
CA THR E 116 -12.61 -17.28 -8.60
C THR E 116 -13.20 -18.37 -7.73
N LEU E 117 -12.43 -19.44 -7.48
CA LEU E 117 -12.88 -20.48 -6.58
C LEU E 117 -13.07 -19.94 -5.17
N LEU E 118 -12.19 -19.05 -4.72
CA LEU E 118 -12.43 -18.39 -3.44
C LEU E 118 -13.71 -17.57 -3.49
N GLY E 119 -13.89 -16.80 -4.57
CA GLY E 119 -15.03 -15.91 -4.65
C GLY E 119 -16.34 -16.65 -4.70
N GLU E 120 -16.32 -17.89 -5.18
CA GLU E 120 -17.53 -18.70 -5.35
C GLU E 120 -17.88 -19.53 -4.12
N TRP E 121 -16.90 -20.29 -3.59
CA TRP E 121 -17.19 -21.25 -2.53
C TRP E 121 -16.53 -20.92 -1.20
N GLY E 122 -15.25 -20.62 -1.18
CA GLY E 122 -14.54 -20.45 0.08
C GLY E 122 -14.78 -19.19 0.88
N ALA E 123 -14.56 -18.02 0.28
CA ALA E 123 -14.70 -16.79 1.06
C ALA E 123 -16.14 -16.47 1.44
N PRO E 124 -17.16 -16.62 0.58
CA PRO E 124 -18.52 -16.32 1.03
C PRO E 124 -19.03 -17.23 2.14
N GLN E 125 -18.78 -18.53 2.03
CA GLN E 125 -19.26 -19.47 3.04
C GLN E 125 -18.54 -19.24 4.37
N ALA E 126 -17.24 -18.97 4.32
CA ALA E 126 -16.46 -18.69 5.51
C ALA E 126 -16.86 -17.37 6.14
N GLN E 127 -17.19 -16.36 5.31
CA GLN E 127 -17.58 -15.07 5.85
C GLN E 127 -18.94 -15.14 6.54
N LYS E 128 -19.89 -15.89 5.96
CA LYS E 128 -21.19 -15.99 6.61
C LYS E 128 -21.07 -16.79 7.90
N MET E 129 -20.12 -17.73 7.92
CA MET E 129 -19.92 -18.54 9.11
C MET E 129 -19.30 -17.72 10.24
N ALA E 130 -18.35 -16.85 9.91
CA ALA E 130 -17.76 -15.98 10.92
C ALA E 130 -18.80 -15.02 11.49
N ARG E 131 -19.64 -14.44 10.62
CA ARG E 131 -20.63 -13.47 11.08
C ARG E 131 -21.65 -14.12 11.98
N ASP E 132 -22.12 -15.31 11.60
CA ASP E 132 -23.13 -16.02 12.38
C ASP E 132 -22.56 -16.47 13.72
N MET E 133 -21.37 -17.08 13.70
CA MET E 133 -20.73 -17.48 14.96
C MET E 133 -20.55 -16.29 15.89
N ARG E 134 -20.07 -15.16 15.37
CA ARG E 134 -19.88 -13.98 16.20
C ARG E 134 -21.19 -13.52 16.82
N ALA E 135 -22.26 -13.51 16.03
CA ALA E 135 -23.54 -13.04 16.54
C ALA E 135 -24.10 -13.99 17.60
N PHE E 136 -24.04 -15.30 17.33
CA PHE E 136 -24.55 -16.25 18.32
C PHE E 136 -23.75 -16.18 19.61
N ALA E 137 -22.42 -16.17 19.49
CA ALA E 137 -21.57 -16.06 20.67
C ALA E 137 -21.75 -14.72 21.38
N THR E 138 -22.11 -13.66 20.66
CA THR E 138 -22.11 -12.31 21.22
C THR E 138 -23.42 -11.96 21.93
N SER E 139 -24.50 -12.70 21.66
CA SER E 139 -25.80 -12.46 22.28
C SER E 139 -26.33 -13.67 23.04
N GLY E 140 -25.52 -14.72 23.19
CA GLY E 140 -25.90 -15.89 23.94
C GLY E 140 -27.22 -16.48 23.51
N GLY E 141 -27.35 -16.79 22.22
CA GLY E 141 -28.56 -17.37 21.69
C GLY E 141 -29.55 -16.31 21.29
N ALA E 142 -29.08 -15.34 20.51
CA ALA E 142 -29.96 -14.31 19.93
C ALA E 142 -29.27 -13.74 18.70
N ILE E 143 -29.96 -13.77 17.56
CA ILE E 143 -29.39 -13.28 16.32
C ILE E 143 -30.50 -13.03 15.31
N VAL E 146 -30.65 -17.83 13.45
CA VAL E 146 -30.93 -17.84 12.02
C VAL E 146 -31.38 -16.45 11.56
N ARG E 147 -32.69 -16.28 11.39
CA ARG E 147 -33.26 -15.03 10.89
C ARG E 147 -34.51 -14.69 11.68
N THR E 148 -34.45 -13.58 12.42
CA THR E 148 -35.57 -13.10 13.24
C THR E 148 -35.84 -11.64 12.89
N GLY E 149 -36.93 -11.38 12.18
CA GLY E 149 -37.25 -10.02 11.76
C GLY E 149 -36.72 -9.73 10.37
N VAL E 150 -37.39 -10.28 9.36
CA VAL E 150 -36.96 -10.21 7.97
C VAL E 150 -37.97 -9.39 7.18
N TRP E 151 -37.49 -8.41 6.42
CA TRP E 151 -38.29 -7.63 5.50
C TRP E 151 -37.91 -7.94 4.05
N ALA E 152 -38.90 -7.86 3.16
CA ALA E 152 -38.59 -8.06 1.75
C ALA E 152 -39.62 -7.32 0.90
N ARG E 153 -39.28 -7.12 -0.37
CA ARG E 153 -40.17 -6.49 -1.33
C ARG E 153 -40.26 -7.34 -2.58
N ASP E 154 -41.46 -7.53 -3.10
CA ASP E 154 -41.66 -8.18 -4.40
C ASP E 154 -42.59 -7.31 -5.23
N ALA E 155 -42.03 -6.54 -6.17
CA ALA E 155 -42.77 -5.57 -6.98
C ALA E 155 -43.46 -4.61 -6.02
N ASN E 156 -44.78 -4.45 -6.07
CA ASN E 156 -45.49 -3.55 -5.19
C ASN E 156 -45.81 -4.17 -3.83
N ASP E 157 -45.35 -5.39 -3.56
CA ASP E 157 -45.64 -6.07 -2.31
C ASP E 157 -44.52 -5.89 -1.30
N PHE E 158 -44.90 -5.70 -0.04
CA PHE E 158 -43.95 -5.58 1.07
C PHE E 158 -44.25 -6.69 2.06
N ILE E 159 -43.24 -7.51 2.35
CA ILE E 159 -43.42 -8.70 3.17
C ILE E 159 -42.60 -8.54 4.43
N PHE E 160 -43.13 -9.04 5.54
CA PHE E 160 -42.40 -9.10 6.80
C PHE E 160 -42.60 -10.46 7.43
N ILE E 161 -41.51 -11.18 7.67
CA ILE E 161 -41.54 -12.51 8.26
C ILE E 161 -40.92 -12.43 9.66
N ALA E 162 -41.53 -13.13 10.62
CA ALA E 162 -41.02 -13.12 12.00
C ALA E 162 -39.96 -14.18 12.24
N LYS E 163 -40.19 -15.41 11.78
CA LYS E 163 -39.23 -16.50 11.95
C LYS E 163 -39.02 -17.16 10.59
N VAL E 164 -37.76 -17.41 10.24
CA VAL E 164 -37.39 -18.04 8.98
C VAL E 164 -36.59 -19.30 9.27
N GLU E 165 -37.02 -20.42 8.67
CA GLU E 165 -36.31 -21.68 8.76
C GLU E 165 -35.81 -22.09 7.38
N ASN E 166 -35.19 -23.28 7.32
CA ASN E 166 -34.57 -23.80 6.10
C ASN E 166 -35.44 -23.57 4.86
N GLU E 167 -36.74 -23.86 4.97
CA GLU E 167 -37.69 -23.63 3.89
C GLU E 167 -39.07 -23.26 4.42
N HIS E 168 -39.19 -22.84 5.67
CA HIS E 168 -40.49 -22.52 6.26
C HIS E 168 -40.43 -21.11 6.80
N LEU E 169 -41.53 -20.37 6.66
CA LEU E 169 -41.68 -19.07 7.25
C LEU E 169 -42.76 -19.12 8.33
N TYR E 170 -42.56 -18.37 9.42
CA TYR E 170 -43.50 -18.36 10.52
C TYR E 170 -43.93 -16.93 10.80
N GLY E 171 -45.25 -16.72 10.82
CA GLY E 171 -45.82 -15.39 11.02
C GLY E 171 -45.56 -14.42 9.89
N LEU E 172 -46.05 -14.75 8.70
CA LEU E 172 -45.89 -13.91 7.52
C LEU E 172 -46.91 -12.77 7.52
N ASN E 173 -46.45 -11.56 7.19
CA ASN E 173 -47.33 -10.44 6.91
C ASN E 173 -46.97 -9.88 5.53
N LEU E 174 -47.97 -9.44 4.78
CA LEU E 174 -47.75 -8.98 3.41
C LEU E 174 -48.71 -7.85 3.09
N TRP E 175 -48.20 -6.79 2.47
CA TRP E 175 -49.00 -5.64 2.08
C TRP E 175 -48.85 -5.41 0.58
N ARG E 176 -49.97 -5.31 -0.13
CA ARG E 176 -49.97 -5.02 -1.56
C ARG E 176 -50.42 -3.59 -1.83
N PHE E 177 -49.78 -2.94 -2.80
CA PHE E 177 -50.16 -1.60 -3.21
C PHE E 177 -50.44 -1.54 -4.71
N ASP E 178 -51.42 -0.74 -5.09
CA ASP E 178 -51.87 -0.64 -6.48
C ASP E 178 -51.06 0.42 -7.22
N GLU E 179 -51.45 0.67 -8.47
CA GLU E 179 -50.77 1.69 -9.27
C GLU E 179 -50.95 3.08 -8.68
N ASN E 180 -52.00 3.29 -7.89
CA ASN E 180 -52.24 4.56 -7.21
C ASN E 180 -51.49 4.68 -5.89
N LYS E 181 -50.58 3.74 -5.61
CA LYS E 181 -49.72 3.78 -4.42
C LYS E 181 -50.54 3.77 -3.12
N LYS E 182 -51.62 2.98 -3.11
CA LYS E 182 -52.48 2.79 -1.95
C LYS E 182 -52.70 1.32 -1.69
N LEU E 183 -53.02 0.99 -0.43
CA LEU E 183 -52.91 -0.37 0.04
C LEU E 183 -54.21 -1.10 -0.29
N SER E 184 -54.11 -2.18 -1.05
CA SER E 184 -55.29 -2.90 -1.51
C SER E 184 -55.56 -4.14 -0.68
N THR E 185 -54.57 -5.02 -0.53
CA THR E 185 -54.75 -6.26 0.21
C THR E 185 -53.65 -6.44 1.25
N VAL E 186 -53.96 -7.21 2.29
CA VAL E 186 -53.03 -7.54 3.36
C VAL E 186 -53.23 -9.01 3.72
N ILE E 187 -52.14 -9.76 3.79
CA ILE E 187 -52.19 -11.19 4.11
C ILE E 187 -51.38 -11.45 5.36
N PHE E 188 -51.87 -12.36 6.20
CA PHE E 188 -51.15 -12.85 7.37
C PHE E 188 -51.29 -14.36 7.45
N SER E 189 -50.24 -15.03 7.90
CA SER E 189 -50.28 -16.49 8.02
C SER E 189 -49.44 -16.95 9.19
N GLU E 190 -49.95 -17.96 9.93
CA GLU E 190 -49.19 -18.54 11.02
C GLU E 190 -47.93 -19.21 10.51
N GLN E 191 -48.03 -20.04 9.47
CA GLN E 191 -46.86 -20.73 8.93
C GLN E 191 -47.01 -20.90 7.44
N VAL E 192 -45.95 -20.62 6.71
CA VAL E 192 -45.91 -20.76 5.25
C VAL E 192 -44.80 -21.74 4.91
N ASP E 193 -45.07 -22.65 3.97
CA ASP E 193 -44.08 -23.61 3.54
C ASP E 193 -43.80 -23.43 2.05
N TYR E 194 -42.66 -23.97 1.62
CA TYR E 194 -42.21 -23.87 0.23
C TYR E 194 -42.51 -25.19 -0.48
N VAL E 195 -43.44 -25.15 -1.42
CA VAL E 195 -43.93 -26.34 -2.10
C VAL E 195 -43.06 -26.68 -3.31
N ALA E 196 -43.05 -25.79 -4.31
CA ALA E 196 -42.33 -26.05 -5.54
C ALA E 196 -41.67 -24.76 -5.99
N ASN E 197 -41.11 -24.77 -7.20
CA ASN E 197 -40.36 -23.63 -7.71
C ASN E 197 -41.25 -22.40 -7.83
N ASN E 198 -40.86 -21.33 -7.13
CA ASN E 198 -41.53 -20.03 -7.19
C ASN E 198 -42.99 -20.11 -6.74
N GLU E 199 -43.24 -20.85 -5.66
CA GLU E 199 -44.61 -21.02 -5.18
C GLU E 199 -44.59 -21.47 -3.72
N TRP E 200 -45.27 -20.71 -2.87
CA TRP E 200 -45.39 -21.01 -1.45
C TRP E 200 -46.84 -21.34 -1.10
N LEU E 201 -47.03 -21.95 0.07
CA LEU E 201 -48.35 -22.33 0.56
C LEU E 201 -48.48 -21.91 2.02
N MET E 202 -49.46 -21.06 2.31
CA MET E 202 -49.66 -20.53 3.65
C MET E 202 -50.80 -21.27 4.32
N LYS E 203 -50.60 -21.67 5.57
CA LYS E 203 -51.61 -22.43 6.30
C LYS E 203 -52.44 -21.48 7.15
N ASP E 204 -53.76 -21.64 7.08
CA ASP E 204 -54.69 -20.86 7.89
C ASP E 204 -54.38 -19.37 7.81
N ALA E 205 -54.44 -18.85 6.58
CA ALA E 205 -54.11 -17.48 6.27
C ALA E 205 -55.35 -16.61 6.26
N VAL E 206 -55.23 -15.41 6.81
CA VAL E 206 -56.31 -14.42 6.83
C VAL E 206 -55.96 -13.31 5.83
N LEU E 207 -56.87 -13.06 4.89
CA LEU E 207 -56.64 -12.14 3.78
C LEU E 207 -57.64 -11.01 3.86
N THR E 208 -57.14 -9.76 3.82
CA THR E 208 -57.97 -8.58 3.95
C THR E 208 -57.92 -7.78 2.66
N ARG E 209 -59.08 -7.46 2.10
CA ARG E 209 -59.11 -6.62 0.90
C ARG E 209 -59.90 -5.35 1.17
N LEU E 210 -59.50 -4.27 0.50
CA LEU E 210 -60.12 -2.96 0.68
C LEU E 210 -60.86 -2.55 -0.59
N VAL E 211 -62.10 -2.08 -0.45
CA VAL E 211 -62.90 -1.65 -1.60
C VAL E 211 -63.67 -0.39 -1.24
N ASN E 212 -63.55 0.64 -2.09
CA ASN E 212 -64.42 1.82 -2.07
C ASN E 212 -64.29 2.67 -0.83
N ASP E 213 -63.30 2.43 0.02
CA ASP E 213 -63.09 3.19 1.24
C ASP E 213 -64.29 3.12 2.18
N ILE E 214 -65.16 2.12 2.01
CA ILE E 214 -66.31 1.92 2.88
C ILE E 214 -66.48 0.45 3.22
N GLU E 215 -65.81 -0.43 2.46
CA GLU E 215 -65.88 -1.88 2.66
C GLU E 215 -64.47 -2.44 2.80
N ILE E 216 -64.29 -3.25 3.85
CA ILE E 216 -63.06 -4.00 4.10
C ILE E 216 -63.46 -5.40 4.52
N SER E 217 -63.07 -6.41 3.72
CA SER E 217 -63.53 -7.78 3.90
C SER E 217 -62.36 -8.71 4.13
N LYS E 218 -62.38 -9.44 5.23
CA LYS E 218 -61.33 -10.42 5.52
C LYS E 218 -61.89 -11.83 5.47
N GLU E 219 -61.06 -12.78 5.07
CA GLU E 219 -61.48 -14.15 4.88
C GLU E 219 -60.44 -15.06 5.49
N SER E 220 -60.88 -16.01 6.33
CA SER E 220 -59.95 -16.92 7.00
C SER E 220 -59.86 -18.18 6.16
N LEU E 221 -58.97 -18.13 5.15
CA LEU E 221 -58.75 -19.24 4.23
C LEU E 221 -57.94 -20.35 4.89
N PRO E 222 -58.31 -21.62 4.70
CA PRO E 222 -57.48 -22.71 5.24
C PRO E 222 -56.06 -22.70 4.68
N GLU E 223 -55.92 -22.50 3.37
CA GLU E 223 -54.62 -22.36 2.72
C GLU E 223 -54.70 -21.28 1.64
N TYR E 224 -53.53 -20.71 1.32
CA TYR E 224 -53.41 -19.72 0.27
C TYR E 224 -52.12 -19.96 -0.50
N ARG E 225 -52.21 -19.87 -1.82
CA ARG E 225 -51.06 -20.11 -2.70
C ARG E 225 -50.42 -18.77 -3.05
N TRP E 226 -49.10 -18.73 -2.99
CA TRP E 226 -48.34 -17.49 -3.18
C TRP E 226 -47.44 -17.67 -4.39
N ARG E 227 -47.71 -16.92 -5.46
CA ARG E 227 -46.94 -17.03 -6.70
C ARG E 227 -45.98 -15.84 -6.77
N THR E 228 -44.88 -15.96 -6.05
CA THR E 228 -43.85 -14.93 -6.04
C THR E 228 -42.55 -15.48 -6.59
N SER E 229 -41.74 -14.58 -7.16
CA SER E 229 -40.42 -14.94 -7.64
C SER E 229 -39.37 -14.88 -6.55
N LEU E 230 -39.81 -14.88 -5.29
CA LEU E 230 -38.93 -14.74 -4.13
C LEU E 230 -38.71 -16.13 -3.52
N ALA E 231 -37.63 -16.72 -3.84
CA ALA E 231 -37.22 -18.03 -3.34
C ALA E 231 -36.56 -17.90 -1.97
N PRO E 232 -36.54 -18.98 -1.18
CA PRO E 232 -35.95 -18.90 0.17
C PRO E 232 -34.46 -18.60 0.17
N ASP E 233 -33.72 -19.14 -0.81
CA ASP E 233 -32.33 -18.77 -1.00
C ASP E 233 -32.17 -17.26 -1.01
N LYS E 234 -32.94 -16.59 -1.89
CA LYS E 234 -32.89 -15.13 -2.01
C LYS E 234 -33.13 -14.44 -0.67
N LEU E 235 -34.13 -14.92 0.08
CA LEU E 235 -34.43 -14.36 1.40
C LEU E 235 -33.21 -14.40 2.32
N ALA E 236 -32.59 -15.58 2.46
CA ALA E 236 -31.47 -15.79 3.37
C ALA E 236 -30.23 -14.97 3.00
N VAL E 237 -30.26 -14.29 1.85
CA VAL E 237 -29.11 -13.53 1.37
C VAL E 237 -29.43 -12.05 1.18
N VAL E 238 -30.61 -11.60 1.63
CA VAL E 238 -30.98 -10.19 1.54
C VAL E 238 -30.30 -9.33 2.60
N THR E 239 -29.56 -9.96 3.53
CA THR E 239 -28.94 -9.25 4.62
C THR E 239 -27.41 -9.19 4.53
N VAL E 240 -26.79 -10.00 3.66
CA VAL E 240 -25.33 -10.02 3.56
C VAL E 240 -24.87 -8.93 2.60
N LYS E 241 -23.61 -8.54 2.71
CA LYS E 241 -23.08 -7.55 1.79
C LYS E 241 -22.89 -8.18 0.42
N PRO E 242 -23.20 -7.45 -0.66
CA PRO E 242 -23.12 -8.07 -1.99
C PRO E 242 -21.72 -8.59 -2.31
N GLU E 243 -20.68 -7.89 -1.87
CA GLU E 243 -19.32 -8.34 -2.17
C GLU E 243 -19.02 -9.67 -1.50
N GLU E 244 -19.69 -9.94 -0.37
CA GLU E 244 -19.52 -11.19 0.35
C GLU E 244 -20.33 -12.34 -0.24
N LEU E 245 -21.33 -12.05 -1.06
CA LEU E 245 -22.13 -13.09 -1.66
C LEU E 245 -21.36 -13.75 -2.80
N SER E 246 -21.58 -15.05 -2.99
CA SER E 246 -20.88 -15.80 -4.01
C SER E 246 -21.22 -15.27 -5.41
N LEU E 247 -20.53 -15.84 -6.41
CA LEU E 247 -20.79 -15.44 -7.79
C LEU E 247 -22.15 -15.92 -8.25
N THR E 248 -22.35 -17.25 -8.27
CA THR E 248 -23.63 -17.77 -8.72
C THR E 248 -24.77 -17.21 -7.88
N GLY E 249 -24.53 -16.94 -6.60
CA GLY E 249 -25.53 -16.25 -5.79
C GLY E 249 -25.83 -14.86 -6.32
N LEU E 250 -24.78 -14.11 -6.67
CA LEU E 250 -24.99 -12.78 -7.24
C LEU E 250 -25.79 -12.85 -8.54
N SER E 251 -25.50 -13.84 -9.38
CA SER E 251 -26.20 -13.97 -10.66
C SER E 251 -27.67 -14.29 -10.43
N ASP E 252 -27.96 -15.20 -9.52
CA ASP E 252 -29.35 -15.50 -9.18
C ASP E 252 -30.02 -14.27 -8.58
N TYR E 253 -29.28 -13.49 -7.79
CA TYR E 253 -29.89 -12.34 -7.12
C TYR E 253 -30.16 -11.20 -8.10
N VAL E 254 -29.27 -10.98 -9.07
CA VAL E 254 -29.58 -9.95 -10.06
C VAL E 254 -30.74 -10.39 -10.95
N HIS E 255 -30.88 -11.70 -11.19
CA HIS E 255 -32.02 -12.19 -11.94
C HIS E 255 -33.32 -11.95 -11.17
N TYR E 256 -33.31 -12.25 -9.87
CA TYR E 256 -34.47 -11.97 -9.04
C TYR E 256 -34.78 -10.48 -8.98
N LEU E 257 -33.75 -9.65 -8.83
CA LEU E 257 -33.99 -8.20 -8.77
C LEU E 257 -34.59 -7.69 -10.06
N LYS E 258 -34.03 -8.11 -11.21
CA LYS E 258 -34.59 -7.75 -12.50
C LYS E 258 -36.02 -8.27 -12.67
N ALA E 259 -36.33 -9.42 -12.07
CA ALA E 259 -37.66 -9.98 -12.21
C ALA E 259 -38.70 -9.20 -11.40
N SER E 260 -38.33 -8.79 -10.19
CA SER E 260 -39.26 -8.11 -9.28
C SER E 260 -39.34 -6.61 -9.54
N GLU E 261 -38.86 -6.13 -10.68
CA GLU E 261 -38.91 -4.72 -11.06
C GLU E 261 -38.22 -3.85 -10.01
N GLN E 262 -36.99 -4.22 -9.67
CA GLN E 262 -36.14 -3.51 -8.73
C GLN E 262 -34.82 -3.17 -9.40
N ASP E 263 -34.16 -2.13 -8.91
CA ASP E 263 -32.88 -1.71 -9.48
C ASP E 263 -31.80 -2.72 -9.11
N SER E 264 -31.32 -3.47 -10.10
CA SER E 264 -30.30 -4.48 -9.91
C SER E 264 -28.90 -3.99 -10.25
N SER E 265 -28.63 -2.70 -10.07
CA SER E 265 -27.34 -2.15 -10.49
C SER E 265 -26.21 -2.57 -9.55
N ARG E 266 -26.38 -2.28 -8.26
CA ARG E 266 -25.32 -2.57 -7.27
C ARG E 266 -24.94 -4.04 -7.28
N TYR E 267 -25.93 -4.92 -7.37
CA TYR E 267 -25.62 -6.34 -7.40
C TYR E 267 -25.00 -6.74 -8.74
N GLU E 268 -25.42 -6.12 -9.84
CA GLU E 268 -24.76 -6.35 -11.12
C GLU E 268 -23.31 -5.90 -11.07
N LEU E 269 -23.07 -4.74 -10.46
CA LEU E 269 -21.71 -4.22 -10.29
C LEU E 269 -20.87 -5.16 -9.43
N ALA E 270 -21.42 -5.63 -8.31
CA ALA E 270 -20.70 -6.63 -7.52
C ALA E 270 -20.48 -7.91 -8.32
N LEU E 271 -21.46 -8.30 -9.13
CA LEU E 271 -21.26 -9.51 -9.94
C LEU E 271 -20.08 -9.32 -10.89
N TRP E 272 -20.07 -8.19 -11.61
CA TRP E 272 -19.01 -7.96 -12.58
C TRP E 272 -17.68 -7.72 -11.89
N ARG E 273 -17.67 -7.14 -10.69
CA ARG E 273 -16.43 -7.02 -9.92
C ARG E 273 -15.89 -8.38 -9.51
N LYS E 274 -16.77 -9.33 -9.18
CA LYS E 274 -16.27 -10.67 -8.90
C LYS E 274 -15.76 -11.33 -10.15
N VAL E 275 -16.36 -11.00 -11.30
CA VAL E 275 -15.92 -11.54 -12.58
C VAL E 275 -14.58 -10.92 -12.99
N THR E 276 -14.39 -9.64 -12.70
CA THR E 276 -13.20 -8.95 -13.19
C THR E 276 -12.04 -9.00 -12.20
N GLN E 277 -12.22 -9.57 -11.01
CA GLN E 277 -11.07 -9.71 -10.10
C GLN E 277 -9.93 -10.50 -10.71
N PRO E 278 -10.14 -11.67 -11.32
CA PRO E 278 -9.02 -12.34 -12.00
C PRO E 278 -8.45 -11.53 -13.14
N ILE E 279 -9.28 -10.83 -13.91
CA ILE E 279 -8.72 -9.96 -14.93
C ILE E 279 -7.84 -8.90 -14.27
N SER E 280 -8.22 -8.44 -13.09
CA SER E 280 -7.41 -7.40 -12.47
C SER E 280 -6.05 -7.95 -12.05
N ILE E 281 -5.98 -9.22 -11.64
CA ILE E 281 -4.69 -9.74 -11.19
C ILE E 281 -3.74 -9.97 -12.37
N ALA E 282 -4.28 -10.37 -13.53
CA ALA E 282 -3.46 -10.48 -14.74
C ALA E 282 -2.92 -9.12 -15.17
N VAL E 283 -3.79 -8.11 -15.20
CA VAL E 283 -3.30 -6.75 -15.45
C VAL E 283 -2.22 -6.37 -14.45
N MET E 284 -2.39 -6.75 -13.19
CA MET E 284 -1.40 -6.37 -12.17
C MET E 284 -0.04 -7.02 -12.44
N MET E 285 -0.03 -8.27 -12.90
CA MET E 285 1.23 -8.95 -13.18
C MET E 285 1.92 -8.38 -14.42
N LEU E 286 1.16 -8.09 -15.50
CA LEU E 286 1.74 -7.43 -16.68
C LEU E 286 2.26 -6.04 -16.36
N MET E 287 1.56 -5.31 -15.50
CA MET E 287 2.11 -4.03 -15.08
C MET E 287 3.43 -4.24 -14.34
N ALA E 288 3.56 -5.32 -13.57
CA ALA E 288 4.83 -5.55 -12.91
C ALA E 288 5.94 -5.79 -13.92
N LEU E 289 5.70 -6.69 -14.89
CA LEU E 289 6.63 -6.93 -15.98
C LEU E 289 6.98 -5.65 -16.74
N SER E 290 6.00 -4.78 -16.96
CA SER E 290 6.31 -3.51 -17.60
C SER E 290 7.25 -2.67 -16.74
N PHE E 291 7.16 -2.79 -15.41
CA PHE E 291 8.06 -2.04 -14.55
C PHE E 291 9.46 -2.64 -14.58
N ILE E 292 9.55 -3.97 -14.44
CA ILE E 292 10.84 -4.65 -14.40
C ILE E 292 11.63 -4.41 -15.68
N PHE E 293 10.93 -4.33 -16.82
CA PHE E 293 11.57 -4.04 -18.08
C PHE E 293 11.77 -2.55 -18.27
N GLY E 294 10.95 -1.73 -17.62
CA GLY E 294 10.90 -0.31 -17.89
C GLY E 294 11.69 0.52 -16.90
N PRO E 295 10.96 1.26 -16.07
CA PRO E 295 11.65 2.15 -15.12
C PRO E 295 12.36 1.38 -14.00
N LEU E 296 11.78 0.32 -13.46
CA LEU E 296 12.41 -0.34 -12.33
C LEU E 296 13.32 -1.49 -12.75
N ARG E 297 14.11 -1.28 -13.79
CA ARG E 297 14.88 -2.39 -14.36
C ARG E 297 16.12 -2.67 -13.53
N SER E 298 16.88 -1.62 -13.17
CA SER E 298 18.08 -1.74 -12.36
C SER E 298 17.96 -0.94 -11.04
N VAL E 299 16.81 -1.03 -10.38
CA VAL E 299 16.58 -0.40 -9.09
C VAL E 299 16.48 -1.48 -8.01
N THR E 300 16.73 -1.10 -6.76
CA THR E 300 16.71 -2.00 -5.60
C THR E 300 15.29 -2.54 -5.32
N MET E 301 15.24 -3.70 -4.65
CA MET E 301 13.94 -4.35 -4.38
C MET E 301 13.03 -3.44 -3.57
N GLY E 302 13.61 -2.56 -2.76
CA GLY E 302 12.80 -1.67 -1.96
C GLY E 302 12.01 -0.70 -2.81
N ALA E 303 12.62 -0.20 -3.89
CA ALA E 303 11.92 0.76 -4.75
C ALA E 303 10.88 0.05 -5.59
N ARG E 304 11.14 -1.20 -5.97
CA ARG E 304 10.11 -1.99 -6.63
C ARG E 304 8.93 -2.24 -5.69
N ILE E 305 9.19 -2.53 -4.43
CA ILE E 305 8.09 -2.83 -3.51
C ILE E 305 7.32 -1.56 -3.18
N LEU E 306 8.02 -0.43 -3.06
CA LEU E 306 7.32 0.82 -2.79
C LEU E 306 6.53 1.29 -4.01
N SER E 307 7.06 1.11 -5.22
CA SER E 307 6.28 1.43 -6.41
C SER E 307 5.05 0.54 -6.53
N GLY E 308 5.21 -0.75 -6.20
CA GLY E 308 4.09 -1.64 -6.24
C GLY E 308 3.01 -1.27 -5.24
N VAL E 309 3.41 -0.86 -4.03
CA VAL E 309 2.44 -0.42 -3.04
C VAL E 309 1.71 0.83 -3.55
N ILE E 310 2.44 1.77 -4.13
CA ILE E 310 1.81 2.99 -4.65
C ILE E 310 0.84 2.63 -5.78
N ALA E 311 1.25 1.73 -6.67
CA ALA E 311 0.40 1.37 -7.81
C ALA E 311 -0.82 0.58 -7.34
N GLY E 312 -0.65 -0.32 -6.37
CA GLY E 312 -1.79 -1.05 -5.84
C GLY E 312 -2.77 -0.13 -5.14
N PHE E 313 -2.26 0.78 -4.32
CA PHE E 313 -3.12 1.76 -3.66
C PHE E 313 -3.88 2.61 -4.67
N SER E 314 -3.19 3.09 -5.72
CA SER E 314 -3.89 3.87 -6.73
C SER E 314 -4.95 3.04 -7.47
N PHE E 315 -4.67 1.74 -7.66
CA PHE E 315 -5.67 0.87 -8.29
C PHE E 315 -6.89 0.68 -7.42
N TYR E 316 -6.70 0.50 -6.12
CA TYR E 316 -7.83 0.37 -5.22
C TYR E 316 -8.67 1.64 -5.22
N ILE E 317 -8.03 2.80 -5.21
CA ILE E 317 -8.79 4.04 -5.22
C ILE E 317 -9.54 4.21 -6.53
N SER E 318 -8.91 3.84 -7.65
CA SER E 318 -9.58 3.97 -8.94
C SER E 318 -10.78 3.04 -9.02
N SER E 319 -10.66 1.85 -8.44
CA SER E 319 -11.80 0.94 -8.35
C SER E 319 -12.94 1.58 -7.55
N GLU E 320 -12.65 2.08 -6.35
CA GLU E 320 -13.68 2.69 -5.53
C GLU E 320 -14.23 3.97 -6.14
N PHE E 321 -13.57 4.52 -7.16
CA PHE E 321 -14.08 5.69 -7.87
C PHE E 321 -14.95 5.30 -9.07
N PHE E 322 -14.45 4.43 -9.94
CA PHE E 322 -15.18 4.03 -11.14
C PHE E 322 -16.46 3.27 -10.81
N GLY E 323 -16.55 2.72 -9.61
CA GLY E 323 -17.72 1.97 -9.22
C GLY E 323 -18.95 2.84 -9.25
N PRO E 324 -19.05 3.77 -8.30
CA PRO E 324 -20.28 4.59 -8.21
C PRO E 324 -20.50 5.46 -9.43
N LEU E 325 -19.43 6.03 -10.01
CA LEU E 325 -19.62 6.95 -11.12
C LEU E 325 -20.25 6.27 -12.33
N SER E 326 -19.99 4.97 -12.51
CA SER E 326 -20.59 4.26 -13.63
C SER E 326 -22.10 4.12 -13.47
N LEU E 327 -22.58 4.00 -12.24
CA LEU E 327 -24.01 3.83 -12.06
C LEU E 327 -24.76 5.15 -11.92
N VAL E 328 -24.13 6.18 -11.35
CA VAL E 328 -24.78 7.50 -11.26
C VAL E 328 -24.81 8.21 -12.60
N TYR E 329 -23.93 7.86 -13.53
CA TYR E 329 -23.95 8.45 -14.86
C TYR E 329 -24.65 7.55 -15.89
N GLY E 330 -25.23 6.43 -15.44
CA GLY E 330 -25.95 5.52 -16.33
C GLY E 330 -25.08 4.75 -17.29
N LEU E 331 -24.23 3.86 -16.77
CA LEU E 331 -23.36 3.01 -17.58
C LEU E 331 -23.46 1.57 -17.10
N PRO E 332 -23.29 0.60 -18.00
CA PRO E 332 -23.40 -0.81 -17.61
C PRO E 332 -22.47 -1.14 -16.48
N PRO E 333 -22.94 -1.84 -15.44
CA PRO E 333 -22.06 -2.23 -14.34
C PRO E 333 -20.86 -3.00 -14.80
N LEU E 334 -20.95 -3.67 -15.95
CA LEU E 334 -19.80 -4.40 -16.47
C LEU E 334 -18.64 -3.44 -16.71
N PHE E 335 -18.91 -2.29 -17.33
CA PHE E 335 -17.84 -1.31 -17.59
C PHE E 335 -17.35 -0.67 -16.30
N GLY E 336 -18.27 -0.31 -15.40
CA GLY E 336 -17.85 0.22 -14.11
C GLY E 336 -16.96 -0.73 -13.33
N ALA E 337 -17.09 -2.03 -13.58
CA ALA E 337 -16.30 -3.02 -12.88
C ALA E 337 -14.94 -3.24 -13.53
N LEU E 338 -14.86 -3.32 -14.86
CA LEU E 338 -13.58 -3.57 -15.51
C LEU E 338 -12.91 -2.31 -16.02
N ALA E 339 -13.37 -1.13 -15.61
CA ALA E 339 -12.70 0.09 -16.07
C ALA E 339 -11.31 0.25 -15.48
N PRO E 340 -11.07 0.00 -14.18
CA PRO E 340 -9.69 0.09 -13.68
C PRO E 340 -8.75 -0.92 -14.32
N SER E 341 -9.21 -2.16 -14.53
CA SER E 341 -8.37 -3.13 -15.22
C SER E 341 -7.92 -2.60 -16.57
N LEU E 342 -8.86 -2.05 -17.34
CA LEU E 342 -8.51 -1.48 -18.63
C LEU E 342 -7.45 -0.39 -18.49
N VAL E 343 -7.62 0.51 -17.52
CA VAL E 343 -6.73 1.66 -17.40
C VAL E 343 -5.31 1.22 -17.10
N PHE E 344 -5.16 0.30 -16.16
CA PHE E 344 -3.83 -0.21 -15.83
C PHE E 344 -3.28 -1.09 -16.94
N LEU E 345 -4.15 -1.79 -17.67
CA LEU E 345 -3.70 -2.50 -18.86
C LEU E 345 -3.13 -1.57 -19.90
N ALA E 346 -3.81 -0.43 -20.15
CA ALA E 346 -3.28 0.56 -21.08
C ALA E 346 -1.94 1.09 -20.61
N ILE E 347 -1.78 1.29 -19.29
CA ILE E 347 -0.51 1.78 -18.78
C ILE E 347 0.58 0.75 -19.02
N ALA E 348 0.29 -0.52 -18.73
CA ALA E 348 1.25 -1.59 -18.93
C ALA E 348 1.66 -1.71 -20.40
N LEU E 349 0.69 -1.68 -21.31
CA LEU E 349 1.01 -1.76 -22.73
C LEU E 349 1.81 -0.55 -23.18
N GLY E 350 1.48 0.63 -22.65
CA GLY E 350 2.26 1.82 -22.99
C GLY E 350 3.72 1.69 -22.56
N LEU E 351 3.95 1.15 -21.36
CA LEU E 351 5.32 1.00 -20.87
C LEU E 351 6.05 -0.13 -21.57
N LEU E 352 5.33 -1.08 -22.15
CA LEU E 352 5.93 -2.17 -22.91
C LEU E 352 5.97 -1.90 -24.40
N GLY E 353 5.45 -0.75 -24.85
CA GLY E 353 5.36 -0.49 -26.28
C GLY E 353 6.71 -0.33 -26.95
N ARG E 354 7.71 0.16 -26.21
CA ARG E 354 9.06 0.33 -26.72
C ARG E 354 9.98 -0.83 -26.37
N LYS E 355 9.66 -1.60 -25.32
CA LYS E 355 10.46 -2.76 -24.94
C LYS E 355 10.07 -4.02 -25.68
N LEU E 356 8.77 -4.29 -25.79
CA LEU E 356 8.28 -5.49 -26.46
C LEU E 356 8.18 -5.31 -27.98
CL CL F . 33.87 2.06 -22.51
CL CL G . 37.29 -28.42 -22.23
CA CA H . 19.33 -40.01 -29.01
CA CA I . 45.96 -8.20 -13.84
CL CL J . 47.60 -6.25 -17.50
C1 AE3 K . 35.37 -20.68 -41.01
C2 AE3 K . 35.93 -19.25 -41.17
O2 AE3 K . 34.98 -18.42 -41.83
C3 AE3 K . 35.49 -17.09 -41.98
C4 AE3 K . 34.95 -16.47 -43.30
O3 AE3 K . 33.56 -16.20 -43.21
C5 AE3 K . 32.88 -16.91 -44.26
C6 AE3 K . 31.41 -16.41 -44.32
O4 AE3 K . 30.53 -17.50 -44.23
C1 AE3 L . 31.18 -23.94 -37.56
C2 AE3 L . 30.55 -24.53 -36.28
O2 AE3 L . 29.52 -23.67 -35.77
C3 AE3 L . 28.26 -24.27 -36.00
C4 AE3 L . 27.17 -23.45 -35.28
O3 AE3 L . 26.58 -22.53 -36.19
C5 AE3 L . 25.71 -23.29 -37.02
C6 AE3 L . 24.51 -22.41 -37.40
O4 AE3 L . 23.53 -23.24 -37.96
O1 PG4 M . 22.32 -6.39 -13.42
C1 PG4 M . 21.11 -6.23 -14.04
C2 PG4 M . 21.25 -6.58 -15.51
O2 PG4 M . 21.02 -5.43 -16.28
C3 PG4 M . 22.15 -4.58 -16.22
C4 PG4 M . 23.38 -5.26 -16.77
O3 PG4 M . 24.48 -5.08 -15.90
C5 PG4 M . 25.40 -4.14 -16.42
C6 PG4 M . 26.08 -4.62 -17.68
O4 PG4 M . 25.47 -4.07 -18.85
C7 PG4 M . 25.51 -2.63 -18.82
C8 PG4 M . 24.56 -1.97 -19.87
O5 PG4 M . 23.22 -2.04 -19.48
CL CL N . 36.82 -13.37 1.00
O1 PG4 O . 35.95 -16.05 -8.63
C1 PG4 O . 35.87 -15.56 -9.92
C2 PG4 O . 34.96 -16.46 -10.76
O2 PG4 O . 35.71 -17.18 -11.72
C3 PG4 O . 36.76 -17.87 -11.08
C4 PG4 O . 37.14 -19.13 -11.81
O3 PG4 O . 37.12 -18.87 -13.18
C5 PG4 O . 37.40 -20.04 -13.87
C6 PG4 O . 36.41 -20.17 -14.99
O4 PG4 O . 36.77 -21.21 -15.87
C7 PG4 O . 35.89 -21.25 -16.98
C8 PG4 O . 35.79 -19.89 -17.70
O5 PG4 O . 35.05 -20.03 -18.86
C1 PEG P . 33.99 -2.99 -3.99
O1 PEG P . 33.06 -3.95 -4.26
C2 PEG P . 33.25 -1.83 -3.31
O2 PEG P . 34.19 -0.84 -3.00
C3 PEG P . 34.00 -0.25 -1.74
C4 PEG P . 32.90 0.83 -1.90
O4 PEG P . 32.85 1.56 -0.74
C1 GOL Q . 54.99 2.94 19.98
O1 GOL Q . 53.88 3.69 20.41
C2 GOL Q . 54.48 1.50 19.64
O2 GOL Q . 54.31 0.71 20.78
C3 GOL Q . 55.49 0.90 18.61
O3 GOL Q . 55.20 -0.48 18.48
C1 GOL R . 28.98 -1.50 8.76
O1 GOL R . 27.80 -0.76 8.73
C2 GOL R . 29.17 -2.08 10.21
O2 GOL R . 29.26 -1.09 11.21
C3 GOL R . 27.98 -3.06 10.42
O3 GOL R . 28.03 -3.45 11.75
C1B LMT S . 19.95 -1.61 15.20
C2B LMT S . 20.86 -0.62 14.43
C3B LMT S . 21.45 -1.29 13.16
C4B LMT S . 22.08 -2.66 13.50
C5B LMT S . 21.03 -3.48 14.26
C6B LMT S . 21.57 -4.88 14.57
O1B LMT S . 18.75 -1.79 14.50
O2B LMT S . 20.11 0.49 14.10
O3B LMT S . 22.32 -0.45 12.52
O4' LMT S . 22.46 -3.33 12.36
O5B LMT S . 20.59 -2.83 15.43
O6B LMT S . 20.96 -5.40 15.70
C1' LMT S . 14.70 -1.18 15.14
C2' LMT S . 15.55 0.10 14.99
C3' LMT S . 16.92 -0.24 14.37
C4' LMT S . 17.58 -1.37 15.17
C5' LMT S . 16.55 -2.53 15.14
C6' LMT S . 17.07 -3.85 15.63
O1' LMT S . 13.55 -0.92 15.82
O2' LMT S . 14.89 0.92 14.12
O3' LMT S . 17.71 0.88 14.36
O5' LMT S . 15.43 -2.15 15.88
O6' LMT S . 17.26 -3.70 16.97
C1 LMT S . 13.59 0.13 16.76
C2 LMT S . 12.37 0.96 16.49
C3 LMT S . 11.93 1.86 17.60
C4 LMT S . 10.47 2.16 17.43
C5 LMT S . 10.08 3.34 18.27
C6 LMT S . 8.60 3.55 18.27
C7 LMT S . 8.24 4.86 18.92
C8 LMT S . 6.75 4.99 19.00
C9 LMT S . 6.31 6.31 19.53
C10 LMT S . 4.83 6.26 19.79
C11 LMT S . 4.52 5.69 21.14
C12 LMT S . 3.08 5.91 21.54
C02 JU7 T . 19.91 14.14 -6.11
C03 JU7 T . 19.51 12.79 -6.80
C05 JU7 T . 17.33 11.78 -6.76
C06 JU7 T . 16.21 11.52 -5.74
C07 JU7 T . 14.82 11.39 -6.39
C08 JU7 T . 14.03 10.08 -6.05
C09 JU7 T . 12.48 10.30 -5.85
C10 JU7 T . 11.79 9.21 -4.97
C11 JU7 T . 10.32 9.49 -4.55
C12 JU7 T . 10.20 10.78 -3.74
C13 JU7 T . 8.80 11.01 -3.15
C14 JU7 T . 8.34 9.85 -2.27
C15 JU7 T . 8.42 8.57 -3.08
C16 JU7 T . 9.82 8.35 -3.65
C18 JU7 T . 21.67 12.40 -7.63
C19 JU7 T . 22.93 11.60 -7.30
C21 JU7 T . 22.11 13.90 -7.44
C23 JU7 T . 20.92 14.86 -7.05
O01 JU7 T . 18.77 14.94 -6.02
O04 JU7 T . 18.53 12.08 -6.05
O17 JU7 T . 20.67 12.00 -6.73
O20 JU7 T . 22.65 10.27 -7.55
O22 JU7 T . 22.60 14.34 -8.69
O24 JU7 T . 21.41 15.93 -6.30
C1B LMT U . 12.21 -4.09 3.31
C2B LMT U . 13.31 -4.36 2.27
C3B LMT U . 13.05 -5.73 1.60
C4B LMT U . 13.02 -6.81 2.72
C5B LMT U . 11.87 -6.40 3.66
C6B LMT U . 11.67 -7.43 4.75
O1B LMT U . 10.98 -3.87 2.68
O2B LMT U . 13.32 -3.34 1.34
O3B LMT U . 13.92 -5.98 0.57
O4' LMT U . 12.78 -8.06 2.23
O5B LMT U . 12.10 -5.13 4.23
O6B LMT U . 12.80 -7.50 5.52
C1' LMT U . 8.09 -0.95 2.30
C2' LMT U . 9.38 -0.62 1.56
C3' LMT U . 10.24 -1.92 1.44
C4' LMT U . 10.43 -2.57 2.83
C5' LMT U . 9.01 -2.69 3.47
C6' LMT U . 9.02 -3.33 4.83
O1' LMT U . 7.34 0.18 2.47
O2' LMT U . 9.05 -0.18 0.31
O3' LMT U . 11.45 -1.65 0.85
O5' LMT U . 8.42 -1.44 3.58
O6' LMT U . 9.85 -2.56 5.61
C1 LMT U . 5.95 -0.03 2.58
C2 LMT U . 5.35 1.34 2.60
C3 LMT U . 4.04 1.48 3.32
C4 LMT U . 3.54 2.89 3.08
C5 LMT U . 3.30 3.16 1.63
C6 LMT U . 3.18 4.62 1.34
C1 MA4 V . 23.88 6.23 -8.03
C2 MA4 V . 25.29 6.88 -8.23
C3 MA4 V . 26.31 5.97 -8.99
C4 MA4 V . 26.22 4.51 -8.48
C5 MA4 V . 24.77 4.06 -8.64
C6 MA4 V . 24.65 2.57 -8.13
O2 MA4 V . 25.12 8.07 -8.95
O3 MA4 V . 27.54 6.45 -8.64
O5 MA4 V . 23.98 4.85 -7.80
O6 MA4 V . 23.78 1.91 -9.03
O1 MA4 V . 22.98 6.42 -9.15
O4 MA4 V . 26.99 3.67 -9.32
C10 MA4 V . 18.75 6.34 -9.61
C20 MA4 V . 19.35 7.57 -8.84
C30 MA4 V . 20.86 7.73 -9.16
C40 MA4 V . 21.54 6.38 -8.84
C50 MA4 V . 20.79 5.25 -9.61
C60 MA4 V . 21.27 3.87 -9.10
O10 MA4 V . 17.50 5.98 -9.09
O20 MA4 V . 18.73 8.72 -9.32
O30 MA4 V . 21.34 8.69 -8.23
O50 MA4 V . 19.46 5.25 -9.19
O60 MA4 V . 20.56 2.90 -9.87
C11 MA4 V . 17.52 5.82 -7.67
C21 MA4 V . 16.26 5.04 -7.26
C31 MA4 V . 15.00 5.50 -8.00
C41 MA4 V . 14.39 6.82 -7.53
C51 MA4 V . 12.84 6.85 -7.59
C61 MA4 V . 12.26 5.47 -7.90
C12 MA4 V . 10.74 5.35 -7.67
C22 MA4 V . 10.35 3.88 -7.68
C32 MA4 V . 9.27 3.53 -6.66
C42 MA4 V . 8.22 4.62 -6.50
C52 MA4 V . 8.84 5.94 -6.05
C62 MA4 V . 10.35 5.95 -6.30
C1B LMT W . 15.34 -15.16 -5.28
C2B LMT W . 14.46 -16.17 -6.07
C3B LMT W . 15.32 -16.92 -7.10
C4B LMT W . 16.24 -15.92 -7.82
C5B LMT W . 17.20 -15.32 -6.78
C6B LMT W . 17.59 -13.90 -7.17
O1B LMT W . 15.00 -15.16 -3.93
O2B LMT W . 13.88 -17.02 -5.13
O3B LMT W . 14.59 -17.68 -7.98
O4' LMT W . 16.99 -16.57 -8.77
O5B LMT W . 16.71 -15.43 -5.45
O6B LMT W . 17.89 -13.14 -6.06
C1' LMT W . 13.06 -12.69 -1.20
C2' LMT W . 12.12 -13.55 -2.08
C3' LMT W . 12.88 -14.59 -2.97
C4' LMT W . 14.23 -14.06 -3.49
C5' LMT W . 14.92 -13.47 -2.25
C6' LMT W . 16.40 -13.18 -2.41
O1' LMT W . 12.42 -11.54 -0.89
O2' LMT W . 11.30 -14.24 -1.20
O3' LMT W . 12.12 -14.98 -4.05
O5' LMT W . 14.23 -12.31 -1.90
O6' LMT W . 16.50 -12.19 -3.36
C1 LMT W . 11.66 -11.58 0.28
C2 LMT W . 10.98 -10.26 0.33
C3 LMT W . 9.54 -10.28 -0.05
C4 LMT W . 8.76 -10.58 1.20
C5 LMT W . 7.63 -9.62 1.34
C6 LMT W . 8.11 -8.21 1.32
C7 LMT W . 7.23 -7.34 2.19
C8 LMT W . 5.86 -7.29 1.62
C9 LMT W . 5.53 -5.97 0.97
C10 LMT W . 4.61 -5.21 1.88
C11 LMT W . 5.34 -4.45 2.96
C12 LMT W . 4.40 -3.65 3.81
C1 GOL X . 6.85 -16.90 -29.30
O1 GOL X . 8.11 -17.41 -29.57
C2 GOL X . 5.85 -17.88 -29.94
O2 GOL X . 6.04 -19.17 -29.47
C3 GOL X . 4.45 -17.29 -29.61
O3 GOL X . 3.52 -17.90 -30.46
#